data_4P99
#
_entry.id   4P99
#
_cell.length_a   47.464
_cell.length_b   47.469
_cell.length_c   191.161
_cell.angle_alpha   90.04
_cell.angle_beta   90.01
_cell.angle_gamma   90.02
#
_symmetry.space_group_name_H-M   'P 1'
#
loop_
_entity.id
_entity.type
_entity.pdbx_description
1 polymer 'MpAFP_RII tetra-tandemer'
2 non-polymer 'CALCIUM ION'
3 non-polymer 1,2-ETHANEDIOL
4 non-polymer 'octyl beta-D-glucopyranoside'
5 non-polymer 2-AMINO-2-HYDROXYMETHYL-PROPANE-1,3-DIOL
6 water water
#
_entity_poly.entity_id   1
_entity_poly.type   'polypeptide(L)'
_entity_poly.pdbx_seq_one_letter_code
;MASSHHHHHHSSGLVPRGSHMTEATAGTVTVNAITSDDVINASEAAGTVAVSGTATGGDIAEGDTVTLEINGETYTTTVD
ANGEWSVDVAGSDLAADTAFDAVVTSSDAAGNTVDTTGSSTHTVDTEATAGTVTVNAITSDDVINASEAAGTVAVSGTAT
GGDIAEGDTVTLEINGETYTTTVDANGEWSVDVAGSDLAADTAFDAVVTSSDAAGNTVDTTGSSTHTVDTEATAGTVTVN
AITSDDVINASEAAGTVAVSGTATGGDIAEGDTVTLEINGETYTTTVDANGEWSVDVAGSDLAADTAFDAVVTSSDAAGN
TVDTTGSSTHTVDTEATAGTVTVNAITSDDVINASEAAGTVAVSGTATGGDIAEGDTVTLEINGETYTTTVDANGEWSVD
VAGSDLAADTAFDAVVTSSDAAGNTVDTTGSSTHTVD
;
_entity_poly.pdbx_strand_id   A,B,C,D
#
loop_
_chem_comp.id
_chem_comp.type
_chem_comp.name
_chem_comp.formula
BOG D-saccharide 'octyl beta-D-glucopyranoside' 'C14 H28 O6'
CA non-polymer 'CALCIUM ION' 'Ca 2'
EDO non-polymer 1,2-ETHANEDIOL 'C2 H6 O2'
TRS non-polymer 2-AMINO-2-HYDROXYMETHYL-PROPANE-1,3-DIOL 'C4 H12 N O3 1'
#
# COMPACT_ATOMS: atom_id res chain seq x y z
N GLU A 23 -65.58 8.25 -10.36
CA GLU A 23 -64.19 8.25 -10.04
C GLU A 23 -63.44 9.42 -10.63
N ALA A 24 -62.26 9.51 -10.00
CA ALA A 24 -61.33 10.58 -10.32
C ALA A 24 -60.36 10.01 -11.33
N THR A 25 -59.73 10.88 -12.10
CA THR A 25 -58.93 10.50 -13.22
C THR A 25 -57.42 10.79 -13.04
N ALA A 26 -56.58 9.78 -13.20
CA ALA A 26 -55.13 9.94 -13.06
C ALA A 26 -54.57 10.79 -14.19
N GLY A 27 -53.41 11.38 -13.93
CA GLY A 27 -52.66 12.15 -14.92
C GLY A 27 -51.36 11.50 -15.33
N THR A 28 -50.34 12.33 -15.52
CA THR A 28 -49.02 11.84 -15.93
C THR A 28 -48.02 12.48 -14.96
N VAL A 29 -47.22 11.67 -14.30
CA VAL A 29 -46.15 12.17 -13.42
C VAL A 29 -44.80 11.80 -14.01
N THR A 30 -43.87 12.75 -14.00
CA THR A 30 -42.49 12.45 -14.43
C THR A 30 -41.46 12.87 -13.39
N VAL A 31 -40.30 12.21 -13.40
CA VAL A 31 -39.20 12.60 -12.50
C VAL A 31 -37.98 12.92 -13.35
N ASN A 32 -37.43 14.11 -13.14
CA ASN A 32 -36.20 14.55 -13.80
C ASN A 32 -34.96 13.76 -13.36
N ALA A 33 -33.87 13.94 -14.10
CA ALA A 33 -32.62 13.28 -13.74
C ALA A 33 -32.33 13.52 -12.26
N ILE A 34 -31.78 12.52 -11.59
CA ILE A 34 -31.25 12.73 -10.24
C ILE A 34 -29.84 13.38 -10.28
N THR A 35 -29.78 14.69 -10.07
CA THR A 35 -28.65 15.59 -10.38
C THR A 35 -28.41 15.67 -11.88
N SER A 36 -27.59 16.61 -12.31
CA SER A 36 -27.38 16.83 -13.75
C SER A 36 -27.02 15.59 -14.61
N ASP A 37 -26.33 14.61 -14.07
CA ASP A 37 -25.97 13.44 -14.84
C ASP A 37 -26.72 12.17 -14.43
N ASP A 38 -27.73 12.31 -13.59
CA ASP A 38 -28.47 11.13 -13.13
C ASP A 38 -27.58 10.17 -12.35
N VAL A 39 -26.52 10.68 -11.73
CA VAL A 39 -25.63 9.84 -10.96
C VAL A 39 -25.34 10.58 -9.69
N ILE A 40 -25.43 9.86 -8.58
CA ILE A 40 -25.12 10.38 -7.28
C ILE A 40 -23.65 10.14 -6.96
N ASN A 41 -22.90 11.23 -6.82
CA ASN A 41 -21.49 11.10 -6.44
C ASN A 41 -21.30 11.30 -4.94
N ALA A 42 -20.03 11.27 -4.51
CA ALA A 42 -19.70 11.45 -3.12
C ALA A 42 -20.21 12.77 -2.57
N SER A 43 -19.90 13.85 -3.26
CA SER A 43 -20.25 15.18 -2.78
C SER A 43 -21.77 15.37 -2.73
N GLU A 44 -22.46 14.83 -3.71
CA GLU A 44 -23.91 14.93 -3.74
C GLU A 44 -24.51 14.10 -2.59
N ALA A 45 -24.10 12.84 -2.47
CA ALA A 45 -24.50 11.96 -1.39
C ALA A 45 -24.31 12.55 0.00
N ALA A 46 -23.35 13.47 0.14
CA ALA A 46 -23.07 14.08 1.43
C ALA A 46 -23.98 15.27 1.76
N GLY A 47 -24.62 15.85 0.75
CA GLY A 47 -25.52 16.98 0.93
C GLY A 47 -26.96 16.71 0.55
N THR A 48 -27.61 17.71 -0.02
CA THR A 48 -29.04 17.66 -0.35
C THR A 48 -29.22 17.77 -1.84
N VAL A 49 -30.20 17.05 -2.37
CA VAL A 49 -30.48 17.02 -3.80
C VAL A 49 -31.93 17.43 -4.05
N ALA A 50 -32.12 18.36 -4.97
CA ALA A 50 -33.46 18.67 -5.42
C ALA A 50 -33.87 17.56 -6.37
N VAL A 51 -34.89 16.80 -5.97
CA VAL A 51 -35.56 15.90 -6.89
C VAL A 51 -36.77 16.62 -7.43
N SER A 52 -36.87 16.74 -8.75
CA SER A 52 -37.97 17.48 -9.35
C SER A 52 -38.59 16.73 -10.52
N GLY A 53 -39.67 17.28 -11.04
CA GLY A 53 -40.42 16.64 -12.10
C GLY A 53 -41.70 17.38 -12.43
N THR A 54 -42.59 16.70 -13.13
CA THR A 54 -43.85 17.30 -13.54
C THR A 54 -45.05 16.45 -13.14
N ALA A 55 -46.22 17.07 -13.19
CA ALA A 55 -47.48 16.42 -12.81
C ALA A 55 -48.62 17.23 -13.45
N THR A 56 -49.31 16.61 -14.39
CA THR A 56 -50.39 17.26 -15.13
C THR A 56 -51.34 16.22 -15.69
N GLY A 57 -52.49 16.67 -16.17
CA GLY A 57 -53.45 15.77 -16.77
C GLY A 57 -54.40 15.23 -15.73
N GLY A 58 -55.50 14.64 -16.19
CA GLY A 58 -56.47 14.04 -15.31
C GLY A 58 -56.97 15.07 -14.33
N ASP A 59 -57.20 14.62 -13.09
CA ASP A 59 -57.62 15.50 -12.01
C ASP A 59 -56.46 16.15 -11.22
N ILE A 60 -55.22 16.02 -11.70
CA ILE A 60 -54.07 16.67 -11.04
C ILE A 60 -54.23 18.20 -11.06
N ALA A 61 -54.16 18.84 -9.91
CA ALA A 61 -54.32 20.30 -9.82
C ALA A 61 -53.23 20.90 -8.94
N GLU A 62 -52.94 22.20 -9.09
CA GLU A 62 -52.00 22.90 -8.22
C GLU A 62 -52.39 22.63 -6.77
N GLY A 63 -51.41 22.28 -5.95
CA GLY A 63 -51.63 22.08 -4.53
C GLY A 63 -51.78 20.62 -4.16
N ASP A 64 -51.88 19.75 -5.16
CA ASP A 64 -51.92 18.31 -4.92
C ASP A 64 -50.57 17.91 -4.31
N THR A 65 -50.62 17.10 -3.27
CA THR A 65 -49.40 16.68 -2.59
C THR A 65 -48.70 15.60 -3.40
N VAL A 66 -47.37 15.69 -3.45
CA VAL A 66 -46.52 14.73 -4.14
C VAL A 66 -45.79 13.97 -3.05
N THR A 67 -45.81 12.65 -3.11
CA THR A 67 -45.21 11.83 -2.06
C THR A 67 -44.13 10.97 -2.74
N LEU A 68 -42.94 10.92 -2.14
CA LEU A 68 -41.88 10.03 -2.59
C LEU A 68 -41.32 9.27 -1.37
N GLU A 69 -41.11 7.95 -1.50
CA GLU A 69 -40.45 7.16 -0.47
C GLU A 69 -39.12 6.68 -1.03
N ILE A 70 -38.05 7.01 -0.33
CA ILE A 70 -36.71 6.87 -0.84
C ILE A 70 -35.89 6.41 0.34
N ASN A 71 -35.40 5.16 0.26
CA ASN A 71 -34.69 4.51 1.37
C ASN A 71 -35.51 4.44 2.64
N GLY A 72 -36.84 4.41 2.52
CA GLY A 72 -37.72 4.33 3.68
C GLY A 72 -38.17 5.67 4.26
N GLU A 73 -37.61 6.76 3.74
CA GLU A 73 -37.99 8.10 4.17
C GLU A 73 -39.07 8.67 3.26
N THR A 74 -40.16 9.12 3.87
CA THR A 74 -41.21 9.78 3.13
C THR A 74 -40.93 11.29 2.98
N TYR A 75 -40.77 11.72 1.73
CA TYR A 75 -40.69 13.14 1.38
C TYR A 75 -42.00 13.63 0.76
N THR A 76 -42.33 14.89 1.00
CA THR A 76 -43.56 15.45 0.45
C THR A 76 -43.40 16.89 0.00
N THR A 77 -44.05 17.21 -1.11
CA THR A 77 -44.21 18.59 -1.54
C THR A 77 -45.54 18.66 -2.26
N THR A 78 -45.80 19.77 -2.93
CA THR A 78 -47.08 19.98 -3.56
C THR A 78 -46.78 20.44 -4.98
N VAL A 79 -47.67 20.10 -5.89
CA VAL A 79 -47.56 20.50 -7.29
C VAL A 79 -47.86 21.99 -7.40
N ASP A 80 -46.97 22.69 -8.10
CA ASP A 80 -47.11 24.11 -8.28
C ASP A 80 -48.07 24.39 -9.41
N ALA A 81 -48.14 25.66 -9.75
CA ALA A 81 -49.11 26.21 -10.66
C ALA A 81 -48.80 25.91 -12.14
N ASN A 82 -47.62 25.37 -12.42
CA ASN A 82 -47.18 25.17 -13.81
C ASN A 82 -47.01 23.68 -14.19
N GLY A 83 -47.49 22.81 -13.32
CA GLY A 83 -47.36 21.39 -13.52
C GLY A 83 -46.00 20.88 -13.06
N GLU A 84 -45.34 21.63 -12.18
CA GLU A 84 -44.00 21.24 -11.73
C GLU A 84 -43.91 21.06 -10.22
N TRP A 85 -42.98 20.21 -9.79
CA TRP A 85 -42.77 20.01 -8.36
C TRP A 85 -41.29 19.82 -8.07
N SER A 86 -40.92 20.01 -6.82
CA SER A 86 -39.53 19.82 -6.41
C SER A 86 -39.46 19.64 -4.91
N VAL A 87 -38.56 18.78 -4.45
CA VAL A 87 -38.44 18.54 -3.03
C VAL A 87 -37.00 18.22 -2.68
N ASP A 88 -36.50 18.83 -1.61
CA ASP A 88 -35.13 18.57 -1.20
C ASP A 88 -35.01 17.22 -0.50
N VAL A 89 -34.19 16.36 -1.11
CA VAL A 89 -33.94 15.03 -0.59
C VAL A 89 -32.48 14.88 -0.13
N ALA A 90 -32.30 14.23 1.01
CA ALA A 90 -30.96 13.93 1.51
C ALA A 90 -30.22 13.01 0.54
N GLY A 91 -28.97 13.36 0.24
CA GLY A 91 -28.23 12.62 -0.76
C GLY A 91 -27.98 11.20 -0.31
N SER A 92 -27.93 11.00 1.01
CA SER A 92 -27.69 9.69 1.58
C SER A 92 -28.83 8.74 1.25
N ASP A 93 -30.07 9.23 1.26
CA ASP A 93 -31.20 8.40 0.85
C ASP A 93 -31.13 8.05 -0.64
N LEU A 94 -30.70 8.99 -1.48
CA LEU A 94 -30.52 8.70 -2.89
C LEU A 94 -29.32 7.77 -3.11
N ALA A 95 -28.29 7.87 -2.27
CA ALA A 95 -27.16 6.98 -2.39
C ALA A 95 -27.52 5.55 -2.05
N ALA A 96 -28.57 5.35 -1.24
CA ALA A 96 -28.91 4.03 -0.72
C ALA A 96 -30.01 3.35 -1.53
N ASP A 97 -30.75 4.13 -2.31
CA ASP A 97 -31.93 3.64 -2.97
C ASP A 97 -32.02 4.22 -4.38
N THR A 98 -31.84 3.36 -5.36
CA THR A 98 -31.62 3.78 -6.73
C THR A 98 -32.91 3.75 -7.54
N ALA A 99 -34.04 3.54 -6.90
CA ALA A 99 -35.32 3.63 -7.61
C ALA A 99 -36.38 4.12 -6.66
N PHE A 100 -37.35 4.87 -7.18
CA PHE A 100 -38.46 5.36 -6.38
C PHE A 100 -39.57 5.86 -7.30
N ASP A 101 -40.81 5.73 -6.82
CA ASP A 101 -41.96 6.26 -7.52
C ASP A 101 -42.19 7.63 -6.96
N ALA A 102 -42.68 8.56 -7.77
CA ALA A 102 -43.29 9.76 -7.22
C ALA A 102 -44.84 9.68 -7.39
N VAL A 103 -45.58 9.86 -6.29
CA VAL A 103 -47.05 9.70 -6.29
C VAL A 103 -47.75 11.02 -6.00
N VAL A 104 -48.58 11.48 -6.95
CA VAL A 104 -49.41 12.67 -6.77
C VAL A 104 -50.82 12.24 -6.40
N THR A 105 -51.35 12.83 -5.34
CA THR A 105 -52.69 12.49 -4.87
C THR A 105 -53.64 13.60 -5.26
N SER A 106 -54.69 13.28 -6.02
CA SER A 106 -55.64 14.26 -6.54
C SER A 106 -57.11 13.92 -6.20
N SER A 107 -57.98 14.92 -6.36
CA SER A 107 -59.41 14.76 -6.15
C SER A 107 -60.20 15.37 -7.31
N ASP A 108 -61.30 14.75 -7.71
CA ASP A 108 -62.23 15.43 -8.61
C ASP A 108 -63.19 16.28 -7.80
N ALA A 109 -64.02 17.04 -8.50
CA ALA A 109 -64.94 17.93 -7.84
C ALA A 109 -65.87 17.14 -6.93
N ALA A 110 -66.17 15.91 -7.33
CA ALA A 110 -67.09 15.09 -6.55
C ALA A 110 -66.39 14.54 -5.33
N GLY A 111 -65.07 14.71 -5.29
CA GLY A 111 -64.28 14.30 -4.14
C GLY A 111 -63.85 12.84 -4.14
N ASN A 112 -63.93 12.19 -5.30
CA ASN A 112 -63.23 10.91 -5.51
C ASN A 112 -61.75 11.21 -5.49
N THR A 113 -60.91 10.24 -5.11
CA THR A 113 -59.47 10.46 -5.02
C THR A 113 -58.72 9.54 -5.97
N VAL A 114 -57.52 9.93 -6.36
CA VAL A 114 -56.76 9.10 -7.27
C VAL A 114 -55.26 9.35 -7.10
N ASP A 115 -54.47 8.27 -7.15
CA ASP A 115 -53.01 8.40 -7.20
C ASP A 115 -52.51 8.32 -8.63
N THR A 116 -51.68 9.30 -9.01
CA THR A 116 -50.89 9.20 -10.23
C THR A 116 -49.40 8.94 -9.89
N THR A 117 -48.88 7.84 -10.43
CA THR A 117 -47.47 7.48 -10.24
C THR A 117 -46.59 7.78 -11.45
N GLY A 118 -45.43 8.40 -11.18
CA GLY A 118 -44.29 8.39 -12.07
C GLY A 118 -43.12 7.76 -11.31
N SER A 119 -42.20 7.18 -12.03
CA SER A 119 -41.16 6.42 -11.47
C SER A 119 -39.77 6.92 -11.87
N SER A 120 -38.81 6.74 -10.97
CA SER A 120 -37.44 7.23 -11.25
C SER A 120 -36.39 6.15 -11.05
N THR A 121 -35.32 6.18 -11.85
CA THR A 121 -34.12 5.44 -11.45
C THR A 121 -32.92 6.37 -11.52
N HIS A 122 -31.84 5.98 -10.85
CA HIS A 122 -30.54 6.65 -11.01
C HIS A 122 -29.44 5.68 -10.62
N THR A 123 -28.20 6.12 -10.71
CA THR A 123 -27.11 5.30 -10.20
C THR A 123 -26.27 6.06 -9.21
N VAL A 124 -25.44 5.31 -8.52
CA VAL A 124 -24.64 5.81 -7.41
C VAL A 124 -23.17 5.40 -7.62
N ASP A 125 -22.26 6.37 -7.50
CA ASP A 125 -20.84 6.08 -7.45
C ASP A 125 -20.24 7.12 -6.52
N THR A 126 -19.87 6.70 -5.31
CA THR A 126 -19.38 7.66 -4.32
C THR A 126 -17.94 7.40 -3.86
N GLU A 127 -17.13 6.92 -4.77
CA GLU A 127 -15.76 6.60 -4.48
C GLU A 127 -14.86 6.60 -5.69
N ALA A 128 -13.81 7.37 -5.74
CA ALA A 128 -12.80 7.22 -6.77
C ALA A 128 -11.74 6.36 -6.11
N THR A 129 -10.83 5.79 -6.90
CA THR A 129 -9.90 4.80 -6.40
C THR A 129 -8.49 5.32 -6.64
N ALA A 130 -7.68 5.45 -5.63
CA ALA A 130 -6.29 5.81 -5.82
C ALA A 130 -5.55 4.70 -6.42
N GLY A 131 -4.41 5.02 -6.96
CA GLY A 131 -3.55 4.01 -7.53
C GLY A 131 -2.22 3.97 -6.81
N THR A 132 -1.17 3.90 -7.64
CA THR A 132 0.17 3.81 -7.15
C THR A 132 1.00 4.80 -7.96
N VAL A 133 1.80 5.60 -7.25
CA VAL A 133 2.69 6.59 -7.85
C VAL A 133 4.10 6.38 -7.28
N THR A 134 5.11 6.43 -8.15
CA THR A 134 6.49 6.31 -7.74
C THR A 134 7.32 7.40 -8.39
N VAL A 135 8.46 7.70 -7.76
CA VAL A 135 9.43 8.62 -8.32
C VAL A 135 10.71 7.85 -8.59
N ASN A 136 11.25 7.97 -9.79
CA ASN A 136 12.50 7.34 -10.17
C ASN A 136 13.69 8.01 -9.49
N ALA A 137 14.81 7.33 -9.53
CA ALA A 137 16.04 7.92 -9.01
C ALA A 137 16.20 9.30 -9.65
N ILE A 138 16.74 10.21 -8.90
CA ILE A 138 16.91 11.58 -9.32
C ILE A 138 18.24 11.60 -10.03
N THR A 139 18.22 11.65 -11.33
CA THR A 139 19.34 11.38 -12.19
C THR A 139 19.79 9.95 -12.08
N SER A 140 20.55 9.49 -13.05
CA SER A 140 20.88 8.07 -13.10
C SER A 140 21.32 7.49 -11.74
N ASP A 141 22.00 8.31 -10.93
CA ASP A 141 22.57 7.80 -9.68
C ASP A 141 21.88 8.26 -8.37
N ASP A 142 20.74 8.92 -8.47
CA ASP A 142 20.01 9.42 -7.30
C ASP A 142 20.86 10.42 -6.53
N VAL A 143 21.81 11.04 -7.24
CA VAL A 143 22.63 12.11 -6.65
C VAL A 143 22.62 13.28 -7.61
N ILE A 144 22.45 14.49 -7.07
CA ILE A 144 22.61 15.71 -7.85
C ILE A 144 24.04 16.20 -7.70
N ASN A 145 24.77 16.23 -8.82
CA ASN A 145 26.15 16.74 -8.82
C ASN A 145 26.21 18.22 -9.20
N ALA A 146 27.38 18.69 -9.54
CA ALA A 146 27.52 20.12 -9.74
C ALA A 146 27.00 20.52 -11.07
N SER A 147 27.25 19.72 -12.07
CA SER A 147 26.76 19.99 -13.42
C SER A 147 25.23 19.94 -13.42
N GLU A 148 24.67 18.97 -12.70
CA GLU A 148 23.22 18.79 -12.62
C GLU A 148 22.57 19.96 -11.87
N ALA A 149 23.19 20.38 -10.77
CA ALA A 149 22.69 21.53 -10.04
C ALA A 149 22.68 22.78 -10.92
N ALA A 150 23.59 22.84 -11.88
CA ALA A 150 23.73 24.04 -12.69
C ALA A 150 22.80 24.09 -13.90
N GLY A 151 22.09 22.99 -14.15
CA GLY A 151 21.27 22.85 -15.34
C GLY A 151 19.87 22.36 -15.04
N THR A 152 19.26 21.71 -16.04
CA THR A 152 17.90 21.21 -15.91
C THR A 152 17.91 19.69 -15.79
N VAL A 153 17.22 19.15 -14.78
CA VAL A 153 17.10 17.72 -14.62
C VAL A 153 15.65 17.32 -14.90
N ALA A 154 15.47 16.22 -15.61
CA ALA A 154 14.13 15.65 -15.80
C ALA A 154 13.83 14.73 -14.65
N VAL A 155 12.79 15.06 -13.87
CA VAL A 155 12.35 14.22 -12.79
C VAL A 155 11.25 13.35 -13.39
N SER A 156 11.34 12.04 -13.19
CA SER A 156 10.34 11.13 -13.78
C SER A 156 9.85 10.08 -12.82
N GLY A 157 8.82 9.38 -13.21
CA GLY A 157 8.21 8.33 -12.44
C GLY A 157 7.02 7.61 -13.05
N THR A 158 6.21 6.98 -12.22
CA THR A 158 5.05 6.27 -12.72
C THR A 158 3.80 6.68 -11.99
N ALA A 159 2.67 6.44 -12.64
CA ALA A 159 1.38 6.63 -12.02
C ALA A 159 0.41 5.72 -12.73
N THR A 160 -0.14 4.81 -11.96
CA THR A 160 -0.95 3.74 -12.53
C THR A 160 -1.80 3.18 -11.42
N GLY A 161 -2.93 2.59 -11.79
CA GLY A 161 -3.79 1.95 -10.80
C GLY A 161 -5.05 2.75 -10.52
N GLY A 162 -6.11 2.07 -10.10
CA GLY A 162 -7.34 2.77 -9.78
C GLY A 162 -7.83 3.67 -10.89
N ASP A 163 -8.16 4.93 -10.56
CA ASP A 163 -8.71 5.88 -11.50
C ASP A 163 -7.66 6.75 -12.15
N ILE A 164 -6.40 6.41 -11.96
CA ILE A 164 -5.36 7.16 -12.65
C ILE A 164 -5.45 6.81 -14.13
N ALA A 165 -5.51 7.83 -14.96
CA ALA A 165 -5.57 7.66 -16.41
C ALA A 165 -4.56 8.58 -17.07
N GLU A 166 -4.22 8.26 -18.31
CA GLU A 166 -3.47 9.17 -19.14
C GLU A 166 -4.04 10.59 -19.05
N GLY A 167 -3.15 11.56 -18.85
CA GLY A 167 -3.51 12.97 -18.80
C GLY A 167 -3.87 13.56 -17.45
N ASP A 168 -3.99 12.71 -16.42
CA ASP A 168 -4.12 13.21 -15.05
C ASP A 168 -2.94 14.12 -14.67
N THR A 169 -3.20 15.07 -13.77
CA THR A 169 -2.21 16.07 -13.42
C THR A 169 -1.29 15.49 -12.38
N VAL A 170 0.00 15.75 -12.56
CA VAL A 170 1.02 15.37 -11.59
C VAL A 170 1.58 16.67 -11.06
N THR A 171 1.65 16.81 -9.73
CA THR A 171 2.16 18.01 -9.09
C THR A 171 3.32 17.64 -8.18
N LEU A 172 4.43 18.33 -8.34
CA LEU A 172 5.60 18.16 -7.49
C LEU A 172 5.96 19.53 -6.98
N GLU A 173 6.10 19.64 -5.66
CA GLU A 173 6.58 20.86 -5.05
C GLU A 173 8.01 20.60 -4.59
N ILE A 174 8.95 21.40 -5.12
CA ILE A 174 10.37 21.15 -4.88
C ILE A 174 11.06 22.46 -4.62
N ASN A 175 11.62 22.61 -3.41
CA ASN A 175 12.29 23.86 -3.00
C ASN A 175 11.28 25.00 -3.08
N GLY A 176 10.04 24.68 -2.73
CA GLY A 176 8.96 25.65 -2.74
C GLY A 176 8.49 26.01 -4.13
N GLU A 177 9.08 25.41 -5.17
CA GLU A 177 8.59 25.61 -6.54
C GLU A 177 7.61 24.52 -6.95
N THR A 178 6.48 24.91 -7.52
CA THR A 178 5.47 23.94 -7.93
C THR A 178 5.60 23.61 -9.41
N TYR A 179 6.05 22.38 -9.65
CA TYR A 179 6.15 21.81 -10.98
C TYR A 179 4.97 20.88 -11.27
N THR A 180 4.46 20.94 -12.50
CA THR A 180 3.36 20.05 -12.88
C THR A 180 3.59 19.39 -14.23
N THR A 181 3.06 18.20 -14.39
CA THR A 181 3.03 17.56 -15.69
C THR A 181 1.78 16.69 -15.79
N THR A 182 1.72 15.82 -16.78
CA THR A 182 0.59 14.89 -16.87
C THR A 182 1.09 13.47 -17.12
N VAL A 183 0.32 12.51 -16.62
CA VAL A 183 0.55 11.10 -16.78
C VAL A 183 0.41 10.77 -18.26
N ASP A 184 1.45 10.19 -18.82
CA ASP A 184 1.38 9.70 -20.18
C ASP A 184 0.62 8.39 -20.39
N ALA A 185 0.54 7.96 -21.64
CA ALA A 185 -0.28 6.83 -22.05
C ALA A 185 0.24 5.50 -21.48
N ASN A 186 1.49 5.50 -21.06
CA ASN A 186 2.12 4.33 -20.54
C ASN A 186 2.20 4.30 -19.03
N GLY A 187 1.68 5.32 -18.36
CA GLY A 187 1.72 5.37 -16.90
C GLY A 187 3.00 6.01 -16.37
N GLU A 188 3.80 6.60 -17.25
CA GLU A 188 5.01 7.28 -16.81
C GLU A 188 4.74 8.75 -16.86
N TRP A 189 5.58 9.54 -16.20
CA TRP A 189 5.49 10.97 -16.31
C TRP A 189 6.90 11.49 -16.15
N SER A 190 7.12 12.69 -16.65
CA SER A 190 8.40 13.36 -16.50
C SER A 190 8.15 14.83 -16.50
N VAL A 191 9.04 15.57 -15.87
CA VAL A 191 8.88 17.00 -15.89
C VAL A 191 10.28 17.60 -15.72
N ASP A 192 10.56 18.63 -16.49
CA ASP A 192 11.84 19.31 -16.37
C ASP A 192 11.85 20.16 -15.11
N VAL A 193 12.86 19.95 -14.27
CA VAL A 193 13.01 20.67 -13.02
C VAL A 193 14.39 21.32 -12.99
N ALA A 194 14.43 22.52 -12.43
CA ALA A 194 15.70 23.22 -12.21
C ALA A 194 16.59 22.43 -11.24
N GLY A 195 17.87 22.31 -11.59
CA GLY A 195 18.81 21.56 -10.77
C GLY A 195 19.08 22.26 -9.45
N SER A 196 19.04 23.56 -9.52
CA SER A 196 19.05 24.42 -8.35
C SER A 196 18.10 24.03 -7.27
N ASP A 197 16.88 23.83 -7.70
CA ASP A 197 15.83 23.39 -6.81
C ASP A 197 16.16 22.02 -6.22
N LEU A 198 16.64 21.12 -7.06
CA LEU A 198 16.99 19.78 -6.59
C LEU A 198 18.25 19.82 -5.73
N ALA A 199 19.10 20.83 -5.93
CA ALA A 199 20.31 20.96 -5.14
C ALA A 199 19.92 21.38 -3.72
N ALA A 200 18.78 22.07 -3.61
CA ALA A 200 18.37 22.73 -2.38
C ALA A 200 17.35 21.94 -1.55
N ASP A 201 16.63 21.06 -2.20
CA ASP A 201 15.56 20.29 -1.54
C ASP A 201 15.68 18.81 -1.90
N THR A 202 16.07 18.01 -0.95
CA THR A 202 16.34 16.61 -1.20
C THR A 202 15.21 15.65 -0.79
N ALA A 203 14.04 16.21 -0.55
CA ALA A 203 12.87 15.40 -0.23
C ALA A 203 11.58 16.03 -0.75
N PHE A 204 10.78 15.24 -1.45
CA PHE A 204 9.50 15.74 -1.95
C PHE A 204 8.52 14.62 -2.33
N ASP A 205 7.27 15.03 -2.54
CA ASP A 205 6.21 14.14 -3.01
C ASP A 205 5.77 14.47 -4.43
N ALA A 206 5.37 13.46 -5.18
CA ALA A 206 4.59 13.64 -6.40
C ALA A 206 3.16 13.23 -6.06
N VAL A 207 2.21 14.13 -6.33
CA VAL A 207 0.80 13.85 -6.18
C VAL A 207 0.12 13.87 -7.53
N VAL A 208 -0.61 12.79 -7.79
CA VAL A 208 -1.38 12.64 -9.01
C VAL A 208 -2.84 12.70 -8.63
N THR A 209 -3.60 13.46 -9.41
CA THR A 209 -4.97 13.75 -9.07
C THR A 209 -5.82 13.14 -10.16
N SER A 210 -6.70 12.26 -9.76
CA SER A 210 -7.54 11.56 -10.71
C SER A 210 -9.00 11.75 -10.35
N SER A 211 -9.87 11.45 -11.31
CA SER A 211 -11.30 11.48 -11.09
C SER A 211 -12.01 10.40 -11.91
N ASP A 212 -13.22 10.06 -11.47
CA ASP A 212 -14.00 9.07 -12.18
C ASP A 212 -15.10 9.78 -12.93
N ALA A 213 -15.93 9.01 -13.64
CA ALA A 213 -16.98 9.59 -14.47
C ALA A 213 -17.96 10.43 -13.64
N ALA A 214 -18.12 10.06 -12.37
CA ALA A 214 -19.16 10.64 -11.51
C ALA A 214 -18.75 12.00 -10.96
N GLY A 215 -17.47 12.31 -11.10
CA GLY A 215 -16.95 13.56 -10.59
C GLY A 215 -16.26 13.38 -9.26
N ASN A 216 -16.09 12.13 -8.82
CA ASN A 216 -15.33 11.90 -7.59
C ASN A 216 -13.86 12.13 -7.90
N THR A 217 -13.09 12.66 -6.94
CA THR A 217 -11.68 12.90 -7.19
C THR A 217 -10.85 12.28 -6.08
N VAL A 218 -9.64 11.90 -6.42
CA VAL A 218 -8.71 11.32 -5.50
C VAL A 218 -7.27 11.69 -5.81
N ASP A 219 -6.45 11.79 -4.78
CA ASP A 219 -5.03 12.02 -4.93
C ASP A 219 -4.24 10.77 -4.58
N THR A 220 -3.20 10.51 -5.34
CA THR A 220 -2.31 9.41 -5.08
C THR A 220 -0.90 10.00 -4.93
N THR A 221 -0.24 9.73 -3.81
CA THR A 221 1.09 10.29 -3.54
C THR A 221 2.22 9.24 -3.59
N GLY A 222 3.36 9.67 -4.10
CA GLY A 222 4.59 8.90 -4.02
C GLY A 222 5.67 9.83 -3.52
N SER A 223 6.64 9.26 -2.79
CA SER A 223 7.66 10.02 -2.12
C SER A 223 9.02 9.77 -2.80
N SER A 224 9.88 10.76 -2.70
CA SER A 224 11.22 10.68 -3.24
C SER A 224 12.19 11.37 -2.31
N THR A 225 13.35 10.76 -2.13
CA THR A 225 14.51 11.43 -1.54
C THR A 225 15.67 11.28 -2.51
N HIS A 226 16.63 12.18 -2.41
CA HIS A 226 17.88 12.02 -3.07
C HIS A 226 19.04 12.72 -2.30
N THR A 227 20.22 12.68 -2.88
CA THR A 227 21.34 13.33 -2.22
C THR A 227 22.02 14.35 -3.15
N VAL A 228 22.80 15.25 -2.56
CA VAL A 228 23.55 16.24 -3.31
C VAL A 228 25.05 16.11 -3.00
N ASP A 229 25.86 16.27 -4.01
CA ASP A 229 27.31 16.19 -3.90
C ASP A 229 27.85 16.92 -5.11
N THR A 230 28.20 18.16 -4.95
CA THR A 230 28.63 19.00 -6.03
C THR A 230 30.19 19.21 -6.13
N GLU A 231 30.93 18.71 -5.20
CA GLU A 231 32.33 18.83 -5.49
C GLU A 231 33.17 17.62 -5.21
N ALA A 232 34.16 17.52 -6.08
CA ALA A 232 35.11 16.44 -6.00
C ALA A 232 36.30 17.00 -5.23
N THR A 233 37.03 16.13 -4.53
CA THR A 233 38.06 16.59 -3.61
C THR A 233 39.50 16.43 -4.14
N ALA A 234 40.27 17.50 -4.18
CA ALA A 234 41.67 17.44 -4.63
C ALA A 234 42.53 16.63 -3.64
N GLY A 235 43.68 16.15 -4.13
CA GLY A 235 44.63 15.45 -3.28
C GLY A 235 45.98 16.16 -3.16
N THR A 236 47.03 15.37 -3.30
CA THR A 236 48.41 15.87 -3.18
C THR A 236 49.24 15.25 -4.30
N VAL A 237 49.90 16.12 -5.08
CA VAL A 237 50.71 15.68 -6.20
C VAL A 237 52.15 16.18 -5.96
N THR A 238 53.13 15.28 -6.08
CA THR A 238 54.53 15.68 -5.98
C THR A 238 55.33 15.27 -7.21
N VAL A 239 56.40 16.00 -7.47
CA VAL A 239 57.30 15.69 -8.57
C VAL A 239 58.69 15.44 -8.03
N ASN A 240 59.28 14.33 -8.43
CA ASN A 240 60.63 13.97 -8.01
C ASN A 240 61.71 14.86 -8.66
N ALA A 241 62.94 14.67 -8.23
CA ALA A 241 64.04 15.44 -8.80
C ALA A 241 64.09 15.20 -10.32
N ILE A 242 64.48 16.19 -11.09
CA ILE A 242 64.74 15.97 -12.51
C ILE A 242 66.12 15.40 -12.77
N THR A 243 66.14 14.12 -12.97
CA THR A 243 67.36 13.33 -12.95
C THR A 243 67.98 13.30 -11.58
N SER A 244 68.86 12.35 -11.32
CA SER A 244 69.43 12.18 -9.98
C SER A 244 69.75 13.43 -9.21
N ASP A 245 70.29 14.40 -9.86
CA ASP A 245 70.74 15.59 -9.23
C ASP A 245 69.88 16.82 -9.45
N ASP A 246 68.71 16.67 -10.02
CA ASP A 246 67.85 17.81 -10.29
C ASP A 246 68.45 18.82 -11.25
N VAL A 247 69.37 18.38 -12.07
CA VAL A 247 70.02 19.20 -13.04
C VAL A 247 70.07 18.49 -14.33
N ILE A 248 69.70 19.18 -15.37
CA ILE A 248 69.77 18.74 -16.72
C ILE A 248 71.13 19.08 -17.34
N ASN A 249 71.92 18.07 -17.63
CA ASN A 249 73.18 18.28 -18.33
C ASN A 249 73.03 18.07 -19.82
N ALA A 250 74.14 18.09 -20.55
CA ALA A 250 74.09 18.02 -21.99
C ALA A 250 73.64 16.65 -22.48
N SER A 251 74.15 15.63 -21.82
CA SER A 251 73.86 14.27 -22.23
C SER A 251 72.38 13.98 -21.97
N GLU A 252 71.86 14.53 -20.88
CA GLU A 252 70.47 14.32 -20.49
C GLU A 252 69.55 15.12 -21.41
N ALA A 253 69.87 16.39 -21.60
CA ALA A 253 69.16 17.19 -22.60
C ALA A 253 69.09 16.56 -24.01
N ALA A 254 70.05 15.70 -24.37
CA ALA A 254 70.07 15.10 -25.70
C ALA A 254 69.23 13.82 -25.80
N GLY A 255 68.92 13.22 -24.66
CA GLY A 255 68.07 12.04 -24.63
C GLY A 255 66.73 12.31 -23.99
N THR A 256 66.19 11.27 -23.38
CA THR A 256 64.89 11.32 -22.72
C THR A 256 65.09 11.19 -21.22
N VAL A 257 64.19 11.82 -20.45
CA VAL A 257 64.24 11.79 -19.01
C VAL A 257 62.90 11.28 -18.47
N ALA A 258 62.97 10.50 -17.40
CA ALA A 258 61.79 10.00 -16.74
C ALA A 258 61.47 10.98 -15.65
N VAL A 259 60.35 11.69 -15.82
CA VAL A 259 59.85 12.60 -14.81
C VAL A 259 58.79 11.86 -14.09
N SER A 260 58.94 11.74 -12.77
CA SER A 260 58.04 10.93 -11.99
C SER A 260 57.67 11.64 -10.72
N GLY A 261 56.74 11.06 -10.00
CA GLY A 261 56.33 11.57 -8.72
C GLY A 261 55.19 10.76 -8.15
N THR A 262 54.36 11.43 -7.35
CA THR A 262 53.28 10.73 -6.67
C THR A 262 51.96 11.51 -6.80
N ALA A 263 50.88 10.84 -6.48
CA ALA A 263 49.55 11.40 -6.61
C ALA A 263 48.65 10.56 -5.71
N THR A 264 48.17 11.17 -4.65
CA THR A 264 47.29 10.49 -3.70
C THR A 264 46.42 11.47 -2.93
N GLY A 265 45.44 10.94 -2.22
CA GLY A 265 44.53 11.75 -1.43
C GLY A 265 43.31 12.18 -2.22
N GLY A 266 42.30 12.70 -1.50
CA GLY A 266 41.12 13.24 -2.13
C GLY A 266 40.52 12.19 -3.02
N ASP A 267 39.98 12.61 -4.15
CA ASP A 267 39.42 11.67 -5.12
C ASP A 267 40.43 11.08 -6.12
N ILE A 268 41.73 11.33 -5.92
CA ILE A 268 42.71 10.71 -6.81
C ILE A 268 42.68 9.20 -6.72
N ALA A 269 42.63 8.55 -7.88
CA ALA A 269 42.56 7.08 -7.94
C ALA A 269 43.44 6.60 -9.07
N GLU A 270 43.83 5.32 -9.04
CA GLU A 270 44.56 4.74 -10.16
C GLU A 270 43.82 4.98 -11.47
N GLY A 271 44.57 5.40 -12.48
CA GLY A 271 44.03 5.57 -13.81
C GLY A 271 43.69 7.01 -14.12
N ASP A 272 43.71 7.86 -13.11
CA ASP A 272 43.56 9.30 -13.32
C ASP A 272 44.71 9.76 -14.19
N THR A 273 44.37 10.53 -15.21
CA THR A 273 45.36 11.18 -16.09
C THR A 273 46.24 12.19 -15.35
N VAL A 274 47.50 12.16 -15.66
CA VAL A 274 48.48 13.17 -15.28
C VAL A 274 48.95 13.98 -16.49
N THR A 275 48.84 15.29 -16.39
CA THR A 275 49.21 16.13 -17.52
C THR A 275 50.32 17.08 -17.09
N LEU A 276 51.38 17.14 -17.90
CA LEU A 276 52.47 18.05 -17.66
C LEU A 276 52.69 18.85 -18.93
N GLU A 277 52.78 20.14 -18.85
CA GLU A 277 53.21 20.91 -19.98
C GLU A 277 54.55 21.53 -19.68
N ILE A 278 55.46 21.34 -20.57
CA ILE A 278 56.88 21.60 -20.42
C ILE A 278 57.43 22.08 -21.75
N ASN A 279 57.86 23.34 -21.81
CA ASN A 279 58.30 23.97 -23.06
C ASN A 279 57.19 23.96 -24.11
N GLY A 280 55.93 24.03 -23.66
CA GLY A 280 54.80 24.08 -24.57
C GLY A 280 54.36 22.73 -25.11
N GLU A 281 55.10 21.68 -24.74
CA GLU A 281 54.71 20.32 -25.11
C GLU A 281 53.84 19.69 -24.01
N THR A 282 52.72 19.12 -24.41
CA THR A 282 51.86 18.43 -23.45
C THR A 282 52.21 16.95 -23.33
N TYR A 283 52.60 16.55 -22.13
CA TYR A 283 52.93 15.17 -21.80
C TYR A 283 51.83 14.64 -20.89
N THR A 284 51.49 13.39 -21.00
CA THR A 284 50.46 12.79 -20.16
C THR A 284 50.79 11.34 -19.87
N THR A 285 50.40 10.91 -18.68
CA THR A 285 50.49 9.52 -18.25
C THR A 285 49.29 9.30 -17.31
N THR A 286 49.26 8.17 -16.63
CA THR A 286 48.17 7.88 -15.70
C THR A 286 48.77 7.45 -14.37
N VAL A 287 48.09 7.80 -13.29
CA VAL A 287 48.51 7.42 -11.94
C VAL A 287 48.42 5.92 -11.83
N ASP A 288 49.52 5.30 -11.41
CA ASP A 288 49.54 3.87 -11.31
C ASP A 288 48.85 3.45 -10.01
N ALA A 289 48.92 2.16 -9.71
CA ALA A 289 48.22 1.57 -8.57
C ALA A 289 48.79 1.91 -7.18
N ASN A 290 50.01 2.45 -7.13
CA ASN A 290 50.67 2.74 -5.84
C ASN A 290 50.74 4.24 -5.52
N GLY A 291 49.97 5.04 -6.24
CA GLY A 291 50.00 6.47 -6.06
C GLY A 291 51.26 7.06 -6.68
N GLU A 292 51.80 6.39 -7.69
CA GLU A 292 52.99 6.91 -8.35
C GLU A 292 52.74 7.10 -9.84
N TRP A 293 53.54 7.92 -10.49
CA TRP A 293 53.41 8.11 -11.92
C TRP A 293 54.81 8.38 -12.51
N SER A 294 54.92 8.19 -13.82
CA SER A 294 56.17 8.43 -14.53
C SER A 294 55.82 8.65 -15.98
N VAL A 295 56.59 9.47 -16.66
CA VAL A 295 56.31 9.82 -18.04
C VAL A 295 57.63 10.24 -18.70
N ASP A 296 57.86 9.76 -19.93
CA ASP A 296 59.12 10.09 -20.60
C ASP A 296 59.03 11.43 -21.29
N VAL A 297 59.95 12.31 -20.89
CA VAL A 297 59.99 13.66 -21.42
C VAL A 297 61.32 13.90 -22.13
N ALA A 298 61.27 14.60 -23.26
CA ALA A 298 62.50 14.88 -24.01
C ALA A 298 63.36 15.87 -23.23
N GLY A 299 64.64 15.54 -23.10
CA GLY A 299 65.57 16.39 -22.35
C GLY A 299 65.55 17.80 -22.86
N SER A 300 65.32 17.96 -24.17
CA SER A 300 65.33 19.27 -24.80
C SER A 300 64.26 20.20 -24.23
N ASP A 301 63.08 19.67 -23.94
CA ASP A 301 62.01 20.47 -23.34
C ASP A 301 62.39 20.80 -21.90
N LEU A 302 62.96 19.82 -21.22
CA LEU A 302 63.47 20.05 -19.89
C LEU A 302 64.63 21.05 -19.92
N ALA A 303 65.45 21.00 -20.97
CA ALA A 303 66.53 21.96 -21.08
C ALA A 303 66.00 23.36 -21.27
N ALA A 304 64.80 23.48 -21.86
CA ALA A 304 64.25 24.78 -22.25
C ALA A 304 63.40 25.43 -21.17
N ASP A 305 62.88 24.62 -20.27
CA ASP A 305 61.82 25.08 -19.38
C ASP A 305 62.08 24.51 -17.99
N THR A 306 62.41 25.39 -17.06
CA THR A 306 62.95 24.99 -15.78
C THR A 306 61.90 24.90 -14.66
N ALA A 307 60.63 25.10 -14.99
CA ALA A 307 59.56 24.91 -14.00
C ALA A 307 58.37 24.30 -14.73
N PHE A 308 57.54 23.52 -14.04
CA PHE A 308 56.27 23.07 -14.63
C PHE A 308 55.36 22.57 -13.53
N ASP A 309 54.06 22.49 -13.83
CA ASP A 309 53.12 21.87 -12.92
C ASP A 309 52.88 20.45 -13.42
N ALA A 310 52.55 19.54 -12.50
CA ALA A 310 51.95 18.26 -12.90
C ALA A 310 50.52 18.24 -12.34
N VAL A 311 49.54 18.01 -13.22
CA VAL A 311 48.13 18.10 -12.85
C VAL A 311 47.50 16.74 -13.05
N VAL A 312 46.88 16.26 -11.99
CA VAL A 312 46.09 15.03 -12.02
C VAL A 312 44.60 15.40 -12.06
N THR A 313 43.88 14.80 -12.97
CA THR A 313 42.46 15.09 -13.14
C THR A 313 41.69 13.92 -12.55
N SER A 314 40.83 14.18 -11.56
CA SER A 314 40.12 13.12 -10.87
C SER A 314 38.62 13.38 -10.88
N SER A 315 37.85 12.38 -10.48
CA SER A 315 36.42 12.57 -10.31
C SER A 315 35.90 11.77 -9.14
N ASP A 316 34.87 12.26 -8.47
CA ASP A 316 34.22 11.48 -7.43
C ASP A 316 33.16 10.56 -8.03
N ALA A 317 32.54 9.76 -7.18
CA ALA A 317 31.48 8.87 -7.59
C ALA A 317 30.40 9.61 -8.36
N ALA A 318 30.07 10.83 -7.92
CA ALA A 318 28.93 11.56 -8.50
C ALA A 318 29.29 12.19 -9.85
N GLY A 319 30.59 12.14 -10.18
CA GLY A 319 31.03 12.58 -11.47
C GLY A 319 31.46 14.04 -11.44
N ASN A 320 31.63 14.60 -10.26
CA ASN A 320 32.27 15.91 -10.16
C ASN A 320 33.71 15.68 -10.52
N THR A 321 34.40 16.71 -11.03
CA THR A 321 35.80 16.59 -11.42
C THR A 321 36.66 17.59 -10.72
N VAL A 322 37.94 17.25 -10.55
CA VAL A 322 38.85 18.12 -9.84
C VAL A 322 40.27 17.94 -10.42
N ASP A 323 40.98 19.05 -10.48
CA ASP A 323 42.40 19.03 -10.80
C ASP A 323 43.21 19.17 -9.52
N THR A 324 44.19 18.28 -9.33
CA THR A 324 45.19 18.46 -8.28
C THR A 324 46.54 18.80 -8.93
N THR A 325 47.13 19.90 -8.50
CA THR A 325 48.42 20.36 -8.99
C THR A 325 49.56 20.13 -8.01
N GLY A 326 50.67 19.63 -8.55
CA GLY A 326 51.96 19.70 -7.87
C GLY A 326 52.91 20.35 -8.85
N SER A 327 54.03 20.88 -8.35
CA SER A 327 54.85 21.77 -9.13
C SER A 327 56.33 21.34 -9.06
N SER A 328 57.08 21.58 -10.13
CA SER A 328 58.47 21.16 -10.17
C SER A 328 59.41 22.28 -10.59
N THR A 329 60.58 22.41 -9.97
CA THR A 329 61.64 23.19 -10.59
C THR A 329 62.87 22.34 -10.79
N HIS A 330 63.79 22.84 -11.61
CA HIS A 330 65.05 22.14 -11.89
C HIS A 330 66.03 23.08 -12.57
N THR A 331 67.26 22.66 -12.66
CA THR A 331 68.34 23.50 -13.07
C THR A 331 68.90 23.01 -14.36
N VAL A 332 69.53 23.89 -15.13
CA VAL A 332 70.01 23.47 -16.45
C VAL A 332 71.45 23.96 -16.68
N ASP A 333 72.29 23.03 -17.11
CA ASP A 333 73.70 23.34 -17.41
C ASP A 333 74.20 22.35 -18.47
N THR A 334 74.12 22.74 -19.74
CA THR A 334 74.48 21.85 -20.84
C THR A 334 75.79 22.21 -21.53
N GLU A 335 76.79 22.78 -20.91
N GLU A 335 76.78 22.76 -20.89
CA GLU A 335 78.08 22.99 -21.52
CA GLU A 335 78.06 22.99 -21.49
C GLU A 335 79.14 23.06 -20.44
C GLU A 335 79.13 23.04 -20.43
N ALA A 336 80.30 22.57 -20.78
CA ALA A 336 81.52 22.67 -20.01
C ALA A 336 82.34 23.64 -20.76
N THR A 337 83.31 24.22 -20.12
CA THR A 337 84.12 25.27 -20.76
C THR A 337 85.55 24.79 -20.88
N ALA A 338 86.06 24.76 -22.09
CA ALA A 338 87.48 24.46 -22.30
C ALA A 338 88.36 25.57 -21.87
N GLY A 339 89.57 25.22 -21.44
CA GLY A 339 90.52 26.23 -20.98
C GLY A 339 91.64 26.45 -21.97
N THR A 340 92.84 26.56 -21.42
CA THR A 340 94.07 26.75 -22.15
C THR A 340 95.14 25.79 -21.56
N VAL A 341 95.78 25.05 -22.45
CA VAL A 341 96.81 24.12 -22.09
C VAL A 341 98.03 24.41 -22.95
N THR A 342 99.17 24.38 -22.30
CA THR A 342 100.44 24.61 -22.95
C THR A 342 101.52 23.61 -22.49
N VAL A 343 102.45 23.33 -23.35
CA VAL A 343 103.60 22.57 -23.04
C VAL A 343 104.86 23.38 -23.10
N ASN A 344 105.61 23.36 -22.00
CA ASN A 344 106.89 24.06 -21.87
C ASN A 344 107.92 23.47 -22.80
N ALA A 345 109.04 24.18 -22.96
CA ALA A 345 110.16 23.67 -23.76
C ALA A 345 110.51 22.29 -23.20
N ILE A 346 110.94 21.41 -24.07
CA ILE A 346 111.30 20.07 -23.67
C ILE A 346 112.77 20.08 -23.26
N THR A 347 113.04 20.01 -21.98
CA THR A 347 114.30 20.40 -21.37
C THR A 347 114.52 21.86 -21.57
N SER A 348 115.41 22.46 -20.83
CA SER A 348 115.62 23.91 -20.86
C SER A 348 115.77 24.50 -22.28
N ASP A 349 116.43 23.76 -23.18
CA ASP A 349 116.71 24.27 -24.52
C ASP A 349 115.79 23.73 -25.63
N ASP A 350 114.80 22.92 -25.30
CA ASP A 350 113.86 22.38 -26.25
C ASP A 350 114.54 21.43 -27.23
N VAL A 351 115.57 20.84 -26.77
CA VAL A 351 116.32 19.83 -27.51
C VAL A 351 116.63 18.70 -26.61
N ILE A 352 116.43 17.50 -27.09
CA ILE A 352 116.85 16.31 -26.38
C ILE A 352 118.26 15.81 -26.81
N ASN A 353 119.19 15.80 -25.87
CA ASN A 353 120.56 15.41 -26.12
C ASN A 353 120.73 13.97 -25.71
N ALA A 354 121.94 13.47 -25.76
CA ALA A 354 122.16 12.08 -25.56
C ALA A 354 122.07 11.68 -24.10
N SER A 355 122.52 12.48 -23.17
CA SER A 355 122.35 12.05 -21.86
C SER A 355 120.88 12.19 -21.45
N GLU A 356 120.08 12.93 -22.18
CA GLU A 356 118.70 13.15 -21.80
C GLU A 356 117.97 11.92 -22.31
N ALA A 357 118.21 11.63 -23.56
CA ALA A 357 117.73 10.41 -24.16
C ALA A 357 117.99 9.18 -23.34
N ALA A 358 119.06 9.15 -22.58
CA ALA A 358 119.41 7.94 -21.84
C ALA A 358 118.69 7.87 -20.50
N GLY A 359 118.06 8.98 -20.10
CA GLY A 359 117.45 9.08 -18.80
C GLY A 359 115.96 9.42 -18.83
N THR A 360 115.50 10.02 -17.74
CA THR A 360 114.11 10.44 -17.62
C THR A 360 114.04 11.95 -17.63
N VAL A 361 113.06 12.47 -18.36
CA VAL A 361 112.86 13.90 -18.51
C VAL A 361 111.49 14.27 -17.96
N ALA A 362 111.44 15.36 -17.20
CA ALA A 362 110.17 15.89 -16.69
C ALA A 362 109.58 16.83 -17.71
N VAL A 363 108.47 16.39 -18.34
CA VAL A 363 107.75 17.16 -19.34
C VAL A 363 106.68 17.91 -18.57
N SER A 364 106.61 19.23 -18.76
CA SER A 364 105.76 20.08 -17.93
C SER A 364 105.06 21.14 -18.76
N GLY A 365 104.12 21.84 -18.12
CA GLY A 365 103.26 22.78 -18.83
C GLY A 365 102.21 23.42 -17.95
N THR A 366 101.18 23.96 -18.59
CA THR A 366 100.10 24.59 -17.86
C THR A 366 98.75 24.10 -18.35
N ALA A 367 97.76 24.35 -17.51
CA ALA A 367 96.38 24.01 -17.76
C ALA A 367 95.55 24.90 -16.84
N THR A 368 94.75 25.77 -17.42
CA THR A 368 94.08 26.84 -16.68
C THR A 368 93.02 27.45 -17.56
N GLY A 369 91.95 27.95 -16.97
CA GLY A 369 90.88 28.53 -17.75
C GLY A 369 89.66 27.60 -17.80
N GLY A 370 88.47 28.17 -18.00
CA GLY A 370 87.28 27.35 -18.09
C GLY A 370 87.04 26.52 -16.85
N ASP A 371 86.63 25.28 -17.08
CA ASP A 371 86.40 24.33 -16.01
C ASP A 371 87.65 23.56 -15.62
N ILE A 372 88.79 23.89 -16.18
CA ILE A 372 89.99 23.22 -15.73
C ILE A 372 90.20 23.48 -14.25
N ALA A 373 90.54 22.46 -13.51
CA ALA A 373 90.69 22.59 -12.07
C ALA A 373 91.82 21.72 -11.50
N GLU A 374 92.39 22.13 -10.40
CA GLU A 374 93.37 21.32 -9.69
C GLU A 374 92.87 19.90 -9.64
N GLY A 375 93.73 18.96 -10.06
CA GLY A 375 93.39 17.55 -10.03
C GLY A 375 92.84 16.96 -11.34
N ASP A 376 92.51 17.79 -12.31
CA ASP A 376 92.14 17.31 -13.63
C ASP A 376 93.26 16.42 -14.24
N THR A 377 92.87 15.40 -14.98
CA THR A 377 93.77 14.46 -15.60
C THR A 377 94.47 15.12 -16.75
N VAL A 378 95.80 14.93 -16.82
CA VAL A 378 96.55 15.36 -17.99
C VAL A 378 97.10 14.10 -18.66
N THR A 379 96.88 13.96 -19.97
CA THR A 379 97.29 12.76 -20.72
C THR A 379 98.17 13.15 -21.90
N LEU A 380 99.33 12.51 -21.94
CA LEU A 380 100.27 12.67 -23.02
C LEU A 380 100.57 11.31 -23.60
N GLU A 381 100.48 11.21 -24.92
CA GLU A 381 100.93 10.04 -25.63
C GLU A 381 102.18 10.41 -26.43
N ILE A 382 103.33 9.85 -26.04
CA ILE A 382 104.63 10.15 -26.65
C ILE A 382 105.30 8.85 -27.04
N ASN A 383 105.56 8.68 -28.34
CA ASN A 383 106.14 7.44 -28.85
C ASN A 383 105.29 6.21 -28.53
N GLY A 384 103.98 6.40 -28.44
CA GLY A 384 103.05 5.29 -28.29
C GLY A 384 102.76 4.96 -26.85
N GLU A 385 103.56 5.50 -25.94
CA GLU A 385 103.35 5.27 -24.52
C GLU A 385 102.49 6.39 -23.93
N THR A 386 101.52 6.00 -23.12
CA THR A 386 100.58 6.96 -22.54
C THR A 386 101.03 7.34 -21.12
N TYR A 387 101.43 8.61 -20.97
CA TYR A 387 101.78 9.17 -19.67
C TYR A 387 100.63 10.01 -19.15
N THR A 388 100.37 9.93 -17.85
CA THR A 388 99.32 10.74 -17.26
C THR A 388 99.79 11.40 -15.98
N THR A 389 99.24 12.57 -15.72
CA THR A 389 99.44 13.22 -14.44
C THR A 389 98.20 14.07 -14.15
N THR A 390 98.27 14.91 -13.13
CA THR A 390 97.13 15.79 -12.82
C THR A 390 97.57 17.24 -12.65
N VAL A 391 96.66 18.14 -12.90
CA VAL A 391 96.82 19.58 -12.76
C VAL A 391 97.01 19.97 -11.31
N ASP A 392 98.13 20.61 -10.99
CA ASP A 392 98.32 21.04 -9.60
C ASP A 392 97.58 22.33 -9.31
N ALA A 393 97.79 22.79 -8.12
CA ALA A 393 97.06 23.90 -7.57
C ALA A 393 97.27 25.19 -8.28
N ASN A 394 98.41 25.27 -8.91
CA ASN A 394 98.89 26.49 -9.53
C ASN A 394 98.57 26.53 -11.01
N GLY A 395 97.93 25.49 -11.53
CA GLY A 395 97.67 25.42 -12.95
C GLY A 395 98.85 24.89 -13.76
N GLU A 396 99.83 24.27 -13.10
CA GLU A 396 100.94 23.64 -13.81
C GLU A 396 100.80 22.15 -13.70
N TRP A 397 101.54 21.44 -14.55
CA TRP A 397 101.58 19.99 -14.51
C TRP A 397 102.93 19.56 -15.00
N SER A 398 103.36 18.40 -14.52
CA SER A 398 104.62 17.84 -14.92
C SER A 398 104.49 16.33 -14.84
N VAL A 399 105.13 15.63 -15.76
CA VAL A 399 105.14 14.19 -15.67
C VAL A 399 106.50 13.67 -16.13
N ASP A 400 107.02 12.68 -15.42
CA ASP A 400 108.31 12.09 -15.81
C ASP A 400 108.13 11.20 -17.03
N VAL A 401 108.94 11.43 -18.04
CA VAL A 401 108.85 10.74 -19.31
C VAL A 401 110.20 10.10 -19.66
N ALA A 402 110.13 8.94 -20.27
CA ALA A 402 111.32 8.27 -20.79
C ALA A 402 112.03 9.15 -21.83
N GLY A 403 113.32 9.41 -21.62
CA GLY A 403 114.08 10.15 -22.60
C GLY A 403 114.10 9.48 -23.97
N SER A 404 114.14 8.15 -23.99
CA SER A 404 114.09 7.42 -25.25
C SER A 404 112.82 7.72 -26.05
N ASP A 405 111.68 7.87 -25.37
CA ASP A 405 110.43 8.17 -26.05
C ASP A 405 110.48 9.56 -26.67
N LEU A 406 110.98 10.53 -25.91
CA LEU A 406 111.15 11.89 -26.43
C LEU A 406 112.23 11.91 -27.50
N ALA A 407 113.16 10.97 -27.43
CA ALA A 407 114.18 10.88 -28.47
C ALA A 407 113.54 10.39 -29.75
N ALA A 408 112.50 9.55 -29.59
CA ALA A 408 111.90 8.85 -30.72
C ALA A 408 110.68 9.57 -31.33
N ASP A 409 110.10 10.53 -30.59
CA ASP A 409 108.86 11.20 -30.99
C ASP A 409 108.96 12.69 -30.71
N THR A 410 108.91 13.51 -31.74
CA THR A 410 109.27 14.93 -31.62
C THR A 410 108.05 15.84 -31.67
N ALA A 411 106.86 15.24 -31.69
CA ALA A 411 105.62 16.03 -31.68
C ALA A 411 104.52 15.32 -30.91
N PHE A 412 103.88 16.01 -29.96
CA PHE A 412 102.80 15.39 -29.22
C PHE A 412 101.83 16.42 -28.63
N ASP A 413 100.64 15.95 -28.25
CA ASP A 413 99.65 16.78 -27.57
C ASP A 413 99.55 16.46 -26.09
N ALA A 414 99.20 17.46 -25.28
CA ALA A 414 98.74 17.26 -23.93
C ALA A 414 97.24 17.56 -23.94
N VAL A 415 96.45 16.61 -23.47
CA VAL A 415 95.00 16.80 -23.36
C VAL A 415 94.61 16.78 -21.89
N VAL A 416 93.86 17.78 -21.49
CA VAL A 416 93.43 17.93 -20.15
C VAL A 416 91.92 17.70 -20.14
N THR A 417 91.44 16.88 -19.24
CA THR A 417 90.04 16.50 -19.24
C THR A 417 89.45 17.09 -17.98
N SER A 418 88.46 17.91 -18.20
CA SER A 418 87.80 18.60 -17.16
C SER A 418 86.29 18.32 -17.15
N SER A 419 85.66 18.47 -16.00
CA SER A 419 84.20 18.51 -15.92
C SER A 419 83.61 19.53 -14.98
N ASP A 420 82.34 19.78 -15.17
CA ASP A 420 81.62 20.66 -14.31
C ASP A 420 80.74 19.87 -13.31
N ALA A 421 80.06 20.59 -12.44
CA ALA A 421 79.25 19.96 -11.41
C ALA A 421 78.08 19.15 -11.98
N ALA A 422 77.56 19.59 -13.13
CA ALA A 422 76.42 18.91 -13.75
C ALA A 422 76.91 17.62 -14.42
N GLY A 423 78.22 17.48 -14.55
CA GLY A 423 78.78 16.29 -15.15
C GLY A 423 79.10 16.42 -16.64
N ASN A 424 79.05 17.59 -17.18
CA ASN A 424 79.51 17.80 -18.52
C ASN A 424 81.02 17.71 -18.53
N THR A 425 81.61 17.28 -19.63
CA THR A 425 83.02 17.06 -19.72
C THR A 425 83.56 17.68 -20.96
N VAL A 426 84.80 18.16 -20.87
CA VAL A 426 85.45 18.75 -22.00
C VAL A 426 86.93 18.45 -22.02
N ASP A 427 87.49 18.35 -23.21
CA ASP A 427 88.94 18.28 -23.35
C ASP A 427 89.54 19.58 -23.91
N THR A 428 90.66 19.96 -23.35
CA THR A 428 91.43 21.05 -23.82
C THR A 428 92.80 20.55 -24.23
N THR A 429 93.27 20.92 -25.41
CA THR A 429 94.51 20.41 -25.94
C THR A 429 95.56 21.51 -26.21
N GLY A 430 96.79 21.22 -25.84
CA GLY A 430 97.94 22.03 -26.22
C GLY A 430 98.97 21.13 -26.86
N SER A 431 99.77 21.69 -27.75
CA SER A 431 100.60 20.89 -28.62
C SER A 431 102.05 21.25 -28.36
N SER A 432 102.92 20.32 -28.63
CA SER A 432 104.34 20.45 -28.44
C SER A 432 105.14 19.84 -29.56
N THR A 433 106.19 20.53 -29.96
CA THR A 433 107.24 19.91 -30.80
C THR A 433 108.60 20.13 -30.12
N HIS A 434 109.57 19.30 -30.46
CA HIS A 434 110.95 19.52 -30.01
C HIS A 434 111.91 18.90 -31.01
N THR A 435 113.20 18.96 -30.74
CA THR A 435 114.23 18.38 -31.60
C THR A 435 115.15 17.44 -30.85
N VAL A 436 115.95 16.71 -31.58
CA VAL A 436 116.80 15.71 -30.99
C VAL A 436 118.20 15.89 -31.56
N ASP A 437 119.20 15.77 -30.69
CA ASP A 437 120.59 15.89 -31.09
C ASP A 437 121.41 15.08 -30.08
N GLU B 23 -110.16 -9.49 17.61
CA GLU B 23 -108.76 -9.69 17.33
C GLU B 23 -107.81 -9.21 18.45
N ALA B 24 -106.68 -9.91 18.55
CA ALA B 24 -105.59 -9.58 19.47
C ALA B 24 -104.62 -8.65 18.77
N THR B 25 -103.79 -7.97 19.54
CA THR B 25 -102.96 -6.91 19.01
C THR B 25 -101.49 -7.25 19.09
N ALA B 26 -100.80 -7.12 17.97
CA ALA B 26 -99.37 -7.40 17.95
C ALA B 26 -98.65 -6.28 18.66
N GLY B 27 -97.40 -6.56 19.04
CA GLY B 27 -96.57 -5.56 19.68
C GLY B 27 -95.29 -5.33 18.88
N THR B 28 -94.16 -5.27 19.58
CA THR B 28 -92.84 -5.07 18.97
C THR B 28 -91.84 -6.07 19.54
N VAL B 29 -91.12 -6.73 18.63
CA VAL B 29 -90.11 -7.72 19.02
C VAL B 29 -88.80 -7.26 18.39
N THR B 30 -87.74 -7.28 19.19
CA THR B 30 -86.39 -6.98 18.69
C THR B 30 -85.40 -8.10 19.00
N VAL B 31 -84.34 -8.18 18.22
CA VAL B 31 -83.28 -9.16 18.47
C VAL B 31 -81.94 -8.45 18.57
N ASN B 32 -81.23 -8.75 19.65
CA ASN B 32 -79.92 -8.16 19.91
C ASN B 32 -78.84 -8.70 18.98
N ALA B 33 -77.66 -8.10 19.03
CA ALA B 33 -76.56 -8.56 18.21
C ALA B 33 -76.34 -10.05 18.44
N ILE B 34 -75.97 -10.76 17.39
CA ILE B 34 -75.55 -12.17 17.55
C ILE B 34 -74.11 -12.16 17.99
N THR B 35 -73.89 -12.37 19.29
CA THR B 35 -72.62 -12.09 19.97
C THR B 35 -72.26 -10.58 19.93
N SER B 36 -71.31 -10.19 20.77
CA SER B 36 -70.90 -8.80 20.92
C SER B 36 -70.69 -8.02 19.62
N ASP B 37 -70.16 -8.66 18.58
CA ASP B 37 -69.84 -7.93 17.37
C ASP B 37 -70.82 -8.26 16.22
N ASP B 38 -71.86 -9.03 16.53
CA ASP B 38 -72.83 -9.42 15.51
C ASP B 38 -72.22 -10.31 14.44
N VAL B 39 -71.15 -11.01 14.80
CA VAL B 39 -70.44 -11.85 13.87
C VAL B 39 -70.16 -13.16 14.56
N ILE B 40 -70.44 -14.26 13.88
CA ILE B 40 -70.15 -15.59 14.38
C ILE B 40 -68.77 -15.97 13.90
N ASN B 41 -67.85 -16.20 14.84
CA ASN B 41 -66.52 -16.70 14.48
C ASN B 41 -66.40 -18.19 14.72
N ALA B 42 -65.21 -18.73 14.49
CA ALA B 42 -64.99 -20.15 14.62
C ALA B 42 -65.29 -20.65 16.03
N SER B 43 -64.75 -19.98 17.03
CA SER B 43 -64.96 -20.42 18.41
C SER B 43 -66.44 -20.40 18.76
N GLU B 44 -67.10 -19.30 18.41
CA GLU B 44 -68.54 -19.15 18.72
C GLU B 44 -69.34 -20.21 17.97
N ALA B 45 -69.03 -20.39 16.70
CA ALA B 45 -69.73 -21.40 15.91
C ALA B 45 -69.55 -22.84 16.45
N ALA B 46 -68.50 -23.09 17.22
CA ALA B 46 -68.29 -24.42 17.81
C ALA B 46 -68.96 -24.59 19.17
N GLY B 47 -69.46 -23.51 19.74
CA GLY B 47 -70.05 -23.54 21.07
C GLY B 47 -71.51 -23.15 21.01
N THR B 48 -72.02 -22.63 22.12
CA THR B 48 -73.41 -22.21 22.21
C THR B 48 -73.49 -20.70 22.30
N VAL B 49 -74.52 -20.14 21.67
CA VAL B 49 -74.75 -18.70 21.64
C VAL B 49 -76.13 -18.31 22.20
N ALA B 50 -76.10 -17.31 23.07
CA ALA B 50 -77.28 -16.72 23.66
C ALA B 50 -77.87 -15.67 22.73
N VAL B 51 -78.91 -16.03 22.00
CA VAL B 51 -79.63 -15.04 21.20
C VAL B 51 -80.68 -14.41 22.11
N SER B 52 -80.66 -13.09 22.26
CA SER B 52 -81.64 -12.41 23.12
C SER B 52 -82.24 -11.21 22.42
N GLY B 53 -83.15 -10.53 23.11
CA GLY B 53 -83.95 -9.49 22.49
C GLY B 53 -85.08 -9.07 23.41
N THR B 54 -86.09 -8.40 22.84
CA THR B 54 -87.18 -7.86 23.63
C THR B 54 -88.51 -8.15 22.96
N ALA B 55 -89.54 -8.17 23.77
CA ALA B 55 -90.90 -8.39 23.36
C ALA B 55 -91.82 -7.60 24.28
N THR B 56 -92.40 -6.57 23.74
CA THR B 56 -93.33 -5.70 24.48
C THR B 56 -94.38 -5.06 23.59
N GLY B 57 -95.46 -4.63 24.20
CA GLY B 57 -96.50 -3.94 23.45
C GLY B 57 -97.66 -4.85 23.09
N GLY B 58 -98.78 -4.22 22.76
CA GLY B 58 -99.98 -4.92 22.34
C GLY B 58 -100.38 -5.92 23.38
N ASP B 59 -100.75 -7.12 22.92
CA ASP B 59 -101.13 -8.20 23.81
C ASP B 59 -99.97 -9.06 24.29
N ILE B 60 -98.74 -8.62 24.00
CA ILE B 60 -97.63 -9.39 24.45
C ILE B 60 -97.56 -9.37 25.96
N ALA B 61 -97.35 -10.53 26.54
CA ALA B 61 -97.38 -10.65 27.99
C ALA B 61 -96.30 -11.57 28.45
N GLU B 62 -95.88 -11.33 29.67
CA GLU B 62 -95.02 -12.22 30.42
C GLU B 62 -95.55 -13.65 30.26
N GLY B 63 -94.68 -14.52 29.74
CA GLY B 63 -94.98 -15.94 29.59
C GLY B 63 -95.28 -16.38 28.17
N ASP B 64 -95.44 -15.42 27.25
CA ASP B 64 -95.68 -15.74 25.84
C ASP B 64 -94.46 -16.46 25.32
N THR B 65 -94.67 -17.48 24.51
CA THR B 65 -93.56 -18.21 23.90
C THR B 65 -92.91 -17.41 22.76
N VAL B 66 -91.62 -17.62 22.57
CA VAL B 66 -90.88 -16.97 21.48
C VAL B 66 -90.37 -18.13 20.62
N THR B 67 -90.58 -18.06 19.31
CA THR B 67 -90.14 -19.12 18.43
C THR B 67 -89.09 -18.54 17.46
N LEU B 68 -88.01 -19.30 17.25
CA LEU B 68 -87.00 -18.92 16.29
C LEU B 68 -86.65 -20.16 15.46
N GLU B 69 -86.68 -20.06 14.13
CA GLU B 69 -86.22 -21.15 13.29
C GLU B 69 -84.93 -20.66 12.63
N ILE B 70 -83.87 -21.44 12.80
CA ILE B 70 -82.53 -21.00 12.46
C ILE B 70 -81.87 -22.24 11.92
N ASN B 71 -81.56 -22.23 10.63
CA ASN B 71 -81.02 -23.40 9.93
C ASN B 71 -81.91 -24.62 10.04
N GLY B 72 -83.24 -24.38 9.99
CA GLY B 72 -84.24 -25.43 10.04
C GLY B 72 -84.53 -25.96 11.43
N GLU B 73 -83.83 -25.43 12.44
CA GLU B 73 -83.97 -25.90 13.81
C GLU B 73 -84.87 -24.96 14.61
N THR B 74 -85.85 -25.54 15.29
CA THR B 74 -86.79 -24.75 16.09
C THR B 74 -86.27 -24.55 17.51
N TYR B 75 -86.09 -23.28 17.86
CA TYR B 75 -85.74 -22.86 19.21
C TYR B 75 -86.92 -22.14 19.83
N THR B 76 -87.20 -22.41 21.10
CA THR B 76 -88.25 -21.68 21.80
C THR B 76 -87.86 -21.27 23.21
N THR B 77 -88.35 -20.10 23.62
CA THR B 77 -88.25 -19.66 25.00
C THR B 77 -89.53 -18.87 25.32
N THR B 78 -89.56 -18.22 26.47
CA THR B 78 -90.73 -17.46 26.86
C THR B 78 -90.29 -16.06 27.26
N VAL B 79 -91.14 -15.09 27.03
CA VAL B 79 -90.89 -13.75 27.45
C VAL B 79 -90.93 -13.64 28.94
N ASP B 80 -89.98 -12.90 29.45
CA ASP B 80 -89.88 -12.71 30.85
C ASP B 80 -90.65 -11.50 31.34
N ALA B 81 -90.57 -11.26 32.62
CA ALA B 81 -91.37 -10.21 33.22
C ALA B 81 -90.91 -8.79 32.84
N ASN B 82 -89.65 -8.65 32.41
CA ASN B 82 -89.15 -7.35 31.95
C ASN B 82 -89.35 -7.12 30.44
N GLY B 83 -90.06 -8.03 29.79
CA GLY B 83 -90.24 -7.93 28.34
C GLY B 83 -88.94 -8.28 27.62
N GLU B 84 -88.19 -9.16 28.19
CA GLU B 84 -86.99 -9.67 27.61
C GLU B 84 -87.06 -11.20 27.39
N TRP B 85 -86.21 -11.69 26.51
CA TRP B 85 -86.08 -13.13 26.29
C TRP B 85 -84.67 -13.49 25.87
N SER B 86 -84.32 -14.76 26.04
CA SER B 86 -83.01 -15.26 25.65
C SER B 86 -83.14 -16.75 25.39
N VAL B 87 -82.45 -17.26 24.41
CA VAL B 87 -82.47 -18.71 24.21
C VAL B 87 -81.12 -19.16 23.71
N ASP B 88 -80.65 -20.29 24.22
CA ASP B 88 -79.36 -20.83 23.83
C ASP B 88 -79.48 -21.53 22.51
N VAL B 89 -78.74 -21.01 21.54
CA VAL B 89 -78.73 -21.54 20.18
C VAL B 89 -77.34 -22.12 19.83
N ALA B 90 -77.33 -23.19 19.07
CA ALA B 90 -76.10 -23.83 18.63
C ALA B 90 -75.43 -22.93 17.61
N GLY B 91 -74.20 -22.55 17.92
CA GLY B 91 -73.42 -21.67 17.08
C GLY B 91 -73.36 -22.20 15.66
N SER B 92 -73.46 -23.51 15.49
CA SER B 92 -73.40 -24.09 14.17
C SER B 92 -74.63 -23.70 13.32
N ASP B 93 -75.79 -23.54 13.95
CA ASP B 93 -76.99 -23.11 13.22
C ASP B 93 -76.87 -21.64 12.85
N LEU B 94 -76.32 -20.87 13.75
CA LEU B 94 -76.01 -19.46 13.46
C LEU B 94 -74.92 -19.32 12.38
N ALA B 95 -74.00 -20.23 12.28
CA ALA B 95 -72.99 -20.16 11.27
C ALA B 95 -73.51 -20.53 9.92
N ALA B 96 -74.63 -21.19 9.90
CA ALA B 96 -75.20 -21.76 8.67
C ALA B 96 -76.37 -20.94 8.16
N ASP B 97 -76.93 -20.11 9.04
CA ASP B 97 -78.09 -19.33 8.68
C ASP B 97 -77.94 -17.91 9.21
N THR B 98 -77.83 -16.97 8.28
CA THR B 98 -77.44 -15.62 8.60
C THR B 98 -78.65 -14.70 8.78
N ALA B 99 -79.85 -15.24 8.68
CA ALA B 99 -81.04 -14.46 8.97
C ALA B 99 -82.11 -15.32 9.66
N PHE B 100 -82.91 -14.69 10.51
CA PHE B 100 -84.06 -15.36 11.11
C PHE B 100 -85.01 -14.34 11.72
N ASP B 101 -86.28 -14.74 11.83
CA ASP B 101 -87.28 -13.96 12.54
C ASP B 101 -87.39 -14.55 13.92
N ALA B 102 -87.63 -13.72 14.92
CA ALA B 102 -88.09 -14.19 16.21
C ALA B 102 -89.61 -13.89 16.31
N VAL B 103 -90.42 -14.89 16.64
CA VAL B 103 -91.90 -14.74 16.63
C VAL B 103 -92.42 -14.99 18.05
N VAL B 104 -93.12 -14.02 18.62
CA VAL B 104 -93.80 -14.16 19.91
C VAL B 104 -95.28 -14.39 19.65
N THR B 105 -95.84 -15.40 20.29
CA THR B 105 -97.25 -15.69 20.13
C THR B 105 -97.97 -15.21 21.36
N SER B 106 -99.01 -14.39 21.17
CA SER B 106 -99.77 -13.84 22.30
C SER B 106 -101.26 -14.06 22.16
N SER B 107 -102.00 -13.82 23.24
CA SER B 107 -103.46 -13.83 23.19
C SER B 107 -104.07 -12.66 23.96
N ASP B 108 -105.27 -12.22 23.58
CA ASP B 108 -105.98 -11.27 24.41
C ASP B 108 -106.88 -12.01 25.39
N ALA B 109 -107.55 -11.25 26.19
CA ALA B 109 -108.43 -11.85 27.17
C ALA B 109 -109.55 -12.61 26.55
N ALA B 110 -109.97 -12.23 25.36
CA ALA B 110 -111.04 -12.93 24.65
C ALA B 110 -110.56 -14.24 24.02
N GLY B 111 -109.23 -14.42 24.00
CA GLY B 111 -108.60 -15.64 23.55
C GLY B 111 -108.24 -15.65 22.08
N ASN B 112 -108.37 -14.51 21.43
CA ASN B 112 -107.82 -14.30 20.09
C ASN B 112 -106.30 -14.44 20.17
N THR B 113 -105.65 -14.96 19.13
CA THR B 113 -104.19 -15.13 19.14
C THR B 113 -103.51 -14.25 18.10
N VAL B 114 -102.24 -13.96 18.30
CA VAL B 114 -101.54 -13.13 17.35
C VAL B 114 -100.03 -13.39 17.38
N ASP B 115 -99.38 -13.39 16.22
CA ASP B 115 -97.92 -13.52 16.15
C ASP B 115 -97.29 -12.15 15.95
N THR B 116 -96.30 -11.81 16.81
CA THR B 116 -95.48 -10.63 16.58
C THR B 116 -94.09 -11.06 16.10
N THR B 117 -93.65 -10.46 15.01
CA THR B 117 -92.35 -10.76 14.43
C THR B 117 -91.37 -9.58 14.55
N GLY B 118 -90.14 -9.93 14.90
CA GLY B 118 -88.97 -9.10 14.76
C GLY B 118 -87.92 -9.94 14.05
N SER B 119 -86.96 -9.29 13.42
CA SER B 119 -86.06 -9.98 12.51
C SER B 119 -84.61 -9.73 12.91
N SER B 120 -83.75 -10.66 12.52
CA SER B 120 -82.32 -10.52 12.82
C SER B 120 -81.44 -10.86 11.61
N THR B 121 -80.34 -10.12 11.43
CA THR B 121 -79.30 -10.60 10.55
C THR B 121 -77.99 -10.63 11.31
N HIS B 122 -77.02 -11.41 10.79
CA HIS B 122 -75.64 -11.37 11.25
C HIS B 122 -74.73 -11.91 10.15
N THR B 123 -73.43 -11.88 10.38
CA THR B 123 -72.48 -12.41 9.40
C THR B 123 -71.62 -13.46 10.06
N VAL B 124 -71.02 -14.31 9.26
CA VAL B 124 -70.19 -15.41 9.69
C VAL B 124 -68.79 -15.36 9.09
N ASP B 125 -67.81 -15.57 9.93
CA ASP B 125 -66.43 -15.72 9.46
C ASP B 125 -65.69 -16.70 10.36
N THR B 126 -65.56 -17.91 9.86
CA THR B 126 -65.21 -19.08 10.63
C THR B 126 -63.78 -19.60 10.33
N GLU B 127 -62.90 -18.83 9.73
N GLU B 127 -62.98 -18.80 9.65
CA GLU B 127 -61.59 -19.30 9.25
CA GLU B 127 -61.62 -19.21 9.31
C GLU B 127 -60.64 -18.10 9.05
C GLU B 127 -60.71 -18.00 9.16
N ALA B 128 -59.53 -18.11 9.76
CA ALA B 128 -58.47 -17.15 9.53
C ALA B 128 -57.55 -17.82 8.52
N THR B 129 -56.77 -17.05 7.78
CA THR B 129 -56.00 -17.58 6.67
C THR B 129 -54.50 -17.47 6.97
N ALA B 130 -53.77 -18.56 6.96
CA ALA B 130 -52.33 -18.54 7.12
C ALA B 130 -51.65 -17.94 5.96
N GLY B 131 -50.42 -17.49 6.19
CA GLY B 131 -49.64 -16.91 5.10
C GLY B 131 -48.39 -17.72 4.82
N THR B 132 -47.28 -17.02 4.59
CA THR B 132 -46.03 -17.67 4.31
C THR B 132 -44.96 -16.99 5.18
N VAL B 133 -44.16 -17.75 5.91
CA VAL B 133 -43.09 -17.23 6.75
C VAL B 133 -41.78 -17.87 6.33
N THR B 134 -40.73 -17.08 6.29
CA THR B 134 -39.42 -17.58 5.95
C THR B 134 -38.40 -16.98 6.89
N VAL B 135 -37.31 -17.71 7.08
CA VAL B 135 -36.17 -17.20 7.84
C VAL B 135 -34.98 -17.06 6.91
N ASN B 136 -34.37 -15.87 6.92
CA ASN B 136 -33.19 -15.56 6.12
C ASN B 136 -31.95 -16.36 6.59
N ALA B 137 -30.88 -16.35 5.78
CA ALA B 137 -29.65 -17.00 6.22
C ALA B 137 -29.29 -16.41 7.58
N ILE B 138 -28.73 -17.23 8.47
CA ILE B 138 -28.26 -16.79 9.78
C ILE B 138 -26.85 -16.20 9.60
N THR B 139 -26.76 -14.87 9.70
CA THR B 139 -25.64 -14.05 9.20
C THR B 139 -25.50 -14.22 7.69
N SER B 140 -24.65 -13.45 7.07
CA SER B 140 -24.54 -13.43 5.64
C SER B 140 -24.30 -14.81 5.00
N ASP B 141 -23.56 -15.63 5.72
CA ASP B 141 -23.13 -16.90 5.23
C ASP B 141 -23.88 -18.13 5.78
N ASP B 142 -24.90 -17.93 6.58
CA ASP B 142 -25.63 -19.03 7.15
C ASP B 142 -24.69 -19.87 8.02
N VAL B 143 -23.69 -19.22 8.56
CA VAL B 143 -22.74 -19.85 9.43
C VAL B 143 -22.48 -18.92 10.59
N ILE B 144 -22.46 -19.47 11.81
CA ILE B 144 -22.11 -18.70 13.00
C ILE B 144 -20.64 -18.96 13.33
N ASN B 145 -19.86 -17.87 13.30
CA ASN B 145 -18.44 -17.95 13.60
C ASN B 145 -18.18 -17.51 15.03
N ALA B 146 -16.89 -17.37 15.39
CA ALA B 146 -16.53 -17.01 16.76
C ALA B 146 -16.90 -15.57 17.15
N SER B 147 -16.73 -14.63 16.23
CA SER B 147 -17.05 -13.26 16.60
C SER B 147 -18.55 -13.03 16.61
N GLU B 148 -19.31 -13.84 15.85
CA GLU B 148 -20.77 -13.77 15.89
C GLU B 148 -21.28 -14.44 17.17
N ALA B 149 -20.66 -15.56 17.54
CA ALA B 149 -21.12 -16.34 18.68
C ALA B 149 -20.91 -15.55 19.97
N ALA B 150 -19.99 -14.60 19.95
CA ALA B 150 -19.65 -13.85 21.14
C ALA B 150 -20.42 -12.54 21.27
N GLY B 151 -21.23 -12.22 20.25
CA GLY B 151 -21.94 -10.94 20.20
C GLY B 151 -23.44 -11.11 19.93
N THR B 152 -24.08 -10.05 19.44
CA THR B 152 -25.51 -10.08 19.14
C THR B 152 -25.74 -10.20 17.62
N VAL B 153 -26.55 -11.17 17.21
CA VAL B 153 -26.89 -11.38 15.81
C VAL B 153 -28.33 -10.98 15.57
N ALA B 154 -28.57 -10.29 14.46
CA ALA B 154 -29.95 -10.01 14.02
C ALA B 154 -30.42 -11.15 13.15
N VAL B 155 -31.45 -11.85 13.61
CA VAL B 155 -32.11 -12.89 12.85
C VAL B 155 -33.31 -12.24 12.22
N SER B 156 -33.50 -12.50 10.92
CA SER B 156 -34.56 -11.85 10.15
C SER B 156 -35.15 -12.80 9.15
N GLY B 157 -36.25 -12.34 8.54
CA GLY B 157 -37.05 -13.15 7.64
C GLY B 157 -38.24 -12.36 7.12
N THR B 158 -39.21 -13.06 6.59
CA THR B 158 -40.36 -12.47 6.06
C THR B 158 -41.62 -13.13 6.62
N ALA B 159 -42.73 -12.42 6.47
CA ALA B 159 -44.04 -12.91 6.90
C ALA B 159 -45.12 -12.13 6.17
N THR B 160 -45.87 -12.85 5.34
CA THR B 160 -46.77 -12.19 4.42
C THR B 160 -47.76 -13.22 3.91
N GLY B 161 -48.86 -12.75 3.33
CA GLY B 161 -49.91 -13.63 2.84
C GLY B 161 -51.04 -13.84 3.84
N GLY B 162 -52.21 -14.22 3.34
CA GLY B 162 -53.34 -14.48 4.21
C GLY B 162 -53.63 -13.31 5.15
N ASP B 163 -53.78 -13.64 6.44
CA ASP B 163 -54.15 -12.67 7.44
C ASP B 163 -52.96 -12.00 8.10
N ILE B 164 -51.76 -12.39 7.72
CA ILE B 164 -50.60 -11.77 8.34
C ILE B 164 -50.63 -10.28 8.04
N ALA B 165 -50.35 -9.47 9.05
CA ALA B 165 -50.38 -8.02 8.92
C ALA B 165 -49.23 -7.39 9.68
N GLU B 166 -48.88 -6.17 9.29
CA GLU B 166 -47.93 -5.36 10.06
C GLU B 166 -48.35 -5.39 11.52
N GLY B 167 -47.39 -5.69 12.39
CA GLY B 167 -47.64 -5.73 13.82
C GLY B 167 -47.95 -7.11 14.42
N ASP B 168 -48.16 -8.12 13.58
CA ASP B 168 -48.31 -9.47 14.07
C ASP B 168 -47.06 -9.93 14.84
N THR B 169 -47.25 -10.78 15.81
CA THR B 169 -46.22 -11.22 16.67
C THR B 169 -45.39 -12.29 15.97
N VAL B 170 -44.08 -12.19 16.06
CA VAL B 170 -43.18 -13.24 15.65
C VAL B 170 -42.51 -13.82 16.90
N THR B 171 -42.54 -15.13 16.99
CA THR B 171 -41.92 -15.81 18.12
C THR B 171 -40.92 -16.84 17.62
N LEU B 172 -39.73 -16.78 18.15
CA LEU B 172 -38.64 -17.70 17.87
C LEU B 172 -38.14 -18.29 19.18
N GLU B 173 -38.02 -19.58 19.23
CA GLU B 173 -37.44 -20.27 20.37
C GLU B 173 -36.11 -20.84 20.02
N ILE B 174 -35.05 -20.25 20.55
CA ILE B 174 -33.68 -20.61 20.15
C ILE B 174 -32.85 -20.91 21.39
N ASN B 175 -32.39 -22.14 21.49
CA ASN B 175 -31.63 -22.59 22.66
C ASN B 175 -32.42 -22.38 23.94
N GLY B 176 -33.75 -22.52 23.82
CA GLY B 176 -34.61 -22.48 24.98
C GLY B 176 -35.00 -21.06 25.35
N GLU B 177 -34.39 -20.08 24.71
CA GLU B 177 -34.80 -18.71 24.97
C GLU B 177 -35.76 -18.19 23.89
N THR B 178 -36.83 -17.59 24.37
CA THR B 178 -37.93 -17.17 23.51
C THR B 178 -37.79 -15.69 23.10
N TYR B 179 -37.55 -15.47 21.81
CA TYR B 179 -37.37 -14.18 21.24
C TYR B 179 -38.65 -13.79 20.54
N THR B 180 -39.06 -12.55 20.70
CA THR B 180 -40.26 -12.09 20.01
C THR B 180 -39.99 -10.81 19.26
N THR B 181 -40.73 -10.58 18.18
CA THR B 181 -40.74 -9.26 17.57
C THR B 181 -42.05 -9.10 16.79
N THR B 182 -42.18 -8.05 15.99
CA THR B 182 -43.39 -7.88 15.16
C THR B 182 -43.07 -7.76 13.66
N VAL B 183 -44.02 -8.17 12.85
CA VAL B 183 -43.95 -8.03 11.39
C VAL B 183 -43.98 -6.55 11.00
N ASP B 184 -43.05 -6.12 10.16
CA ASP B 184 -43.03 -4.72 9.75
C ASP B 184 -43.95 -4.45 8.56
N ALA B 185 -44.05 -3.18 8.18
CA ALA B 185 -44.94 -2.73 7.12
C ALA B 185 -44.62 -3.36 5.78
N ASN B 186 -43.39 -3.86 5.64
CA ASN B 186 -42.94 -4.40 4.38
C ASN B 186 -43.07 -5.93 4.35
N GLY B 187 -43.52 -6.54 5.42
CA GLY B 187 -43.62 -7.95 5.48
C GLY B 187 -42.33 -8.65 5.87
N GLU B 188 -41.39 -7.86 6.38
CA GLU B 188 -40.16 -8.42 6.91
C GLU B 188 -40.20 -8.39 8.42
N TRP B 189 -39.22 -9.05 9.03
CA TRP B 189 -39.05 -8.96 10.47
C TRP B 189 -37.60 -9.23 10.81
N SER B 190 -37.21 -8.74 11.97
CA SER B 190 -35.87 -8.95 12.46
C SER B 190 -35.89 -8.88 13.98
N VAL B 191 -35.03 -9.68 14.61
CA VAL B 191 -34.96 -9.67 16.05
C VAL B 191 -33.53 -9.98 16.47
N ASP B 192 -33.07 -9.22 17.42
CA ASP B 192 -31.74 -9.40 17.89
C ASP B 192 -31.62 -10.59 18.84
N VAL B 193 -30.70 -11.47 18.55
CA VAL B 193 -30.53 -12.72 19.27
C VAL B 193 -29.07 -12.87 19.78
N ALA B 194 -28.89 -13.41 20.96
CA ALA B 194 -27.55 -13.75 21.45
C ALA B 194 -26.87 -14.76 20.52
N GLY B 195 -25.64 -14.46 20.11
CA GLY B 195 -24.88 -15.38 19.29
C GLY B 195 -24.71 -16.72 19.98
N SER B 196 -24.56 -16.67 21.30
CA SER B 196 -24.42 -17.87 22.12
C SER B 196 -25.56 -18.87 21.91
N ASP B 197 -26.78 -18.36 21.83
CA ASP B 197 -27.94 -19.21 21.62
C ASP B 197 -27.87 -19.80 20.22
N LEU B 198 -27.38 -19.01 19.27
CA LEU B 198 -27.28 -19.48 17.88
C LEU B 198 -26.05 -20.40 17.67
N ALA B 199 -25.05 -20.32 18.56
CA ALA B 199 -23.95 -21.26 18.49
C ALA B 199 -24.42 -22.63 18.98
N ALA B 200 -25.42 -22.62 19.86
CA ALA B 200 -25.81 -23.81 20.62
C ALA B 200 -27.00 -24.54 19.99
N ASP B 201 -27.80 -23.83 19.20
CA ASP B 201 -28.98 -24.44 18.59
C ASP B 201 -29.03 -24.07 17.12
N THR B 202 -28.93 -25.10 16.28
CA THR B 202 -28.70 -24.93 14.85
C THR B 202 -29.98 -25.09 14.07
N ALA B 203 -31.11 -25.20 14.77
CA ALA B 203 -32.40 -25.30 14.09
C ALA B 203 -33.54 -24.76 14.92
N PHE B 204 -34.39 -24.01 14.28
CA PHE B 204 -35.56 -23.45 14.95
C PHE B 204 -36.67 -22.99 13.99
N ASP B 205 -37.84 -22.71 14.55
CA ASP B 205 -38.97 -22.22 13.77
C ASP B 205 -39.28 -20.77 14.12
N ALA B 206 -39.83 -20.05 13.17
CA ALA B 206 -40.49 -18.79 13.43
C ALA B 206 -41.95 -18.98 13.26
N VAL B 207 -42.68 -18.52 14.23
CA VAL B 207 -44.13 -18.64 14.22
C VAL B 207 -44.70 -17.25 14.28
N VAL B 208 -45.52 -16.93 13.29
CA VAL B 208 -46.21 -15.66 13.22
C VAL B 208 -47.68 -15.91 13.50
N THR B 209 -48.23 -15.15 14.44
CA THR B 209 -49.59 -15.36 14.91
C THR B 209 -50.42 -14.22 14.39
N SER B 210 -51.41 -14.57 13.63
CA SER B 210 -52.29 -13.61 13.07
C SER B 210 -53.77 -13.80 13.41
N SER B 211 -54.51 -12.72 13.17
CA SER B 211 -55.92 -12.58 13.46
C SER B 211 -56.76 -11.85 12.41
N ASP B 212 -58.03 -12.21 12.31
CA ASP B 212 -58.96 -11.48 11.45
C ASP B 212 -59.88 -10.60 12.30
N ALA B 213 -60.74 -9.82 11.65
CA ALA B 213 -61.60 -8.91 12.40
C ALA B 213 -62.54 -9.67 13.33
N ALA B 214 -62.86 -10.90 12.97
CA ALA B 214 -63.87 -11.68 13.70
C ALA B 214 -63.31 -12.31 14.98
N GLY B 215 -61.99 -12.28 15.11
CA GLY B 215 -61.34 -12.89 16.25
C GLY B 215 -60.76 -14.27 15.95
N ASN B 216 -60.88 -14.75 14.73
CA ASN B 216 -60.20 -16.03 14.40
C ASN B 216 -58.69 -15.80 14.42
N THR B 217 -57.94 -16.78 14.92
CA THR B 217 -56.49 -16.68 14.96
C THR B 217 -55.84 -17.89 14.31
N VAL B 218 -54.63 -17.68 13.79
CA VAL B 218 -53.86 -18.69 13.08
C VAL B 218 -52.36 -18.46 13.25
N ASP B 219 -51.61 -19.56 13.23
CA ASP B 219 -50.16 -19.49 13.21
C ASP B 219 -49.61 -19.96 11.87
N THR B 220 -48.57 -19.28 11.44
CA THR B 220 -47.85 -19.63 10.21
C THR B 220 -46.40 -19.90 10.60
N THR B 221 -45.86 -20.97 10.12
CA THR B 221 -44.53 -21.35 10.47
C THR B 221 -43.56 -21.36 9.28
N GLY B 222 -42.34 -20.94 9.57
CA GLY B 222 -41.20 -21.04 8.69
C GLY B 222 -40.03 -21.56 9.52
N SER B 223 -39.22 -22.40 8.91
CA SER B 223 -38.20 -23.11 9.66
C SER B 223 -36.82 -22.71 9.15
N SER B 224 -35.83 -22.87 10.02
CA SER B 224 -34.50 -22.42 9.73
C SER B 224 -33.53 -23.45 10.22
N THR B 225 -32.39 -23.53 9.55
CA THR B 225 -31.27 -24.26 10.08
C THR B 225 -30.05 -23.44 9.71
N HIS B 226 -28.99 -23.59 10.48
CA HIS B 226 -27.71 -23.00 10.13
C HIS B 226 -26.60 -23.89 10.64
N THR B 227 -25.36 -23.51 10.35
CA THR B 227 -24.19 -24.26 10.83
C THR B 227 -23.31 -23.38 11.73
N VAL B 228 -22.40 -24.01 12.44
CA VAL B 228 -21.55 -23.34 13.37
C VAL B 228 -20.12 -23.77 13.03
N ASP B 229 -19.24 -22.80 13.00
CA ASP B 229 -17.82 -23.02 12.74
C ASP B 229 -17.13 -22.04 13.55
N THR B 230 -16.43 -22.50 14.53
CA THR B 230 -15.99 -21.42 15.36
C THR B 230 -14.46 -21.50 15.74
N GLU B 231 -13.71 -22.22 14.94
CA GLU B 231 -12.30 -22.05 14.91
C GLU B 231 -11.65 -22.23 13.54
N ALA B 232 -10.70 -21.37 13.25
CA ALA B 232 -9.79 -21.61 12.16
C ALA B 232 -8.67 -22.50 12.68
N THR B 233 -7.95 -23.09 11.73
CA THR B 233 -7.02 -24.15 12.02
C THR B 233 -5.63 -23.69 11.59
N ALA B 234 -4.68 -23.75 12.52
CA ALA B 234 -3.28 -23.44 12.22
C ALA B 234 -2.67 -24.47 11.28
N GLY B 235 -1.57 -24.07 10.65
CA GLY B 235 -0.81 -24.97 9.80
C GLY B 235 0.59 -25.18 10.32
N THR B 236 1.53 -25.12 9.39
CA THR B 236 2.95 -25.33 9.68
C THR B 236 3.75 -24.28 8.92
N VAL B 237 4.59 -23.61 9.67
CA VAL B 237 5.48 -22.59 9.15
C VAL B 237 6.94 -22.99 9.43
N THR B 238 7.78 -22.91 8.42
CA THR B 238 9.20 -23.12 8.64
C THR B 238 9.97 -21.90 8.19
N VAL B 239 11.15 -21.70 8.77
CA VAL B 239 12.08 -20.69 8.29
C VAL B 239 13.41 -21.37 7.93
N ASN B 240 13.89 -21.11 6.75
CA ASN B 240 15.14 -21.62 6.24
C ASN B 240 16.37 -21.00 6.89
N ALA B 241 17.52 -21.53 6.56
CA ALA B 241 18.76 -20.97 7.09
C ALA B 241 18.86 -19.49 6.77
N ILE B 242 19.39 -18.73 7.69
CA ILE B 242 19.68 -17.32 7.44
C ILE B 242 21.04 -17.21 6.71
N THR B 243 20.98 -16.94 5.42
CA THR B 243 22.11 -17.10 4.46
C THR B 243 22.53 -18.57 4.40
N SER B 244 23.34 -18.96 3.41
CA SER B 244 23.64 -20.38 3.16
C SER B 244 24.17 -21.17 4.37
N ASP B 245 24.90 -20.53 5.27
CA ASP B 245 25.46 -21.24 6.41
C ASP B 245 24.75 -20.93 7.73
N ASP B 246 23.64 -20.21 7.65
CA ASP B 246 22.90 -19.85 8.86
C ASP B 246 23.74 -18.94 9.75
N VAL B 247 24.75 -18.28 9.17
CA VAL B 247 25.60 -17.37 9.93
C VAL B 247 25.67 -16.06 9.20
N ILE B 248 25.49 -14.96 9.94
CA ILE B 248 25.52 -13.60 9.42
C ILE B 248 26.92 -13.03 9.57
N ASN B 249 27.57 -12.75 8.44
CA ASN B 249 28.92 -12.20 8.52
C ASN B 249 28.90 -10.70 8.32
N ALA B 250 30.08 -10.09 8.30
CA ALA B 250 30.15 -8.64 8.24
C ALA B 250 29.48 -8.14 6.99
N SER B 251 29.76 -8.78 5.87
CA SER B 251 29.29 -8.35 4.55
C SER B 251 27.78 -8.55 4.41
N GLU B 252 27.28 -9.64 4.97
CA GLU B 252 25.83 -9.88 5.02
C GLU B 252 25.14 -8.83 5.91
N ALA B 253 25.67 -8.57 7.11
CA ALA B 253 25.14 -7.51 7.97
C ALA B 253 25.04 -6.14 7.29
N ALA B 254 25.96 -5.82 6.38
CA ALA B 254 25.99 -4.51 5.76
C ALA B 254 25.03 -4.40 4.59
N GLY B 255 24.55 -5.55 4.11
CA GLY B 255 23.63 -5.59 2.99
C GLY B 255 22.24 -6.09 3.38
N THR B 256 21.53 -6.59 2.39
CA THR B 256 20.20 -7.14 2.64
C THR B 256 20.23 -8.66 2.50
N VAL B 257 19.34 -9.33 3.25
CA VAL B 257 19.25 -10.80 3.24
C VAL B 257 17.79 -11.25 2.97
N ALA B 258 17.67 -12.29 2.15
CA ALA B 258 16.38 -12.89 1.88
C ALA B 258 16.17 -13.94 2.93
N VAL B 259 15.19 -13.72 3.82
CA VAL B 259 14.82 -14.70 4.79
C VAL B 259 13.61 -15.36 4.18
N SER B 260 13.67 -16.67 3.97
CA SER B 260 12.53 -17.38 3.38
C SER B 260 12.16 -18.65 4.14
N GLY B 261 11.10 -19.29 3.68
CA GLY B 261 10.58 -20.46 4.35
C GLY B 261 9.28 -20.95 3.72
N THR B 262 8.53 -21.72 4.50
CA THR B 262 7.32 -22.31 3.96
C THR B 262 6.15 -22.06 4.88
N ALA B 263 4.96 -22.20 4.36
CA ALA B 263 3.75 -22.07 5.12
C ALA B 263 2.66 -22.90 4.44
N THR B 264 2.21 -23.91 5.09
CA THR B 264 1.19 -24.79 4.52
C THR B 264 0.42 -25.50 5.62
N GLY B 265 -0.68 -26.13 5.22
CA GLY B 265 -1.50 -26.90 6.13
C GLY B 265 -2.55 -26.02 6.79
N GLY B 266 -3.60 -26.65 7.33
CA GLY B 266 -4.63 -25.93 8.04
C GLY B 266 -5.33 -24.99 7.08
N ASP B 267 -5.64 -23.80 7.57
CA ASP B 267 -6.30 -22.80 6.77
C ASP B 267 -5.30 -21.82 6.10
N ILE B 268 -4.02 -22.15 6.13
CA ILE B 268 -3.08 -21.34 5.42
C ILE B 268 -3.34 -21.42 3.91
N ALA B 269 -3.49 -20.29 3.26
CA ALA B 269 -3.71 -20.20 1.78
C ALA B 269 -2.78 -19.17 1.17
N GLU B 270 -2.63 -19.18 -0.17
CA GLU B 270 -1.83 -18.14 -0.87
C GLU B 270 -2.43 -16.78 -0.55
N GLY B 271 -1.56 -15.80 -0.33
CA GLY B 271 -1.98 -14.43 -0.08
C GLY B 271 -2.04 -14.05 1.39
N ASP B 272 -1.95 -15.06 2.26
CA ASP B 272 -1.91 -14.84 3.71
C ASP B 272 -0.64 -14.07 4.04
N THR B 273 -0.77 -13.11 4.91
CA THR B 273 0.32 -12.31 5.44
C THR B 273 1.26 -13.12 6.33
N VAL B 274 2.53 -12.94 6.03
CA VAL B 274 3.61 -13.37 6.87
C VAL B 274 4.24 -12.13 7.56
N THR B 275 4.35 -12.21 8.85
CA THR B 275 4.89 -11.21 9.71
C THR B 275 6.09 -11.72 10.50
N LEU B 276 7.20 -10.99 10.41
CA LEU B 276 8.39 -11.20 11.19
C LEU B 276 8.83 -9.97 11.96
N GLU B 277 9.19 -10.08 13.22
CA GLU B 277 9.73 -8.97 13.98
C GLU B 277 11.10 -9.34 14.41
N ILE B 278 12.05 -8.59 13.87
CA ILE B 278 13.45 -8.86 14.04
C ILE B 278 14.09 -7.55 14.42
N ASN B 279 14.71 -7.52 15.58
CA ASN B 279 15.30 -6.29 16.10
C ASN B 279 14.32 -5.15 16.18
N GLY B 280 13.06 -5.47 16.48
CA GLY B 280 12.03 -4.48 16.65
C GLY B 280 11.45 -3.88 15.38
N GLU B 281 11.93 -4.34 14.25
CA GLU B 281 11.39 -3.98 12.99
C GLU B 281 10.41 -5.03 12.45
N THR B 282 9.28 -4.56 12.01
CA THR B 282 8.22 -5.33 11.42
C THR B 282 8.46 -5.50 9.94
N TYR B 283 8.72 -6.72 9.45
CA TYR B 283 8.75 -7.07 8.04
C TYR B 283 7.51 -7.89 7.67
N THR B 284 7.03 -7.72 6.45
CA THR B 284 5.89 -8.49 5.98
C THR B 284 6.06 -8.90 4.53
N THR B 285 5.51 -10.08 4.22
CA THR B 285 5.33 -10.53 2.84
C THR B 285 4.05 -11.38 2.83
N THR B 286 3.78 -12.04 1.71
CA THR B 286 2.60 -12.92 1.64
C THR B 286 3.03 -14.30 1.15
N VAL B 287 2.30 -15.32 1.58
CA VAL B 287 2.56 -16.70 1.16
C VAL B 287 2.24 -16.81 -0.31
N ASP B 288 3.23 -17.27 -1.09
CA ASP B 288 3.02 -17.44 -2.51
C ASP B 288 2.13 -18.66 -2.77
N ALA B 289 1.89 -18.93 -4.02
CA ALA B 289 1.04 -19.99 -4.45
C ALA B 289 1.69 -21.39 -4.43
N ASN B 290 2.84 -21.53 -3.77
CA ASN B 290 3.46 -22.84 -3.67
C ASN B 290 3.79 -23.20 -2.21
N GLY B 291 3.22 -22.42 -1.31
CA GLY B 291 3.43 -22.65 0.11
C GLY B 291 4.80 -22.11 0.52
N GLU B 292 5.32 -21.15 -0.25
CA GLU B 292 6.61 -20.56 0.06
C GLU B 292 6.46 -19.07 0.29
N TRP B 293 7.42 -18.47 0.98
CA TRP B 293 7.40 -17.04 1.22
C TRP B 293 8.85 -16.57 1.32
N SER B 294 9.09 -15.31 1.01
CA SER B 294 10.44 -14.75 1.10
C SER B 294 10.33 -13.27 1.40
N VAL B 295 11.25 -12.73 2.19
CA VAL B 295 11.20 -11.30 2.45
C VAL B 295 12.61 -10.74 2.65
N ASP B 296 12.83 -9.53 2.16
CA ASP B 296 14.14 -8.90 2.24
C ASP B 296 14.26 -8.21 3.59
N VAL B 297 15.29 -8.59 4.33
CA VAL B 297 15.50 -8.06 5.66
C VAL B 297 16.89 -7.41 5.67
N ALA B 298 17.01 -6.30 6.39
CA ALA B 298 18.30 -5.65 6.47
C ALA B 298 19.26 -6.54 7.32
N GLY B 299 20.50 -6.68 6.87
CA GLY B 299 21.44 -7.54 7.60
C GLY B 299 21.67 -7.07 9.03
N SER B 300 21.50 -5.78 9.27
CA SER B 300 21.83 -5.17 10.55
C SER B 300 20.89 -5.66 11.67
N ASP B 301 19.63 -5.84 11.31
CA ASP B 301 18.61 -6.35 12.21
C ASP B 301 18.89 -7.81 12.50
N LEU B 302 19.26 -8.54 11.48
CA LEU B 302 19.65 -9.92 11.64
C LEU B 302 20.95 -9.99 12.45
N ALA B 303 21.80 -8.96 12.37
CA ALA B 303 23.04 -8.96 13.13
C ALA B 303 22.78 -8.68 14.58
N ALA B 304 21.66 -8.03 14.88
CA ALA B 304 21.30 -7.64 16.26
C ALA B 304 20.38 -8.56 16.99
N ASP B 305 19.70 -9.39 16.22
CA ASP B 305 18.68 -10.24 16.75
C ASP B 305 18.79 -11.64 16.19
N THR B 306 19.19 -12.59 17.01
CA THR B 306 19.54 -13.91 16.52
C THR B 306 18.41 -14.91 16.62
N ALA B 307 17.22 -14.45 16.97
CA ALA B 307 16.05 -15.32 16.93
C ALA B 307 14.82 -14.51 16.56
N PHE B 308 13.91 -15.17 15.89
CA PHE B 308 12.64 -14.58 15.53
C PHE B 308 11.58 -15.59 15.15
N ASP B 309 10.31 -15.20 15.31
CA ASP B 309 9.21 -16.05 14.89
C ASP B 309 8.75 -15.54 13.56
N ALA B 310 8.31 -16.44 12.71
CA ALA B 310 7.61 -16.02 11.52
C ALA B 310 6.15 -16.40 11.73
N VAL B 311 5.24 -15.43 11.59
CA VAL B 311 3.81 -15.64 11.85
C VAL B 311 3.01 -15.46 10.56
N VAL B 312 2.22 -16.44 10.22
CA VAL B 312 1.29 -16.36 9.13
C VAL B 312 -0.13 -16.18 9.69
N THR B 313 -0.90 -15.28 9.10
CA THR B 313 -2.23 -15.00 9.62
C THR B 313 -3.20 -15.52 8.55
N SER B 314 -4.13 -16.40 8.94
CA SER B 314 -5.01 -17.05 7.99
C SER B 314 -6.45 -17.01 8.48
N SER B 315 -7.40 -17.32 7.60
CA SER B 315 -8.80 -17.37 8.00
C SER B 315 -9.52 -18.48 7.30
N ASP B 316 -10.52 -19.03 7.98
CA ASP B 316 -11.36 -20.03 7.35
C ASP B 316 -12.48 -19.35 6.57
N ALA B 317 -13.29 -20.17 5.92
CA ALA B 317 -14.44 -19.71 5.19
C ALA B 317 -15.36 -18.86 6.06
N ALA B 318 -15.48 -19.24 7.32
CA ALA B 318 -16.45 -18.58 8.20
C ALA B 318 -15.90 -17.25 8.68
N GLY B 319 -14.62 -17.01 8.44
CA GLY B 319 -13.99 -15.77 8.84
C GLY B 319 -13.38 -15.80 10.24
N ASN B 320 -13.23 -16.99 10.81
CA ASN B 320 -12.40 -17.11 11.98
C ASN B 320 -10.97 -16.92 11.51
N THR B 321 -10.13 -16.41 12.41
CA THR B 321 -8.75 -16.09 12.12
C THR B 321 -7.84 -16.84 13.06
N VAL B 322 -6.64 -17.14 12.58
CA VAL B 322 -5.67 -17.89 13.34
C VAL B 322 -4.26 -17.48 12.92
N ASP B 323 -3.35 -17.44 13.89
CA ASP B 323 -1.94 -17.21 13.65
C ASP B 323 -1.18 -18.55 13.68
N THR B 324 -0.34 -18.78 12.67
CA THR B 324 0.54 -19.94 12.66
C THR B 324 1.97 -19.45 12.74
N THR B 325 2.70 -19.97 13.72
CA THR B 325 4.05 -19.54 14.03
C THR B 325 5.08 -20.60 13.68
N GLY B 326 6.18 -20.19 13.08
CA GLY B 326 7.37 -20.96 12.98
C GLY B 326 8.52 -20.09 13.47
N SER B 327 9.60 -20.73 13.92
CA SER B 327 10.68 -20.01 14.59
CA SER B 327 10.68 -20.02 14.60
C SER B 327 12.04 -20.25 13.93
N SER B 328 12.90 -19.25 14.03
CA SER B 328 14.23 -19.31 13.45
C SER B 328 15.29 -18.89 14.48
N THR B 329 16.45 -19.54 14.44
CA THR B 329 17.63 -18.97 15.08
C THR B 329 18.73 -18.86 14.05
N HIS B 330 19.72 -18.01 14.32
CA HIS B 330 20.99 -18.03 13.58
C HIS B 330 22.11 -17.50 14.46
N THR B 331 23.32 -17.47 13.89
CA THR B 331 24.55 -16.97 14.53
C THR B 331 25.00 -15.68 13.91
N VAL B 332 25.77 -14.90 14.63
CA VAL B 332 26.39 -13.70 14.08
C VAL B 332 27.89 -13.75 14.35
N ASP B 333 28.66 -13.45 13.31
CA ASP B 333 30.09 -13.23 13.45
C ASP B 333 30.48 -12.19 12.43
N THR B 334 30.48 -10.94 12.83
CA THR B 334 30.77 -9.83 11.92
C THR B 334 32.24 -9.29 11.93
N GLU B 335 33.14 -10.04 12.52
CA GLU B 335 34.50 -9.53 12.52
C GLU B 335 35.56 -10.63 12.59
N ALA B 336 36.60 -10.35 11.81
CA ALA B 336 37.78 -11.20 11.77
C ALA B 336 38.88 -10.48 12.53
N THR B 337 39.82 -11.24 13.09
CA THR B 337 40.80 -10.68 14.01
C THR B 337 42.15 -10.70 13.35
N ALA B 338 42.75 -9.56 13.13
CA ALA B 338 44.14 -9.51 12.66
C ALA B 338 45.10 -10.02 13.65
N GLY B 339 46.29 -10.31 13.21
CA GLY B 339 47.28 -10.90 14.08
C GLY B 339 48.52 -10.02 14.13
N THR B 340 49.67 -10.66 14.03
CA THR B 340 50.95 -9.95 14.10
C THR B 340 51.86 -10.56 13.03
N VAL B 341 52.44 -9.72 12.19
CA VAL B 341 53.32 -10.20 11.12
C VAL B 341 54.69 -9.54 11.24
N THR B 342 55.74 -10.34 11.10
CA THR B 342 57.08 -9.79 11.06
C THR B 342 57.92 -10.31 9.91
N VAL B 343 58.89 -9.49 9.53
CA VAL B 343 59.88 -9.87 8.55
C VAL B 343 61.25 -9.92 9.23
N ASN B 344 61.93 -11.05 9.10
CA ASN B 344 63.26 -11.24 9.63
C ASN B 344 64.30 -10.40 8.88
N ALA B 345 65.53 -10.44 9.38
CA ALA B 345 66.61 -9.77 8.70
C ALA B 345 66.74 -10.27 7.31
N ILE B 346 67.01 -9.42 6.38
CA ILE B 346 67.21 -9.84 5.01
C ILE B 346 68.61 -10.42 4.93
N THR B 347 68.71 -11.73 4.88
CA THR B 347 70.00 -12.43 5.02
C THR B 347 70.50 -12.26 6.45
N SER B 348 71.46 -13.08 6.87
CA SER B 348 71.87 -13.09 8.27
C SER B 348 72.18 -11.69 8.84
N ASP B 349 72.73 -10.80 8.02
CA ASP B 349 73.16 -9.48 8.50
C ASP B 349 72.27 -8.29 8.05
N ASP B 350 71.12 -8.57 7.42
CA ASP B 350 70.23 -7.51 6.96
C ASP B 350 70.87 -6.59 5.90
N VAL B 351 71.92 -7.06 5.24
CA VAL B 351 72.52 -6.34 4.13
C VAL B 351 72.55 -7.29 2.96
N ILE B 352 72.17 -6.82 1.78
CA ILE B 352 72.36 -7.54 0.55
C ILE B 352 73.73 -7.22 -0.08
N ASN B 353 74.51 -8.24 -0.34
CA ASN B 353 75.83 -8.08 -0.93
C ASN B 353 75.84 -8.53 -2.38
N ALA B 354 77.01 -8.50 -3.01
CA ALA B 354 77.07 -8.81 -4.43
C ALA B 354 76.75 -10.27 -4.74
N SER B 355 77.12 -11.18 -3.85
CA SER B 355 76.88 -12.59 -4.12
C SER B 355 75.38 -12.89 -3.99
N GLU B 356 74.77 -12.33 -2.95
CA GLU B 356 73.32 -12.43 -2.71
C GLU B 356 72.54 -11.74 -3.83
N ALA B 357 73.02 -10.59 -4.29
CA ALA B 357 72.30 -9.84 -5.32
C ALA B 357 72.20 -10.64 -6.60
N ALA B 358 73.20 -11.49 -6.85
CA ALA B 358 73.26 -12.28 -8.08
C ALA B 358 72.52 -13.63 -7.96
N GLY B 359 72.02 -13.95 -6.78
CA GLY B 359 71.41 -15.24 -6.54
C GLY B 359 69.98 -15.14 -6.09
N THR B 360 69.53 -16.18 -5.40
CA THR B 360 68.20 -16.19 -4.79
C THR B 360 68.33 -16.09 -3.27
N VAL B 361 67.46 -15.29 -2.64
CA VAL B 361 67.51 -15.12 -1.20
C VAL B 361 66.17 -15.52 -0.61
N ALA B 362 66.23 -16.24 0.50
CA ALA B 362 65.05 -16.63 1.23
C ALA B 362 64.66 -15.48 2.15
N VAL B 363 63.51 -14.88 1.88
CA VAL B 363 62.93 -13.89 2.76
C VAL B 363 61.96 -14.65 3.67
N SER B 364 62.15 -14.49 4.98
CA SER B 364 61.33 -15.21 5.97
C SER B 364 60.82 -14.30 7.04
N GLY B 365 59.92 -14.83 7.87
CA GLY B 365 59.31 -14.06 8.94
C GLY B 365 58.28 -14.88 9.70
N THR B 366 57.41 -14.18 10.41
CA THR B 366 56.35 -14.77 11.16
C THR B 366 54.96 -14.20 10.86
N ALA B 367 53.94 -14.97 11.24
CA ALA B 367 52.57 -14.54 11.10
C ALA B 367 51.79 -15.36 12.11
N THR B 368 51.20 -14.69 13.08
CA THR B 368 50.56 -15.40 14.18
C THR B 368 49.67 -14.43 14.89
N GLY B 369 48.69 -14.97 15.60
CA GLY B 369 47.76 -14.15 16.37
C GLY B 369 46.43 -13.98 15.63
N GLY B 370 45.36 -13.68 16.38
CA GLY B 370 44.06 -13.47 15.76
C GLY B 370 43.67 -14.68 14.92
N ASP B 371 43.12 -14.43 13.74
CA ASP B 371 42.65 -15.49 12.84
C ASP B 371 43.74 -16.02 11.90
N ILE B 372 44.97 -15.55 12.06
CA ILE B 372 46.04 -16.07 11.22
C ILE B 372 46.20 -17.56 11.49
N ALA B 373 46.19 -18.33 10.42
CA ALA B 373 46.24 -19.77 10.54
C ALA B 373 47.21 -20.34 9.53
N GLU B 374 47.75 -21.51 9.84
CA GLU B 374 48.50 -22.29 8.87
C GLU B 374 47.79 -22.30 7.52
N GLY B 375 48.57 -22.01 6.48
CA GLY B 375 48.09 -22.01 5.11
C GLY B 375 47.58 -20.67 4.62
N ASP B 376 47.54 -19.67 5.47
CA ASP B 376 47.15 -18.36 5.04
C ASP B 376 48.16 -17.83 4.00
N THR B 377 47.69 -17.04 3.06
CA THR B 377 48.50 -16.53 2.01
C THR B 377 49.37 -15.41 2.51
N VAL B 378 50.63 -15.42 2.10
CA VAL B 378 51.56 -14.36 2.38
C VAL B 378 51.96 -13.74 1.07
N THR B 379 51.80 -12.43 0.98
CA THR B 379 52.15 -11.71 -0.22
C THR B 379 53.15 -10.59 0.02
N LEU B 380 54.20 -10.59 -0.76
CA LEU B 380 55.18 -9.54 -0.73
C LEU B 380 55.40 -9.00 -2.15
N GLU B 381 55.39 -7.71 -2.27
CA GLU B 381 55.73 -7.05 -3.51
C GLU B 381 57.08 -6.39 -3.33
N ILE B 382 58.06 -6.82 -4.12
CA ILE B 382 59.44 -6.32 -4.01
C ILE B 382 60.02 -6.02 -5.39
N ASN B 383 60.36 -4.75 -5.64
CA ASN B 383 60.85 -4.32 -6.95
C ASN B 383 59.78 -4.49 -8.03
N GLY B 384 58.51 -4.52 -7.61
CA GLY B 384 57.41 -4.59 -8.54
C GLY B 384 57.02 -6.02 -8.83
N GLU B 385 57.77 -6.96 -8.27
CA GLU B 385 57.50 -8.38 -8.45
C GLU B 385 56.70 -8.92 -7.25
N THR B 386 55.60 -9.61 -7.51
CA THR B 386 54.80 -10.11 -6.40
C THR B 386 55.18 -11.54 -6.02
N TYR B 387 55.69 -11.69 -4.80
CA TYR B 387 56.01 -12.98 -4.23
C TYR B 387 54.86 -13.43 -3.33
N THR B 388 54.62 -14.74 -3.32
CA THR B 388 53.60 -15.33 -2.44
C THR B 388 54.10 -16.60 -1.80
N THR B 389 53.64 -16.86 -0.59
CA THR B 389 53.88 -18.10 0.08
C THR B 389 52.75 -18.37 1.11
N THR B 390 52.89 -19.38 1.93
CA THR B 390 51.84 -19.64 2.91
C THR B 390 52.46 -19.81 4.27
N VAL B 391 51.68 -19.49 5.30
CA VAL B 391 52.11 -19.57 6.69
C VAL B 391 52.24 -21.05 7.05
N ASP B 392 53.39 -21.42 7.60
CA ASP B 392 53.56 -22.81 7.99
C ASP B 392 52.93 -23.10 9.35
N ALA B 393 53.04 -24.35 9.79
CA ALA B 393 52.37 -24.82 11.00
C ALA B 393 52.91 -24.13 12.23
N ASN B 394 54.12 -23.58 12.13
CA ASN B 394 54.79 -22.99 13.26
C ASN B 394 54.60 -21.49 13.34
N GLY B 395 53.82 -20.93 12.42
CA GLY B 395 53.66 -19.50 12.35
C GLY B 395 54.85 -18.78 11.70
N GLU B 396 55.70 -19.52 10.99
CA GLU B 396 56.77 -18.90 10.21
C GLU B 396 56.37 -18.95 8.76
N TRP B 397 57.08 -18.19 7.94
CA TRP B 397 56.93 -18.30 6.51
C TRP B 397 58.25 -17.93 5.87
N SER B 398 58.44 -18.42 4.66
CA SER B 398 59.65 -18.13 3.92
C SER B 398 59.28 -18.20 2.47
N VAL B 399 59.89 -17.35 1.67
CA VAL B 399 59.68 -17.42 0.24
C VAL B 399 60.99 -17.05 -0.43
N ASP B 400 61.28 -17.71 -1.54
CA ASP B 400 62.52 -17.51 -2.29
C ASP B 400 62.37 -16.29 -3.20
N VAL B 401 63.33 -15.36 -3.13
CA VAL B 401 63.24 -14.09 -3.82
C VAL B 401 64.50 -13.83 -4.62
N ALA B 402 64.30 -13.24 -5.78
CA ALA B 402 65.39 -12.80 -6.63
C ALA B 402 66.26 -11.83 -5.85
N GLY B 403 67.51 -12.22 -5.65
CA GLY B 403 68.49 -11.34 -5.04
C GLY B 403 68.47 -9.95 -5.64
N SER B 404 68.38 -9.88 -6.97
CA SER B 404 68.38 -8.62 -7.70
C SER B 404 67.21 -7.70 -7.36
N ASP B 405 66.02 -8.27 -7.14
CA ASP B 405 64.89 -7.49 -6.68
C ASP B 405 65.24 -6.85 -5.32
N LEU B 406 65.91 -7.62 -4.47
CA LEU B 406 66.26 -7.13 -3.15
C LEU B 406 67.36 -6.10 -3.24
N ALA B 407 68.22 -6.21 -4.25
CA ALA B 407 69.28 -5.22 -4.46
C ALA B 407 68.64 -3.89 -4.87
N ALA B 408 67.53 -3.99 -5.60
CA ALA B 408 66.86 -2.84 -6.20
C ALA B 408 65.78 -2.20 -5.32
N ASP B 409 65.30 -2.92 -4.32
CA ASP B 409 64.19 -2.41 -3.48
C ASP B 409 64.46 -2.68 -2.02
N THR B 410 64.60 -1.62 -1.23
CA THR B 410 65.14 -1.73 0.13
C THR B 410 64.06 -1.64 1.20
N ALA B 411 62.80 -1.56 0.79
CA ALA B 411 61.71 -1.48 1.76
C ALA B 411 60.47 -2.17 1.22
N PHE B 412 59.84 -2.99 2.05
CA PHE B 412 58.63 -3.67 1.62
C PHE B 412 57.77 -4.17 2.79
N ASP B 413 56.49 -4.41 2.49
CA ASP B 413 55.54 -4.99 3.43
C ASP B 413 55.27 -6.46 3.12
N ALA B 414 55.01 -7.24 4.17
CA ALA B 414 54.47 -8.58 4.02
C ALA B 414 53.03 -8.45 4.52
N VAL B 415 52.10 -9.00 3.75
CA VAL B 415 50.70 -8.95 4.05
C VAL B 415 50.24 -10.37 4.10
N VAL B 416 49.62 -10.70 5.23
CA VAL B 416 49.06 -12.01 5.48
C VAL B 416 47.56 -11.87 5.49
N THR B 417 46.89 -12.70 4.71
CA THR B 417 45.46 -12.60 4.54
C THR B 417 44.81 -13.76 5.24
N SER B 418 43.91 -13.46 6.16
CA SER B 418 43.26 -14.49 6.95
C SER B 418 41.77 -14.39 6.88
N SER B 419 41.12 -15.50 7.24
CA SER B 419 39.67 -15.63 7.20
C SER B 419 39.21 -16.41 8.42
N ASP B 420 37.98 -16.13 8.87
CA ASP B 420 37.36 -16.91 9.93
C ASP B 420 36.31 -17.80 9.29
N ALA B 421 35.66 -18.62 10.11
CA ALA B 421 34.67 -19.60 9.63
C ALA B 421 33.52 -18.93 8.87
N ALA B 422 33.19 -17.71 9.30
CA ALA B 422 31.99 -17.02 8.84
C ALA B 422 32.17 -16.30 7.50
N GLY B 423 33.43 -16.16 7.09
CA GLY B 423 33.75 -15.60 5.79
C GLY B 423 34.35 -14.22 5.87
N ASN B 424 34.52 -13.71 7.08
CA ASN B 424 35.13 -12.41 7.27
C ASN B 424 36.57 -12.58 6.89
N THR B 425 37.17 -11.57 6.27
CA THR B 425 38.57 -11.64 5.89
C THR B 425 39.30 -10.41 6.40
N VAL B 426 40.59 -10.54 6.63
CA VAL B 426 41.39 -9.48 7.17
C VAL B 426 42.82 -9.57 6.69
N ASP B 427 43.44 -8.43 6.54
CA ASP B 427 44.87 -8.39 6.24
C ASP B 427 45.65 -7.92 7.45
N THR B 428 46.80 -8.55 7.65
CA THR B 428 47.71 -8.21 8.72
C THR B 428 49.05 -7.90 8.05
N THR B 429 49.66 -6.77 8.39
CA THR B 429 50.84 -6.29 7.67
C THR B 429 52.05 -6.10 8.62
N GLY B 430 53.23 -6.43 8.10
CA GLY B 430 54.49 -6.17 8.79
C GLY B 430 55.42 -5.61 7.73
N SER B 431 56.39 -4.81 8.19
CA SER B 431 57.23 -4.03 7.31
C SER B 431 58.64 -4.54 7.41
N SER B 432 59.37 -4.39 6.32
CA SER B 432 60.78 -4.67 6.29
C SER B 432 61.53 -3.56 5.57
N THR B 433 62.70 -3.27 6.11
CA THR B 433 63.74 -2.54 5.38
C THR B 433 65.03 -3.37 5.41
N HIS B 434 65.97 -3.02 4.53
CA HIS B 434 67.32 -3.59 4.59
C HIS B 434 68.25 -2.66 3.84
N THR B 435 69.54 -2.95 3.86
CA THR B 435 70.49 -2.17 3.07
C THR B 435 71.19 -3.03 2.01
N VAL B 436 71.91 -2.35 1.13
CA VAL B 436 72.54 -2.99 0.00
C VAL B 436 73.98 -2.48 -0.01
N ASP B 437 74.91 -3.40 -0.21
CA ASP B 437 76.33 -3.06 -0.33
C ASP B 437 76.93 -4.14 -1.23
N GLU C 23 68.18 -1.39 -25.60
CA GLU C 23 66.82 -1.30 -25.14
C GLU C 23 65.95 -2.43 -25.70
N ALA C 24 65.04 -2.81 -24.83
CA ALA C 24 64.01 -3.78 -25.16
C ALA C 24 62.89 -3.02 -25.86
N THR C 25 61.98 -3.74 -26.52
CA THR C 25 60.97 -3.10 -27.35
C THR C 25 59.57 -3.47 -26.87
N ALA C 26 58.77 -2.48 -26.46
CA ALA C 26 57.41 -2.76 -25.98
C ALA C 26 56.58 -3.24 -27.14
N GLY C 27 55.50 -3.94 -26.83
CA GLY C 27 54.62 -4.48 -27.86
C GLY C 27 53.32 -3.73 -27.74
N THR C 28 52.25 -4.49 -27.93
CA THR C 28 50.90 -4.00 -27.75
C THR C 28 50.17 -4.96 -26.80
N VAL C 29 49.47 -4.35 -25.89
CA VAL C 29 48.65 -5.04 -24.95
C VAL C 29 47.24 -4.49 -24.94
N THR C 30 46.26 -5.40 -25.00
CA THR C 30 44.87 -4.99 -24.94
C THR C 30 44.13 -5.86 -23.95
N VAL C 31 43.05 -5.32 -23.38
CA VAL C 31 42.16 -6.09 -22.51
C VAL C 31 40.79 -6.15 -23.20
N ASN C 32 40.25 -7.36 -23.29
CA ASN C 32 39.00 -7.62 -23.96
C ASN C 32 37.86 -7.06 -23.10
N ALA C 33 36.66 -6.95 -23.68
CA ALA C 33 35.46 -6.63 -22.88
C ALA C 33 35.45 -7.43 -21.59
N ILE C 34 35.02 -6.81 -20.50
CA ILE C 34 34.95 -7.50 -19.20
C ILE C 34 33.59 -8.17 -19.10
N THR C 35 33.56 -9.48 -19.31
CA THR C 35 32.39 -10.23 -19.68
C THR C 35 31.89 -9.81 -21.05
N SER C 36 30.88 -10.52 -21.56
CA SER C 36 30.42 -10.37 -22.94
C SER C 36 29.94 -8.95 -23.29
N ASP C 37 29.42 -8.24 -22.30
CA ASP C 37 28.85 -6.92 -22.54
C ASP C 37 29.63 -5.79 -21.86
N ASP C 38 30.79 -6.14 -21.31
CA ASP C 38 31.67 -5.18 -20.68
C ASP C 38 30.97 -4.53 -19.48
N VAL C 39 29.97 -5.22 -18.94
CA VAL C 39 29.27 -4.78 -17.75
C VAL C 39 29.27 -5.93 -16.77
N ILE C 40 29.56 -5.64 -15.51
CA ILE C 40 29.48 -6.63 -14.44
C ILE C 40 28.08 -6.59 -13.78
N ASN C 41 27.35 -7.69 -13.85
CA ASN C 41 26.01 -7.77 -13.31
C ASN C 41 26.05 -8.42 -11.95
N ALA C 42 24.88 -8.74 -11.36
CA ALA C 42 24.93 -9.27 -10.00
C ALA C 42 25.56 -10.64 -9.98
N SER C 43 25.18 -11.48 -10.94
CA SER C 43 25.69 -12.85 -10.98
C SER C 43 27.22 -12.86 -11.13
N GLU C 44 27.69 -12.11 -12.08
CA GLU C 44 29.10 -12.00 -12.36
C GLU C 44 29.82 -11.49 -11.09
N ALA C 45 29.21 -10.53 -10.42
CA ALA C 45 29.80 -9.92 -9.26
C ALA C 45 29.89 -10.91 -8.09
N ALA C 46 29.02 -11.92 -8.06
CA ALA C 46 29.03 -12.87 -6.95
C ALA C 46 29.92 -14.05 -7.27
N GLY C 47 30.46 -14.07 -8.48
CA GLY C 47 31.26 -15.18 -8.90
C GLY C 47 32.66 -14.75 -9.29
N THR C 48 33.24 -15.56 -10.17
CA THR C 48 34.58 -15.36 -10.70
C THR C 48 34.42 -15.03 -12.16
N VAL C 49 35.34 -14.21 -12.69
CA VAL C 49 35.27 -13.76 -14.06
C VAL C 49 36.59 -13.96 -14.73
N ALA C 50 36.58 -14.56 -15.90
CA ALA C 50 37.80 -14.67 -16.71
C ALA C 50 38.04 -13.36 -17.45
N VAL C 51 39.10 -12.67 -17.04
CA VAL C 51 39.52 -11.43 -17.69
C VAL C 51 40.65 -11.81 -18.63
N SER C 52 40.43 -11.54 -19.91
CA SER C 52 41.33 -11.92 -20.98
C SER C 52 41.75 -10.73 -21.83
N GLY C 53 42.78 -10.95 -22.64
CA GLY C 53 43.29 -9.91 -23.49
C GLY C 53 44.33 -10.49 -24.41
N THR C 54 45.07 -9.59 -25.04
CA THR C 54 46.10 -9.96 -26.02
C THR C 54 47.41 -9.33 -25.62
N ALA C 55 48.51 -9.89 -26.13
CA ALA C 55 49.84 -9.36 -25.85
C ALA C 55 50.76 -9.85 -26.97
N THR C 56 51.29 -8.92 -27.76
CA THR C 56 52.04 -9.28 -28.96
C THR C 56 52.92 -8.13 -29.46
N GLY C 57 53.99 -8.50 -30.13
CA GLY C 57 54.86 -7.52 -30.73
C GLY C 57 56.02 -7.13 -29.85
N GLY C 58 56.95 -6.41 -30.47
CA GLY C 58 58.18 -6.05 -29.77
C GLY C 58 58.78 -7.32 -29.20
N ASP C 59 59.22 -7.25 -27.94
CA ASP C 59 59.83 -8.37 -27.28
C ASP C 59 58.82 -9.15 -26.42
N ILE C 60 57.53 -8.95 -26.68
CA ILE C 60 56.54 -9.77 -25.98
C ILE C 60 56.63 -11.20 -26.53
N ALA C 61 56.65 -12.18 -25.64
CA ALA C 61 56.86 -13.58 -26.02
C ALA C 61 56.02 -14.48 -25.11
N GLU C 62 55.56 -15.64 -25.62
CA GLU C 62 54.90 -16.66 -24.81
C GLU C 62 55.67 -16.86 -23.52
N GLY C 63 54.92 -16.92 -22.41
CA GLY C 63 55.53 -17.04 -21.10
C GLY C 63 55.83 -15.73 -20.38
N ASP C 64 55.73 -14.59 -21.07
CA ASP C 64 55.85 -13.28 -20.41
C ASP C 64 54.76 -13.10 -19.36
N THR C 65 55.16 -12.59 -18.19
CA THR C 65 54.22 -12.35 -17.08
C THR C 65 53.27 -11.24 -17.43
N VAL C 66 52.02 -11.42 -17.02
CA VAL C 66 50.95 -10.44 -17.14
C VAL C 66 50.49 -10.16 -15.72
N THR C 67 50.39 -8.87 -15.39
CA THR C 67 49.96 -8.43 -14.07
C THR C 67 48.85 -7.40 -14.18
N LEU C 68 47.81 -7.62 -13.39
CA LEU C 68 46.73 -6.70 -13.21
C LEU C 68 46.50 -6.46 -11.75
N GLU C 69 46.51 -5.24 -11.32
CA GLU C 69 46.06 -4.90 -10.03
C GLU C 69 44.60 -4.40 -10.11
N ILE C 70 43.71 -5.07 -9.41
CA ILE C 70 42.29 -4.74 -9.49
C ILE C 70 41.81 -4.68 -8.07
N ASN C 71 41.25 -3.54 -7.68
CA ASN C 71 40.73 -3.35 -6.35
C ASN C 71 41.81 -3.66 -5.31
N GLY C 72 43.06 -3.34 -5.65
CA GLY C 72 44.14 -3.55 -4.71
C GLY C 72 44.56 -5.00 -4.62
N GLU C 73 44.09 -5.80 -5.56
CA GLU C 73 44.39 -7.21 -5.57
C GLU C 73 45.21 -7.55 -6.81
N THR C 74 46.34 -8.20 -6.60
CA THR C 74 47.21 -8.50 -7.70
C THR C 74 46.95 -9.88 -8.26
N TYR C 75 46.74 -9.91 -9.57
CA TYR C 75 46.48 -11.11 -10.34
C TYR C 75 47.59 -11.27 -11.35
N THR C 76 48.05 -12.48 -11.58
CA THR C 76 49.03 -12.71 -12.60
C THR C 76 48.79 -13.98 -13.42
N THR C 77 49.20 -13.90 -14.65
CA THR C 77 49.16 -15.04 -15.54
C THR C 77 50.32 -14.86 -16.53
N THR C 78 50.36 -15.68 -17.57
CA THR C 78 51.43 -15.61 -18.58
C THR C 78 50.83 -15.58 -19.97
N VAL C 79 51.56 -14.93 -20.88
CA VAL C 79 51.15 -14.83 -22.30
C VAL C 79 51.22 -16.22 -22.93
N ASP C 80 50.16 -16.62 -23.64
CA ASP C 80 50.10 -17.97 -24.18
C ASP C 80 50.87 -18.00 -25.53
N ALA C 81 50.77 -19.08 -26.28
CA ALA C 81 51.56 -19.22 -27.51
C ALA C 81 50.88 -18.59 -28.72
N ASN C 82 49.79 -17.86 -28.50
CA ASN C 82 49.07 -17.21 -29.60
C ASN C 82 48.83 -15.72 -29.33
N GLY C 83 49.64 -15.13 -28.45
CA GLY C 83 49.49 -13.73 -28.08
C GLY C 83 48.28 -13.39 -27.22
N GLU C 84 47.68 -14.37 -26.56
CA GLU C 84 46.53 -14.10 -25.69
C GLU C 84 46.83 -14.44 -24.25
N TRP C 85 46.00 -13.94 -23.34
CA TRP C 85 46.13 -14.29 -21.94
C TRP C 85 44.78 -14.24 -21.25
N SER C 86 44.68 -14.91 -20.12
CA SER C 86 43.45 -14.92 -19.38
C SER C 86 43.70 -15.23 -17.93
N VAL C 87 42.97 -14.58 -17.04
CA VAL C 87 43.15 -14.83 -15.61
C VAL C 87 41.79 -14.69 -14.90
N ASP C 88 41.53 -15.58 -13.95
CA ASP C 88 40.28 -15.58 -13.17
C ASP C 88 40.36 -14.50 -12.09
N VAL C 89 39.40 -13.60 -12.14
CA VAL C 89 39.28 -12.48 -11.24
C VAL C 89 38.01 -12.55 -10.37
N ALA C 90 38.13 -12.22 -9.11
CA ALA C 90 36.98 -12.16 -8.24
C ALA C 90 35.98 -11.16 -8.78
N GLY C 91 34.75 -11.59 -8.98
CA GLY C 91 33.77 -10.63 -9.42
C GLY C 91 33.64 -9.42 -8.47
N SER C 92 33.83 -9.64 -7.17
CA SER C 92 33.72 -8.57 -6.19
C SER C 92 34.79 -7.50 -6.40
N ASP C 93 35.98 -7.89 -6.85
CA ASP C 93 37.01 -6.88 -7.15
C ASP C 93 36.56 -6.06 -8.36
N LEU C 94 36.01 -6.74 -9.36
CA LEU C 94 35.65 -6.07 -10.62
C LEU C 94 34.44 -5.18 -10.40
N ALA C 95 33.61 -5.57 -9.43
CA ALA C 95 32.46 -4.78 -9.01
C ALA C 95 32.89 -3.50 -8.34
N ALA C 96 34.01 -3.55 -7.64
CA ALA C 96 34.48 -2.41 -6.85
C ALA C 96 35.47 -1.52 -7.60
N ASP C 97 36.04 -2.01 -8.69
CA ASP C 97 37.10 -1.29 -9.41
C ASP C 97 36.89 -1.40 -10.91
N THR C 98 36.51 -0.30 -11.53
CA THR C 98 36.12 -0.25 -12.92
C THR C 98 37.20 0.24 -13.90
N ALA C 99 38.39 0.39 -13.42
CA ALA C 99 39.50 0.78 -14.30
C ALA C 99 40.73 0.05 -13.83
N PHE C 100 41.51 -0.49 -14.75
CA PHE C 100 42.75 -1.14 -14.38
C PHE C 100 43.66 -1.29 -15.61
N ASP C 101 44.97 -1.33 -15.37
CA ASP C 101 45.93 -1.64 -16.43
C ASP C 101 46.23 -3.15 -16.42
N ALA C 102 46.59 -3.71 -17.54
CA ALA C 102 47.31 -4.95 -17.60
C ALA C 102 48.68 -4.69 -18.14
N VAL C 103 49.69 -5.22 -17.46
CA VAL C 103 51.08 -4.94 -17.75
C VAL C 103 51.80 -6.25 -18.06
N VAL C 104 52.45 -6.30 -19.22
CA VAL C 104 53.19 -7.47 -19.64
C VAL C 104 54.66 -7.07 -19.55
N THR C 105 55.43 -7.90 -18.87
CA THR C 105 56.85 -7.64 -18.67
C THR C 105 57.67 -8.56 -19.58
N SER C 106 58.54 -7.94 -20.37
CA SER C 106 59.31 -8.61 -21.39
C SER C 106 60.80 -8.25 -21.36
N SER C 107 61.62 -9.13 -21.92
CA SER C 107 63.03 -8.80 -22.15
C SER C 107 63.53 -9.33 -23.47
N ASP C 108 64.60 -8.70 -23.97
CA ASP C 108 65.24 -9.15 -25.19
C ASP C 108 66.43 -10.03 -24.79
N ALA C 109 67.08 -10.61 -25.80
CA ALA C 109 68.15 -11.57 -25.55
C ALA C 109 69.26 -10.94 -24.72
N ALA C 110 69.37 -9.61 -24.82
CA ALA C 110 70.46 -8.87 -24.19
C ALA C 110 70.14 -8.61 -22.73
N GLY C 111 68.92 -8.91 -22.32
CA GLY C 111 68.53 -8.74 -20.94
C GLY C 111 67.88 -7.41 -20.63
N ASN C 112 67.71 -6.55 -21.62
CA ASN C 112 66.99 -5.31 -21.42
C ASN C 112 65.59 -5.71 -21.09
N THR C 113 64.91 -4.94 -20.26
CA THR C 113 63.52 -5.23 -19.93
C THR C 113 62.57 -4.11 -20.33
N VAL C 114 61.29 -4.46 -20.45
CA VAL C 114 60.28 -3.47 -20.79
C VAL C 114 58.90 -3.94 -20.32
N ASP C 115 58.09 -2.98 -19.88
CA ASP C 115 56.69 -3.23 -19.57
C ASP C 115 55.80 -2.64 -20.69
N THR C 116 54.89 -3.43 -21.20
CA THR C 116 53.89 -2.96 -22.15
C THR C 116 52.53 -2.96 -21.44
N THR C 117 51.81 -1.85 -21.59
CA THR C 117 50.61 -1.59 -20.80
C THR C 117 49.37 -1.40 -21.71
N GLY C 118 48.26 -2.02 -21.32
CA GLY C 118 46.99 -1.81 -21.99
C GLY C 118 45.92 -1.61 -20.93
N SER C 119 45.07 -0.63 -21.15
CA SER C 119 44.11 -0.23 -20.14
C SER C 119 42.70 -0.77 -20.44
N SER C 120 41.96 -0.96 -19.37
CA SER C 120 40.60 -1.45 -19.48
C SER C 120 39.68 -0.57 -18.66
N THR C 121 38.45 -0.42 -19.11
CA THR C 121 37.41 0.11 -18.26
C THR C 121 36.18 -0.76 -18.45
N HIS C 122 35.28 -0.71 -17.48
CA HIS C 122 33.99 -1.38 -17.59
C HIS C 122 32.99 -0.67 -16.70
N THR C 123 31.75 -1.12 -16.70
CA THR C 123 30.72 -0.55 -15.84
C THR C 123 30.11 -1.66 -15.00
N VAL C 124 29.47 -1.27 -13.91
CA VAL C 124 28.95 -2.22 -12.96
C VAL C 124 27.47 -1.96 -12.78
N ASP C 125 26.67 -3.01 -12.87
CA ASP C 125 25.24 -2.86 -12.70
C ASP C 125 24.66 -4.12 -12.10
N THR C 126 24.41 -4.11 -10.82
CA THR C 126 24.11 -5.32 -10.06
C THR C 126 22.62 -5.44 -9.56
N GLU C 127 21.75 -4.57 -10.04
CA GLU C 127 20.34 -4.64 -9.69
C GLU C 127 19.41 -4.23 -10.85
N ALA C 128 18.47 -5.08 -11.22
CA ALA C 128 17.42 -4.64 -12.11
C ALA C 128 16.45 -3.83 -11.27
N THR C 129 15.52 -3.17 -11.89
CA THR C 129 14.65 -2.25 -11.18
C THR C 129 13.19 -2.67 -11.28
N ALA C 130 12.54 -2.90 -10.16
CA ALA C 130 11.12 -3.21 -10.14
C ALA C 130 10.28 -1.99 -10.53
N GLY C 131 9.12 -2.25 -11.14
CA GLY C 131 8.25 -1.21 -11.61
C GLY C 131 7.03 -1.23 -10.73
N THR C 132 5.86 -1.02 -11.34
CA THR C 132 4.57 -1.12 -10.65
C THR C 132 3.65 -1.97 -11.49
N VAL C 133 2.95 -2.87 -10.84
CA VAL C 133 1.96 -3.73 -11.46
C VAL C 133 0.68 -3.56 -10.66
N THR C 134 -0.43 -3.37 -11.38
CA THR C 134 -1.74 -3.37 -10.77
C THR C 134 -2.67 -4.30 -11.52
N VAL C 135 -3.67 -4.77 -10.80
CA VAL C 135 -4.73 -5.55 -11.42
C VAL C 135 -6.03 -4.77 -11.29
N ASN C 136 -6.74 -4.69 -12.42
CA ASN C 136 -8.01 -4.01 -12.52
C ASN C 136 -9.10 -4.77 -11.77
N ALA C 137 -10.24 -4.12 -11.55
CA ALA C 137 -11.41 -4.79 -11.00
C ALA C 137 -11.68 -6.04 -11.80
N ILE C 138 -12.07 -7.08 -11.15
CA ILE C 138 -12.34 -8.34 -11.78
C ILE C 138 -13.78 -8.33 -12.25
N THR C 139 -13.97 -8.03 -13.52
CA THR C 139 -15.23 -7.60 -14.11
C THR C 139 -15.57 -6.16 -13.64
N SER C 140 -16.63 -5.58 -14.18
CA SER C 140 -16.93 -4.17 -13.98
C SER C 140 -17.08 -3.80 -12.51
N ASP C 141 -17.73 -4.67 -11.76
CA ASP C 141 -18.04 -4.41 -10.36
C ASP C 141 -17.09 -5.15 -9.39
N ASP C 142 -16.05 -5.76 -9.91
CA ASP C 142 -15.13 -6.51 -9.09
C ASP C 142 -15.80 -7.71 -8.37
N VAL C 143 -16.90 -8.16 -8.93
CA VAL C 143 -17.62 -9.33 -8.37
C VAL C 143 -17.91 -10.30 -9.48
N ILE C 144 -17.70 -11.58 -9.20
CA ILE C 144 -17.97 -12.67 -10.14
C ILE C 144 -19.39 -13.20 -9.89
N ASN C 145 -20.23 -13.11 -10.92
CA ASN C 145 -21.59 -13.55 -10.78
C ASN C 145 -21.75 -14.91 -11.40
N ALA C 146 -22.99 -15.38 -11.51
CA ALA C 146 -23.19 -16.69 -12.06
C ALA C 146 -22.77 -16.74 -13.52
N SER C 147 -23.06 -15.73 -14.31
CA SER C 147 -22.76 -15.77 -15.74
C SER C 147 -21.27 -15.76 -15.96
N GLU C 148 -20.62 -14.89 -15.23
CA GLU C 148 -19.18 -14.73 -15.35
C GLU C 148 -18.49 -16.02 -14.91
N ALA C 149 -18.97 -16.59 -13.82
CA ALA C 149 -18.45 -17.84 -13.30
C ALA C 149 -18.62 -18.99 -14.27
N ALA C 150 -19.61 -18.89 -15.16
CA ALA C 150 -19.85 -19.98 -16.08
C ALA C 150 -19.06 -19.84 -17.38
N GLY C 151 -18.48 -18.66 -17.63
CA GLY C 151 -17.75 -18.40 -18.86
C GLY C 151 -16.29 -18.04 -18.68
N THR C 152 -15.85 -17.05 -19.45
CA THR C 152 -14.48 -16.57 -19.44
C THR C 152 -14.50 -15.10 -19.07
N VAL C 153 -13.45 -14.67 -18.36
CA VAL C 153 -13.31 -13.29 -17.89
C VAL C 153 -11.95 -12.76 -18.30
N ALA C 154 -11.94 -11.58 -18.90
CA ALA C 154 -10.67 -10.92 -19.22
C ALA C 154 -10.15 -10.29 -17.93
N VAL C 155 -9.04 -10.83 -17.41
CA VAL C 155 -8.43 -10.25 -16.24
C VAL C 155 -7.34 -9.34 -16.77
N SER C 156 -7.45 -8.04 -16.50
CA SER C 156 -6.52 -7.03 -17.04
C SER C 156 -5.79 -6.24 -15.96
N GLY C 157 -4.77 -5.51 -16.39
CA GLY C 157 -4.07 -4.66 -15.45
C GLY C 157 -3.03 -3.85 -16.16
N THR C 158 -2.16 -3.25 -15.36
CA THR C 158 -1.11 -2.37 -15.86
C THR C 158 0.24 -2.89 -15.42
N ALA C 159 1.29 -2.43 -16.08
CA ALA C 159 2.64 -2.79 -15.69
C ALA C 159 3.57 -1.80 -16.33
N THR C 160 4.29 -1.06 -15.50
CA THR C 160 5.11 0.02 -16.00
C THR C 160 6.16 0.45 -14.99
N GLY C 161 7.18 1.11 -15.49
CA GLY C 161 8.23 1.62 -14.62
C GLY C 161 9.39 0.66 -14.41
N GLY C 162 10.50 1.24 -13.94
CA GLY C 162 11.68 0.44 -13.69
C GLY C 162 12.07 -0.27 -14.96
N ASP C 163 12.41 -1.55 -14.86
CA ASP C 163 12.82 -2.31 -16.03
C ASP C 163 11.64 -2.98 -16.75
N ILE C 164 10.40 -2.67 -16.38
CA ILE C 164 9.28 -3.24 -17.13
C ILE C 164 9.20 -2.68 -18.57
N ALA C 165 9.05 -3.59 -19.52
CA ALA C 165 9.03 -3.28 -20.96
C ALA C 165 7.97 -4.10 -21.65
N GLU C 166 7.39 -3.56 -22.73
CA GLU C 166 6.54 -4.30 -23.65
C GLU C 166 7.22 -5.63 -23.93
N GLY C 167 6.47 -6.71 -23.80
CA GLY C 167 7.00 -8.05 -24.06
C GLY C 167 7.31 -8.85 -22.80
N ASP C 168 7.47 -8.17 -21.67
CA ASP C 168 7.69 -8.87 -20.40
C ASP C 168 6.51 -9.81 -20.11
N THR C 169 6.85 -11.02 -19.68
CA THR C 169 5.84 -12.02 -19.30
C THR C 169 5.13 -11.64 -18.01
N VAL C 170 3.81 -11.85 -18.02
CA VAL C 170 2.96 -11.64 -16.86
C VAL C 170 2.42 -13.00 -16.52
N THR C 171 2.51 -13.39 -15.24
CA THR C 171 2.08 -14.70 -14.78
C THR C 171 1.09 -14.53 -13.65
N LEU C 172 -0.04 -15.26 -13.67
CA LEU C 172 -1.04 -15.24 -12.64
C LEU C 172 -1.39 -16.65 -12.34
N GLU C 173 -1.23 -17.10 -11.12
CA GLU C 173 -1.73 -18.37 -10.67
C GLU C 173 -3.03 -18.11 -9.92
N ILE C 174 -4.10 -18.71 -10.44
CA ILE C 174 -5.43 -18.53 -9.88
C ILE C 174 -6.05 -19.90 -9.75
N ASN C 175 -6.49 -20.25 -8.55
CA ASN C 175 -7.06 -21.57 -8.25
C ASN C 175 -6.16 -22.73 -8.63
N GLY C 176 -4.85 -22.49 -8.66
CA GLY C 176 -3.87 -23.51 -8.98
C GLY C 176 -3.59 -23.65 -10.46
N GLU C 177 -4.14 -22.75 -11.25
CA GLU C 177 -3.94 -22.73 -12.67
C GLU C 177 -3.07 -21.52 -13.06
N THR C 178 -1.96 -21.80 -13.74
CA THR C 178 -1.10 -20.73 -14.20
C THR C 178 -1.59 -20.15 -15.52
N TYR C 179 -1.82 -18.85 -15.51
CA TYR C 179 -2.09 -18.10 -16.71
C TYR C 179 -0.91 -17.19 -17.03
N THR C 180 -0.65 -16.99 -18.31
CA THR C 180 0.46 -16.15 -18.72
C THR C 180 0.08 -15.31 -19.96
N THR C 181 0.56 -14.08 -19.95
CA THR C 181 0.47 -13.21 -21.13
C THR C 181 1.69 -12.26 -21.13
N THR C 182 1.66 -11.23 -21.96
CA THR C 182 2.76 -10.27 -22.01
C THR C 182 2.26 -8.84 -21.90
N VAL C 183 3.12 -7.99 -21.34
CA VAL C 183 2.90 -6.55 -21.24
C VAL C 183 2.88 -5.94 -22.62
N ASP C 184 1.86 -5.11 -22.91
CA ASP C 184 1.76 -4.51 -24.25
C ASP C 184 2.56 -3.21 -24.31
N ALA C 185 2.43 -2.49 -25.41
CA ALA C 185 3.26 -1.32 -25.65
C ALA C 185 2.71 -0.07 -24.96
N ASN C 186 1.63 -0.24 -24.17
CA ASN C 186 1.02 0.87 -23.43
C ASN C 186 0.99 0.69 -21.90
N GLY C 187 1.76 -0.27 -21.40
CA GLY C 187 1.87 -0.54 -19.97
C GLY C 187 0.68 -1.32 -19.42
N GLU C 188 -0.02 -1.99 -20.30
CA GLU C 188 -1.23 -2.71 -19.93
C GLU C 188 -1.10 -4.18 -20.30
N TRP C 189 -1.94 -5.02 -19.71
CA TRP C 189 -1.94 -6.44 -20.04
C TRP C 189 -3.31 -7.01 -19.79
N SER C 190 -3.54 -8.22 -20.29
CA SER C 190 -4.85 -8.84 -20.23
C SER C 190 -4.74 -10.31 -20.60
N VAL C 191 -5.53 -11.14 -19.92
CA VAL C 191 -5.51 -12.58 -20.14
C VAL C 191 -6.90 -13.16 -19.81
N ASP C 192 -7.35 -14.07 -20.67
CA ASP C 192 -8.60 -14.78 -20.42
C ASP C 192 -8.40 -15.87 -19.38
N VAL C 193 -9.19 -15.76 -18.33
CA VAL C 193 -9.20 -16.71 -17.23
C VAL C 193 -10.56 -17.39 -17.12
N ALA C 194 -10.55 -18.65 -16.75
CA ALA C 194 -11.78 -19.38 -16.50
C ALA C 194 -12.55 -18.78 -15.32
N GLY C 195 -13.77 -18.39 -15.59
CA GLY C 195 -14.64 -17.91 -14.57
C GLY C 195 -14.69 -18.84 -13.35
N SER C 196 -14.59 -20.13 -13.58
CA SER C 196 -14.67 -21.11 -12.53
C SER C 196 -13.44 -21.08 -11.65
N ASP C 197 -12.32 -20.68 -12.20
CA ASP C 197 -11.11 -20.43 -11.39
C ASP C 197 -11.30 -19.21 -10.48
N LEU C 198 -11.89 -18.15 -11.02
CA LEU C 198 -12.10 -16.92 -10.27
C LEU C 198 -13.17 -17.12 -9.23
N ALA C 199 -14.14 -17.96 -9.57
CA ALA C 199 -15.21 -18.32 -8.66
C ALA C 199 -14.67 -19.02 -7.43
N ALA C 200 -13.57 -19.77 -7.60
CA ALA C 200 -12.97 -20.57 -6.52
C ALA C 200 -11.84 -19.85 -5.78
N ASP C 201 -11.21 -18.88 -6.41
CA ASP C 201 -10.04 -18.23 -5.83
C ASP C 201 -10.17 -16.71 -5.93
N THR C 202 -10.40 -16.09 -4.77
CA THR C 202 -10.71 -14.66 -4.68
C THR C 202 -9.50 -13.79 -4.41
N ALA C 203 -8.32 -14.39 -4.38
CA ALA C 203 -7.09 -13.60 -4.24
C ALA C 203 -6.01 -14.19 -5.12
N PHE C 204 -5.26 -13.30 -5.69
CA PHE C 204 -4.12 -13.68 -6.49
C PHE C 204 -3.14 -12.57 -6.78
N ASP C 205 -1.91 -12.95 -7.11
CA ASP C 205 -0.90 -11.99 -7.52
C ASP C 205 -0.79 -12.00 -9.04
N ALA C 206 -0.41 -10.86 -9.60
CA ALA C 206 0.11 -10.81 -10.96
C ALA C 206 1.58 -10.43 -10.87
N VAL C 207 2.44 -11.32 -11.38
CA VAL C 207 3.88 -11.13 -11.35
C VAL C 207 4.41 -10.86 -12.76
N VAL C 208 5.11 -9.73 -12.91
CA VAL C 208 5.73 -9.40 -14.16
C VAL C 208 7.23 -9.57 -14.00
N THR C 209 7.86 -10.28 -14.92
CA THR C 209 9.30 -10.53 -14.86
C THR C 209 10.03 -9.66 -15.88
N SER C 210 11.09 -9.00 -15.43
CA SER C 210 11.82 -8.06 -16.24
C SER C 210 13.33 -8.23 -16.13
N SER C 211 14.04 -7.72 -17.13
CA SER C 211 15.51 -7.69 -17.13
C SER C 211 16.03 -6.34 -17.52
N ASP C 212 17.22 -5.99 -17.05
CA ASP C 212 17.91 -4.80 -17.54
C ASP C 212 18.85 -5.25 -18.66
N ALA C 213 19.48 -4.30 -19.34
CA ALA C 213 20.39 -4.62 -20.44
C ALA C 213 21.55 -5.49 -19.92
N ALA C 214 21.76 -5.46 -18.61
CA ALA C 214 22.88 -6.13 -17.98
C ALA C 214 22.56 -7.58 -17.67
N GLY C 215 21.29 -7.94 -17.70
CA GLY C 215 20.89 -9.31 -17.45
C GLY C 215 20.36 -9.55 -16.04
N ASN C 216 20.34 -8.50 -15.22
CA ASN C 216 19.75 -8.64 -13.89
C ASN C 216 18.27 -8.82 -14.08
N THR C 217 17.67 -9.64 -13.26
CA THR C 217 16.26 -9.90 -13.38
C THR C 217 15.50 -9.44 -12.14
N VAL C 218 14.20 -9.25 -12.28
CA VAL C 218 13.39 -8.86 -11.14
C VAL C 218 11.93 -9.15 -11.46
N ASP C 219 11.18 -9.44 -10.41
CA ASP C 219 9.71 -9.60 -10.45
C ASP C 219 9.02 -8.45 -9.73
N THR C 220 8.05 -7.83 -10.39
CA THR C 220 7.20 -6.80 -9.81
C THR C 220 5.83 -7.43 -9.65
N THR C 221 5.25 -7.27 -8.46
CA THR C 221 4.02 -7.98 -8.08
C THR C 221 2.93 -6.98 -7.77
N GLY C 222 1.71 -7.28 -8.23
CA GLY C 222 0.55 -6.51 -7.85
C GLY C 222 -0.54 -7.50 -7.51
N SER C 223 -1.29 -7.17 -6.48
CA SER C 223 -2.13 -8.15 -5.83
C SER C 223 -3.59 -7.81 -6.13
N SER C 224 -4.40 -8.84 -6.24
CA SER C 224 -5.81 -8.63 -6.51
C SER C 224 -6.69 -9.38 -5.54
N THR C 225 -7.83 -8.78 -5.22
CA THR C 225 -8.91 -9.51 -4.58
C THR C 225 -10.23 -9.20 -5.27
N HIS C 226 -11.19 -10.09 -5.13
CA HIS C 226 -12.54 -9.88 -5.59
C HIS C 226 -13.51 -10.68 -4.75
N THR C 227 -14.79 -10.51 -4.99
CA THR C 227 -15.75 -11.35 -4.29
C THR C 227 -16.55 -12.16 -5.31
N VAL C 228 -17.26 -13.15 -4.79
CA VAL C 228 -18.00 -14.06 -5.63
C VAL C 228 -19.41 -14.10 -5.16
N ASP C 229 -20.34 -13.91 -6.09
CA ASP C 229 -21.74 -13.98 -5.76
C ASP C 229 -22.48 -14.58 -6.94
N THR C 230 -22.70 -15.89 -6.88
CA THR C 230 -23.33 -16.67 -7.95
C THR C 230 -24.82 -17.03 -7.78
N GLU C 231 -25.58 -16.26 -7.05
CA GLU C 231 -27.03 -16.42 -7.03
C GLU C 231 -27.81 -15.29 -6.39
N ALA C 232 -28.90 -14.93 -7.06
CA ALA C 232 -29.87 -14.02 -6.49
C ALA C 232 -30.73 -14.85 -5.54
N THR C 233 -31.45 -14.19 -4.65
CA THR C 233 -32.25 -14.88 -3.65
C THR C 233 -33.74 -14.64 -3.90
N ALA C 234 -34.51 -15.72 -4.07
CA ALA C 234 -35.97 -15.60 -4.24
C ALA C 234 -36.63 -15.07 -2.96
N GLY C 235 -37.77 -14.40 -3.09
CA GLY C 235 -38.47 -13.84 -1.96
C GLY C 235 -39.70 -14.66 -1.69
N THR C 236 -40.75 -13.97 -1.24
CA THR C 236 -42.08 -14.55 -1.14
C THR C 236 -43.04 -13.64 -1.89
N VAL C 237 -43.93 -14.25 -2.64
CA VAL C 237 -44.92 -13.56 -3.41
C VAL C 237 -46.25 -14.19 -3.14
N THR C 238 -47.20 -13.35 -2.82
CA THR C 238 -48.58 -13.84 -2.60
C THR C 238 -49.58 -13.05 -3.42
N VAL C 239 -50.72 -13.67 -3.67
CA VAL C 239 -51.82 -13.02 -4.37
C VAL C 239 -53.03 -13.04 -3.42
N ASN C 240 -53.61 -11.87 -3.23
CA ASN C 240 -54.72 -11.67 -2.32
C ASN C 240 -55.96 -12.33 -2.91
N ALA C 241 -57.02 -12.47 -2.12
CA ALA C 241 -58.30 -12.96 -2.63
C ALA C 241 -58.69 -12.16 -3.84
N ILE C 242 -59.32 -12.78 -4.79
CA ILE C 242 -59.73 -12.11 -6.01
C ILE C 242 -61.08 -11.46 -5.81
N THR C 243 -61.09 -10.18 -5.56
CA THR C 243 -62.21 -9.48 -4.94
C THR C 243 -62.42 -9.99 -3.51
N SER C 244 -63.34 -9.35 -2.79
CA SER C 244 -63.46 -9.51 -1.34
C SER C 244 -63.75 -10.93 -0.90
N ASP C 245 -64.42 -11.68 -1.76
CA ASP C 245 -64.88 -13.02 -1.42
C ASP C 245 -64.16 -14.06 -2.26
N ASP C 246 -63.16 -13.63 -3.02
CA ASP C 246 -62.43 -14.55 -3.88
C ASP C 246 -63.36 -15.19 -4.93
N VAL C 247 -64.44 -14.50 -5.28
CA VAL C 247 -65.33 -14.98 -6.33
C VAL C 247 -65.63 -13.86 -7.29
N ILE C 248 -65.56 -14.19 -8.54
CA ILE C 248 -65.94 -13.31 -9.57
C ILE C 248 -67.46 -13.47 -9.87
N ASN C 249 -68.21 -12.40 -9.67
CA ASN C 249 -69.63 -12.44 -9.95
C ASN C 249 -69.93 -11.76 -11.26
N ALA C 250 -71.22 -11.59 -11.58
CA ALA C 250 -71.55 -11.04 -12.89
C ALA C 250 -71.03 -9.61 -13.05
N SER C 251 -71.16 -8.80 -12.00
CA SER C 251 -70.80 -7.40 -12.04
C SER C 251 -69.29 -7.24 -12.22
N GLU C 252 -68.55 -7.89 -11.38
CA GLU C 252 -67.10 -8.00 -11.51
C GLU C 252 -66.68 -8.47 -12.92
N ALA C 253 -67.27 -9.56 -13.38
CA ALA C 253 -66.92 -10.13 -14.68
C ALA C 253 -67.13 -9.15 -15.84
N ALA C 254 -68.07 -8.23 -15.69
CA ALA C 254 -68.34 -7.24 -16.74
C ALA C 254 -67.48 -5.98 -16.63
N GLY C 255 -66.72 -5.85 -15.53
CA GLY C 255 -65.91 -4.66 -15.28
C GLY C 255 -64.39 -4.93 -15.17
N THR C 256 -63.75 -4.18 -14.28
CA THR C 256 -62.32 -4.26 -14.02
C THR C 256 -62.16 -4.64 -12.56
N VAL C 257 -61.18 -5.48 -12.28
CA VAL C 257 -60.85 -5.93 -10.93
C VAL C 257 -59.40 -5.63 -10.61
N ALA C 258 -59.19 -5.03 -9.45
CA ALA C 258 -57.82 -4.78 -8.96
C ALA C 258 -57.29 -6.08 -8.37
N VAL C 259 -56.33 -6.69 -9.07
CA VAL C 259 -55.75 -7.92 -8.60
C VAL C 259 -54.48 -7.49 -7.88
N SER C 260 -54.41 -7.78 -6.62
CA SER C 260 -53.33 -7.35 -5.79
C SER C 260 -52.64 -8.44 -4.95
N GLY C 261 -51.55 -8.05 -4.30
CA GLY C 261 -50.81 -9.00 -3.47
C GLY C 261 -49.57 -8.42 -2.87
N THR C 262 -48.65 -9.31 -2.52
CA THR C 262 -47.46 -8.96 -1.77
C THR C 262 -46.20 -9.48 -2.45
N ALA C 263 -45.08 -8.83 -2.22
CA ALA C 263 -43.82 -9.35 -2.70
C ALA C 263 -42.70 -8.76 -1.83
N THR C 264 -42.00 -9.62 -1.09
CA THR C 264 -40.98 -9.17 -0.14
C THR C 264 -39.97 -10.29 0.09
N GLY C 265 -38.81 -9.93 0.60
CA GLY C 265 -37.85 -10.90 0.97
C GLY C 265 -36.79 -11.15 -0.10
N GLY C 266 -35.68 -11.76 0.31
CA GLY C 266 -34.60 -11.98 -0.62
C GLY C 266 -34.24 -10.70 -1.34
N ASP C 267 -34.00 -10.83 -2.64
CA ASP C 267 -33.71 -9.71 -3.50
C ASP C 267 -34.94 -8.98 -4.06
N ILE C 268 -36.14 -9.29 -3.56
CA ILE C 268 -37.27 -8.50 -4.02
C ILE C 268 -37.15 -7.07 -3.49
N ALA C 269 -37.43 -6.11 -4.36
CA ALA C 269 -37.29 -4.67 -4.04
C ALA C 269 -38.32 -3.86 -4.76
N GLU C 270 -38.66 -2.70 -4.18
CA GLU C 270 -39.56 -1.73 -4.80
C GLU C 270 -39.07 -1.50 -6.21
N GLY C 271 -40.02 -1.44 -7.14
CA GLY C 271 -39.68 -1.28 -8.55
C GLY C 271 -39.54 -2.57 -9.35
N ASP C 272 -39.41 -3.72 -8.68
CA ASP C 272 -39.38 -5.02 -9.38
C ASP C 272 -40.66 -5.23 -10.14
N THR C 273 -40.56 -5.68 -11.37
CA THR C 273 -41.67 -6.01 -12.21
C THR C 273 -42.44 -7.22 -11.73
N VAL C 274 -43.75 -7.12 -11.85
CA VAL C 274 -44.67 -8.18 -11.46
C VAL C 274 -45.41 -8.54 -12.74
N THR C 275 -45.44 -9.83 -13.06
CA THR C 275 -46.04 -10.33 -14.30
C THR C 275 -47.13 -11.38 -13.99
N LEU C 276 -48.29 -11.20 -14.61
CA LEU C 276 -49.42 -12.10 -14.48
C LEU C 276 -49.94 -12.35 -15.85
N GLU C 277 -50.01 -13.62 -16.23
CA GLU C 277 -50.65 -14.03 -17.45
C GLU C 277 -51.95 -14.66 -17.01
N ILE C 278 -53.05 -14.17 -17.54
CA ILE C 278 -54.41 -14.55 -17.11
C ILE C 278 -55.21 -14.58 -18.38
N ASN C 279 -55.78 -15.75 -18.69
CA ASN C 279 -56.58 -15.96 -19.90
C ASN C 279 -55.78 -15.56 -21.13
N GLY C 280 -54.47 -15.81 -21.07
CA GLY C 280 -53.59 -15.56 -22.20
C GLY C 280 -53.24 -14.09 -22.36
N GLU C 281 -53.61 -13.28 -21.39
CA GLU C 281 -53.30 -11.85 -21.41
C GLU C 281 -52.24 -11.53 -20.35
N THR C 282 -51.15 -10.89 -20.78
CA THR C 282 -50.13 -10.50 -19.83
C THR C 282 -50.48 -9.17 -19.22
N TYR C 283 -50.39 -9.11 -17.91
CA TYR C 283 -50.54 -7.89 -17.16
C TYR C 283 -49.23 -7.70 -16.41
N THR C 284 -48.81 -6.45 -16.30
CA THR C 284 -47.59 -6.12 -15.58
C THR C 284 -47.76 -4.92 -14.67
N THR C 285 -47.07 -4.93 -13.57
CA THR C 285 -46.95 -3.79 -12.71
C THR C 285 -45.60 -3.87 -11.96
N THR C 286 -45.42 -3.06 -10.96
CA THR C 286 -44.21 -3.03 -10.17
C THR C 286 -44.48 -3.04 -8.68
N VAL C 287 -43.55 -3.62 -7.93
CA VAL C 287 -43.65 -3.75 -6.51
C VAL C 287 -43.55 -2.37 -5.88
N ASP C 288 -44.41 -2.06 -4.95
CA ASP C 288 -44.39 -0.75 -4.34
C ASP C 288 -43.39 -0.74 -3.21
N ALA C 289 -43.30 0.34 -2.47
CA ALA C 289 -42.32 0.50 -1.40
C ALA C 289 -42.78 -0.19 -0.12
N ASN C 290 -44.01 -0.72 -0.10
CA ASN C 290 -44.49 -1.45 1.07
C ASN C 290 -44.51 -2.99 0.85
N GLY C 291 -43.84 -3.47 -0.20
CA GLY C 291 -43.91 -4.90 -0.55
C GLY C 291 -45.27 -5.35 -1.05
N GLU C 292 -46.09 -4.43 -1.48
CA GLU C 292 -47.32 -4.74 -2.12
C GLU C 292 -47.35 -4.41 -3.64
N TRP C 293 -48.36 -4.93 -4.32
CA TRP C 293 -48.51 -4.65 -5.73
C TRP C 293 -49.98 -4.83 -6.11
N SER C 294 -50.37 -4.22 -7.22
CA SER C 294 -51.77 -4.27 -7.65
C SER C 294 -51.83 -3.92 -9.13
N VAL C 295 -52.72 -4.57 -9.85
CA VAL C 295 -52.87 -4.30 -11.26
C VAL C 295 -54.35 -4.51 -11.66
N ASP C 296 -54.86 -3.58 -12.46
CA ASP C 296 -56.20 -3.67 -13.03
C ASP C 296 -56.27 -4.72 -14.11
N VAL C 297 -57.15 -5.67 -13.89
CA VAL C 297 -57.36 -6.77 -14.77
C VAL C 297 -58.85 -6.82 -15.19
N ALA C 298 -59.06 -7.14 -16.46
CA ALA C 298 -60.41 -7.28 -17.02
C ALA C 298 -61.16 -8.41 -16.35
N GLY C 299 -62.37 -8.15 -15.90
CA GLY C 299 -63.16 -9.20 -15.28
C GLY C 299 -63.40 -10.35 -16.25
N SER C 300 -63.41 -10.05 -17.54
CA SER C 300 -63.63 -11.10 -18.52
C SER C 300 -62.50 -12.12 -18.54
N ASP C 301 -61.27 -11.69 -18.29
CA ASP C 301 -60.14 -12.63 -18.21
C ASP C 301 -60.25 -13.49 -16.92
N LEU C 302 -60.62 -12.86 -15.81
CA LEU C 302 -60.78 -13.58 -14.55
C LEU C 302 -61.97 -14.52 -14.58
N ALA C 303 -63.03 -14.12 -15.28
CA ALA C 303 -64.18 -15.00 -15.43
C ALA C 303 -63.79 -16.24 -16.21
N ALA C 304 -62.82 -16.10 -17.11
CA ALA C 304 -62.41 -17.18 -18.00
C ALA C 304 -61.31 -18.03 -17.40
N ASP C 305 -60.40 -17.42 -16.64
CA ASP C 305 -59.23 -18.14 -16.14
C ASP C 305 -59.17 -18.09 -14.62
N THR C 306 -59.36 -19.24 -13.99
CA THR C 306 -59.49 -19.32 -12.53
C THR C 306 -58.15 -19.66 -11.83
N ALA C 307 -57.06 -19.72 -12.57
CA ALA C 307 -55.78 -20.07 -11.95
C ALA C 307 -54.70 -19.29 -12.64
N PHE C 308 -53.85 -18.68 -11.87
CA PHE C 308 -52.69 -18.00 -12.42
C PHE C 308 -51.55 -17.73 -11.46
N ASP C 309 -50.36 -17.59 -12.00
CA ASP C 309 -49.21 -17.21 -11.17
C ASP C 309 -49.01 -15.69 -11.26
N ALA C 310 -48.51 -15.10 -10.19
CA ALA C 310 -47.84 -13.82 -10.29
C ALA C 310 -46.35 -14.07 -10.07
N VAL C 311 -45.55 -13.53 -10.99
CA VAL C 311 -44.12 -13.69 -11.01
C VAL C 311 -43.46 -12.34 -10.84
N VAL C 312 -42.58 -12.25 -9.85
CA VAL C 312 -41.80 -11.05 -9.61
C VAL C 312 -40.37 -11.35 -10.03
N THR C 313 -39.79 -10.46 -10.83
CA THR C 313 -38.42 -10.63 -11.30
C THR C 313 -37.47 -9.72 -10.55
N SER C 314 -36.38 -10.27 -10.01
CA SER C 314 -35.47 -9.45 -9.21
C SER C 314 -34.02 -9.73 -9.54
N SER C 315 -33.15 -8.79 -9.20
CA SER C 315 -31.73 -9.02 -9.33
C SER C 315 -31.00 -8.58 -8.07
N ASP C 316 -29.90 -9.25 -7.76
CA ASP C 316 -29.00 -8.73 -6.74
C ASP C 316 -28.05 -7.76 -7.42
N ALA C 317 -27.23 -7.07 -6.63
CA ALA C 317 -26.33 -6.06 -7.17
C ALA C 317 -25.24 -6.65 -8.06
N ALA C 318 -25.00 -7.96 -7.92
CA ALA C 318 -24.03 -8.64 -8.77
C ALA C 318 -24.60 -8.95 -10.16
N GLY C 319 -25.93 -8.80 -10.31
CA GLY C 319 -26.55 -8.98 -11.60
C GLY C 319 -27.23 -10.34 -11.79
N ASN C 320 -27.15 -11.18 -10.77
CA ASN C 320 -27.86 -12.45 -10.80
C ASN C 320 -29.33 -12.10 -10.82
N THR C 321 -30.13 -12.97 -11.42
CA THR C 321 -31.57 -12.72 -11.50
C THR C 321 -32.33 -13.91 -10.95
N VAL C 322 -33.57 -13.68 -10.50
CA VAL C 322 -34.41 -14.71 -9.93
C VAL C 322 -35.87 -14.27 -10.07
N ASP C 323 -36.73 -15.22 -10.39
CA ASP C 323 -38.18 -15.04 -10.40
C ASP C 323 -38.77 -15.67 -9.13
N THR C 324 -39.57 -14.94 -8.41
CA THR C 324 -40.31 -15.49 -7.31
C THR C 324 -41.78 -15.63 -7.67
N THR C 325 -42.35 -16.78 -7.40
CA THR C 325 -43.66 -17.10 -7.89
C THR C 325 -44.67 -17.26 -6.74
N GLY C 326 -45.84 -16.69 -6.87
CA GLY C 326 -46.96 -16.98 -5.98
C GLY C 326 -48.12 -17.31 -6.88
N SER C 327 -49.00 -18.19 -6.43
CA SER C 327 -50.08 -18.71 -7.24
C SER C 327 -51.42 -18.25 -6.69
N SER C 328 -52.41 -18.20 -7.56
CA SER C 328 -53.75 -17.81 -7.15
C SER C 328 -54.74 -18.77 -7.77
N THR C 329 -55.82 -19.02 -7.04
CA THR C 329 -57.02 -19.57 -7.65
C THR C 329 -58.24 -18.79 -7.17
N HIS C 330 -59.31 -18.83 -7.96
CA HIS C 330 -60.58 -18.28 -7.50
C HIS C 330 -61.72 -19.01 -8.18
N THR C 331 -62.95 -18.57 -7.93
CA THR C 331 -64.10 -19.16 -8.60
C THR C 331 -64.94 -18.10 -9.28
N VAL C 332 -65.79 -18.55 -10.19
CA VAL C 332 -66.54 -17.65 -11.02
C VAL C 332 -67.99 -18.00 -10.85
N ASP C 333 -68.80 -17.01 -10.51
CA ASP C 333 -70.24 -17.26 -10.41
C ASP C 333 -71.01 -16.06 -10.91
N THR C 334 -71.56 -16.17 -12.10
CA THR C 334 -72.15 -15.08 -12.90
C THR C 334 -73.71 -15.02 -12.91
N GLU C 335 -74.35 -15.84 -12.11
CA GLU C 335 -75.79 -15.69 -11.99
C GLU C 335 -76.37 -16.25 -10.73
N ALA C 336 -77.37 -15.52 -10.25
CA ALA C 336 -78.23 -15.98 -9.19
C ALA C 336 -79.25 -16.86 -9.90
N THR C 337 -80.06 -17.58 -9.14
CA THR C 337 -80.95 -18.56 -9.75
C THR C 337 -82.36 -18.27 -9.29
N ALA C 338 -83.27 -18.07 -10.20
CA ALA C 338 -84.64 -17.81 -9.86
C ALA C 338 -85.28 -19.04 -9.28
N GLY C 339 -86.30 -18.85 -8.47
CA GLY C 339 -86.98 -19.94 -7.82
C GLY C 339 -88.34 -20.04 -8.47
N THR C 340 -89.35 -20.31 -7.65
CA THR C 340 -90.75 -20.27 -8.09
C THR C 340 -91.54 -19.46 -7.08
N VAL C 341 -92.37 -18.56 -7.57
CA VAL C 341 -93.22 -17.74 -6.72
C VAL C 341 -94.65 -17.99 -7.14
N THR C 342 -95.54 -18.25 -6.19
CA THR C 342 -96.98 -18.38 -6.50
C THR C 342 -97.80 -17.51 -5.57
N VAL C 343 -99.02 -17.18 -5.96
CA VAL C 343 -99.97 -16.47 -5.10
C VAL C 343 -101.22 -17.32 -4.99
N ASN C 344 -101.70 -17.48 -3.76
CA ASN C 344 -102.87 -18.24 -3.46
C ASN C 344 -104.15 -17.53 -3.94
N ALA C 345 -105.26 -18.24 -3.82
CA ALA C 345 -106.55 -17.63 -4.06
C ALA C 345 -106.59 -16.31 -3.32
N ILE C 346 -107.16 -15.28 -3.94
CA ILE C 346 -107.39 -14.01 -3.24
C ILE C 346 -108.67 -14.16 -2.44
N THR C 347 -108.51 -14.41 -1.15
CA THR C 347 -109.58 -14.94 -0.29
C THR C 347 -109.98 -16.36 -0.72
N SER C 348 -110.84 -16.98 0.09
CA SER C 348 -111.12 -18.40 0.00
C SER C 348 -111.60 -18.83 -1.39
N ASP C 349 -112.31 -17.94 -2.08
CA ASP C 349 -112.94 -18.28 -3.34
C ASP C 349 -112.35 -17.47 -4.50
N ASP C 350 -111.24 -16.77 -4.23
CA ASP C 350 -110.59 -15.98 -5.26
C ASP C 350 -111.53 -14.88 -5.77
N VAL C 351 -112.48 -14.54 -5.09
CA VAL C 351 -113.35 -13.41 -5.40
C VAL C 351 -113.44 -12.44 -4.23
N ILE C 352 -113.40 -11.13 -4.52
CA ILE C 352 -113.51 -10.06 -3.54
C ILE C 352 -114.96 -9.58 -3.50
N ASN C 353 -115.59 -9.71 -2.34
CA ASN C 353 -116.97 -9.37 -2.16
C ASN C 353 -117.09 -8.02 -1.46
N ALA C 354 -118.31 -7.60 -1.13
CA ALA C 354 -118.48 -6.27 -0.56
C ALA C 354 -117.73 -6.16 0.76
N SER C 355 -117.95 -7.13 1.65
CA SER C 355 -117.29 -7.14 2.97
C SER C 355 -115.77 -7.07 2.84
N GLU C 356 -115.19 -7.98 2.07
CA GLU C 356 -113.74 -8.03 1.84
C GLU C 356 -113.20 -6.72 1.27
N ALA C 357 -113.92 -6.13 0.33
CA ALA C 357 -113.52 -4.89 -0.28
C ALA C 357 -113.57 -3.72 0.69
N ALA C 358 -114.42 -3.82 1.71
CA ALA C 358 -114.51 -2.76 2.73
C ALA C 358 -113.43 -2.87 3.80
N GLY C 359 -112.75 -4.02 3.83
CA GLY C 359 -111.80 -4.31 4.88
C GLY C 359 -110.38 -4.61 4.39
N THR C 360 -109.73 -5.57 5.05
CA THR C 360 -108.35 -5.91 4.77
C THR C 360 -108.32 -7.36 4.38
N VAL C 361 -107.42 -7.71 3.50
CA VAL C 361 -107.24 -9.06 3.03
C VAL C 361 -105.80 -9.47 3.13
N ALA C 362 -105.61 -10.66 3.67
CA ALA C 362 -104.26 -11.19 3.77
C ALA C 362 -103.95 -11.90 2.45
N VAL C 363 -103.16 -11.27 1.62
CA VAL C 363 -102.73 -11.87 0.40
C VAL C 363 -101.49 -12.71 0.65
N SER C 364 -101.60 -13.98 0.35
CA SER C 364 -100.57 -14.97 0.72
C SER C 364 -100.09 -15.79 -0.47
N GLY C 365 -98.96 -16.47 -0.29
CA GLY C 365 -98.42 -17.29 -1.37
C GLY C 365 -97.18 -18.02 -0.96
N THR C 366 -96.44 -18.52 -1.97
CA THR C 366 -95.26 -19.33 -1.73
C THR C 366 -94.08 -18.70 -2.43
N ALA C 367 -92.88 -19.10 -2.01
CA ALA C 367 -91.65 -18.65 -2.63
C ALA C 367 -90.54 -19.59 -2.19
N THR C 368 -90.00 -20.35 -3.14
CA THR C 368 -89.04 -21.38 -2.82
C THR C 368 -88.18 -21.74 -4.02
N GLY C 369 -86.99 -22.24 -3.73
CA GLY C 369 -86.14 -22.76 -4.78
C GLY C 369 -85.20 -21.71 -5.32
N GLY C 370 -84.19 -22.18 -6.05
CA GLY C 370 -83.13 -21.30 -6.49
C GLY C 370 -82.47 -20.64 -5.32
N ASP C 371 -82.22 -19.33 -5.43
CA ASP C 371 -81.60 -18.61 -4.35
C ASP C 371 -82.63 -17.98 -3.43
N ILE C 372 -83.91 -18.29 -3.61
CA ILE C 372 -84.88 -17.77 -2.67
C ILE C 372 -84.66 -18.33 -1.29
N ALA C 373 -84.69 -17.44 -0.30
CA ALA C 373 -84.43 -17.83 1.08
C ALA C 373 -85.27 -17.02 2.03
N GLU C 374 -85.51 -17.56 3.23
CA GLU C 374 -86.21 -16.87 4.28
C GLU C 374 -85.59 -15.50 4.46
N GLY C 375 -86.42 -14.47 4.62
CA GLY C 375 -85.93 -13.11 4.70
C GLY C 375 -85.95 -12.29 3.40
N ASP C 376 -86.02 -12.94 2.24
CA ASP C 376 -86.10 -12.25 0.95
C ASP C 376 -87.34 -11.37 0.89
N THR C 377 -87.21 -10.18 0.39
CA THR C 377 -88.31 -9.25 0.23
C THR C 377 -89.28 -9.73 -0.81
N VAL C 378 -90.55 -9.58 -0.50
CA VAL C 378 -91.63 -9.87 -1.43
C VAL C 378 -92.28 -8.53 -1.70
N THR C 379 -92.47 -8.23 -2.98
CA THR C 379 -93.06 -6.95 -3.38
C THR C 379 -94.27 -7.17 -4.28
N LEU C 380 -95.36 -6.52 -3.92
CA LEU C 380 -96.61 -6.56 -4.67
C LEU C 380 -97.04 -5.13 -4.89
N GLU C 381 -97.27 -4.75 -6.14
CA GLU C 381 -97.84 -3.46 -6.46
C GLU C 381 -99.26 -3.74 -6.93
N ILE C 382 -100.23 -3.23 -6.17
CA ILE C 382 -101.65 -3.50 -6.42
C ILE C 382 -102.37 -2.17 -6.46
N ASN C 383 -103.07 -1.90 -7.56
CA ASN C 383 -103.79 -0.63 -7.71
C ASN C 383 -102.85 0.54 -7.49
N GLY C 384 -101.60 0.40 -7.94
CA GLY C 384 -100.62 1.46 -7.78
C GLY C 384 -100.07 1.63 -6.37
N GLU C 385 -100.40 0.71 -5.48
CA GLU C 385 -99.88 0.76 -4.11
C GLU C 385 -98.88 -0.38 -3.85
N THR C 386 -97.74 -0.04 -3.28
CA THR C 386 -96.73 -1.05 -3.02
C THR C 386 -96.90 -1.62 -1.63
N TYR C 387 -96.99 -2.93 -1.60
CA TYR C 387 -96.99 -3.72 -0.38
C TYR C 387 -95.71 -4.58 -0.37
N THR C 388 -95.14 -4.79 0.80
CA THR C 388 -93.96 -5.61 0.95
C THR C 388 -94.04 -6.48 2.21
N THR C 389 -93.47 -7.66 2.12
CA THR C 389 -93.26 -8.48 3.30
C THR C 389 -91.96 -9.28 3.06
N THR C 390 -91.72 -10.32 3.84
CA THR C 390 -90.55 -11.19 3.66
C THR C 390 -90.95 -12.67 3.57
N VAL C 391 -90.13 -13.46 2.89
CA VAL C 391 -90.36 -14.90 2.83
C VAL C 391 -90.14 -15.48 4.22
N ASP C 392 -91.05 -16.34 4.68
CA ASP C 392 -90.88 -16.95 6.00
C ASP C 392 -89.96 -18.19 5.90
N ALA C 393 -89.89 -18.98 6.96
CA ALA C 393 -88.92 -20.08 7.01
C ALA C 393 -89.46 -21.36 6.36
N ASN C 394 -90.71 -21.33 5.88
CA ASN C 394 -91.29 -22.49 5.22
C ASN C 394 -91.74 -22.18 3.78
N GLY C 395 -91.13 -21.16 3.20
CA GLY C 395 -91.31 -20.83 1.80
C GLY C 395 -92.67 -20.25 1.46
N GLU C 396 -93.33 -19.67 2.45
CA GLU C 396 -94.59 -18.98 2.26
C GLU C 396 -94.41 -17.50 2.60
N TRP C 397 -95.40 -16.70 2.25
CA TRP C 397 -95.45 -15.30 2.63
C TRP C 397 -96.89 -14.83 2.70
N SER C 398 -97.12 -13.72 3.41
CA SER C 398 -98.45 -13.15 3.53
C SER C 398 -98.32 -11.66 3.79
N VAL C 399 -99.21 -10.88 3.20
CA VAL C 399 -99.25 -9.46 3.49
C VAL C 399 -100.69 -8.96 3.44
N ASP C 400 -101.00 -8.04 4.33
CA ASP C 400 -102.28 -7.37 4.48
C ASP C 400 -102.42 -6.33 3.43
N VAL C 401 -103.44 -6.45 2.63
CA VAL C 401 -103.72 -5.54 1.55
C VAL C 401 -105.10 -4.92 1.72
N ALA C 402 -105.18 -3.66 1.38
CA ALA C 402 -106.45 -2.95 1.43
C ALA C 402 -107.43 -3.58 0.46
N GLY C 403 -108.61 -3.89 0.96
CA GLY C 403 -109.63 -4.45 0.11
C GLY C 403 -109.93 -3.57 -1.08
N SER C 404 -109.92 -2.26 -0.87
CA SER C 404 -110.26 -1.35 -1.94
C SER C 404 -109.24 -1.44 -3.09
N ASP C 405 -108.02 -1.75 -2.79
CA ASP C 405 -107.05 -1.91 -3.82
C ASP C 405 -107.34 -3.21 -4.61
N LEU C 406 -107.66 -4.28 -3.92
CA LEU C 406 -108.01 -5.53 -4.58
C LEU C 406 -109.30 -5.39 -5.38
N ALA C 407 -110.20 -4.60 -4.89
CA ALA C 407 -111.45 -4.32 -5.55
C ALA C 407 -111.24 -3.58 -6.85
N ALA C 408 -110.22 -2.73 -6.88
CA ALA C 408 -109.95 -1.95 -8.08
C ALA C 408 -108.95 -2.57 -9.07
N ASP C 409 -108.14 -3.53 -8.62
CA ASP C 409 -107.05 -4.07 -9.45
C ASP C 409 -107.05 -5.58 -9.36
N THR C 410 -107.37 -6.20 -10.47
CA THR C 410 -107.66 -7.62 -10.54
C THR C 410 -106.52 -8.45 -11.08
N ALA C 411 -105.40 -7.81 -11.23
CA ALA C 411 -104.23 -8.51 -11.75
C ALA C 411 -102.98 -7.88 -11.18
N PHE C 412 -102.11 -8.68 -10.62
CA PHE C 412 -100.87 -8.16 -10.07
C PHE C 412 -99.82 -9.25 -9.99
N ASP C 413 -98.56 -8.86 -10.06
CA ASP C 413 -97.43 -9.75 -9.82
C ASP C 413 -97.01 -9.70 -8.33
N ALA C 414 -96.52 -10.78 -7.78
CA ALA C 414 -95.69 -10.76 -6.57
C ALA C 414 -94.27 -11.07 -7.00
N VAL C 415 -93.31 -10.26 -6.56
CA VAL C 415 -91.94 -10.35 -7.01
C VAL C 415 -91.03 -10.57 -5.80
N VAL C 416 -90.27 -11.67 -5.84
CA VAL C 416 -89.33 -12.00 -4.76
C VAL C 416 -87.90 -11.77 -5.22
N THR C 417 -87.18 -10.93 -4.47
CA THR C 417 -85.81 -10.58 -4.80
C THR C 417 -84.81 -11.37 -3.96
N SER C 418 -83.89 -12.05 -4.62
CA SER C 418 -82.91 -12.91 -3.93
C SER C 418 -81.51 -12.67 -4.44
N SER C 419 -80.51 -13.07 -3.68
CA SER C 419 -79.12 -13.08 -4.11
C SER C 419 -78.37 -14.35 -3.69
N ASP C 420 -77.33 -14.70 -4.41
CA ASP C 420 -76.49 -15.81 -4.02
C ASP C 420 -75.35 -15.26 -3.16
N ALA C 421 -74.47 -16.13 -2.70
CA ALA C 421 -73.40 -15.71 -1.79
C ALA C 421 -72.43 -14.76 -2.51
N ALA C 422 -72.41 -14.86 -3.83
CA ALA C 422 -71.52 -14.07 -4.66
C ALA C 422 -72.05 -12.66 -4.83
N GLY C 423 -73.29 -12.43 -4.40
CA GLY C 423 -73.88 -11.11 -4.55
C GLY C 423 -74.63 -10.89 -5.86
N ASN C 424 -74.81 -11.91 -6.67
CA ASN C 424 -75.61 -11.81 -7.87
C ASN C 424 -77.06 -11.73 -7.43
N THR C 425 -77.89 -11.02 -8.17
CA THR C 425 -79.28 -10.83 -7.79
C THR C 425 -80.27 -11.29 -8.85
N VAL C 426 -81.46 -11.63 -8.42
CA VAL C 426 -82.50 -12.09 -9.31
C VAL C 426 -83.91 -11.78 -8.72
N ASP C 427 -84.86 -11.51 -9.58
CA ASP C 427 -86.28 -11.45 -9.21
C ASP C 427 -87.01 -12.66 -9.77
N THR C 428 -87.79 -13.30 -8.91
CA THR C 428 -88.68 -14.36 -9.33
C THR C 428 -90.10 -13.82 -9.20
N THR C 429 -90.88 -13.94 -10.25
CA THR C 429 -92.21 -13.42 -10.33
C THR C 429 -93.29 -14.53 -10.40
N GLY C 430 -94.35 -14.40 -9.60
CA GLY C 430 -95.55 -15.20 -9.78
C GLY C 430 -96.70 -14.22 -9.99
N SER C 431 -97.66 -14.60 -10.82
CA SER C 431 -98.72 -13.70 -11.23
C SER C 431 -100.04 -14.15 -10.61
N SER C 432 -100.92 -13.18 -10.34
CA SER C 432 -102.21 -13.47 -9.77
C SER C 432 -103.34 -12.77 -10.49
N THR C 433 -104.50 -13.43 -10.59
CA THR C 433 -105.73 -12.78 -10.98
C THR C 433 -106.85 -13.17 -10.01
N HIS C 434 -107.82 -12.27 -9.88
CA HIS C 434 -109.05 -12.61 -9.15
C HIS C 434 -110.21 -11.87 -9.81
N THR C 435 -111.41 -12.04 -9.27
CA THR C 435 -112.52 -11.24 -9.75
C THR C 435 -113.13 -10.46 -8.58
N VAL C 436 -114.00 -9.55 -8.89
CA VAL C 436 -114.65 -8.70 -7.94
C VAL C 436 -116.13 -8.73 -8.13
N ASP C 437 -116.81 -8.91 -7.03
CA ASP C 437 -118.25 -8.88 -6.97
C ASP C 437 -118.73 -8.42 -5.60
N GLU D 23 104.67 17.73 -3.96
CA GLU D 23 103.34 17.86 -3.41
C GLU D 23 102.36 16.92 -4.00
N ALA D 24 101.34 16.66 -3.24
CA ALA D 24 100.20 15.87 -3.67
C ALA D 24 99.07 16.80 -4.09
N THR D 25 98.15 16.27 -4.88
CA THR D 25 97.18 17.10 -5.60
C THR D 25 95.75 16.79 -5.16
N ALA D 26 94.99 17.82 -4.83
CA ALA D 26 93.60 17.66 -4.44
C ALA D 26 92.78 17.37 -5.67
N GLY D 27 91.61 16.80 -5.43
CA GLY D 27 90.61 16.61 -6.46
C GLY D 27 89.33 17.39 -6.18
N THR D 28 88.20 16.70 -6.31
CA THR D 28 86.92 17.36 -6.15
C THR D 28 86.03 16.43 -5.33
N VAL D 29 85.45 16.97 -4.24
CA VAL D 29 84.60 16.15 -3.36
C VAL D 29 83.21 16.77 -3.33
N THR D 30 82.16 15.96 -3.38
CA THR D 30 80.79 16.50 -3.28
C THR D 30 79.97 15.64 -2.30
N VAL D 31 78.98 16.26 -1.67
CA VAL D 31 78.02 15.55 -0.83
C VAL D 31 76.64 15.70 -1.47
N ASN D 32 76.01 14.56 -1.72
CA ASN D 32 74.65 14.50 -2.25
C ASN D 32 73.61 14.99 -1.24
N ALA D 33 72.39 15.15 -1.73
CA ALA D 33 71.28 15.50 -0.86
C ALA D 33 71.24 14.57 0.36
N ILE D 34 70.95 15.14 1.52
CA ILE D 34 70.73 14.36 2.73
C ILE D 34 69.28 13.80 2.71
N THR D 35 69.17 12.50 2.42
CA THR D 35 67.92 11.88 1.96
C THR D 35 67.41 12.53 0.68
N SER D 36 66.36 11.91 0.13
CA SER D 36 65.87 12.25 -1.20
C SER D 36 65.54 13.73 -1.33
N ASP D 37 65.06 14.33 -0.26
CA ASP D 37 64.56 15.70 -0.36
C ASP D 37 65.43 16.71 0.35
N ASP D 38 66.60 16.28 0.83
CA ASP D 38 67.57 17.13 1.53
C ASP D 38 66.99 17.72 2.82
N VAL D 39 65.96 17.05 3.35
CA VAL D 39 65.28 17.41 4.60
C VAL D 39 65.23 16.16 5.47
N ILE D 40 65.62 16.29 6.74
CA ILE D 40 65.56 15.20 7.71
C ILE D 40 64.22 15.19 8.51
N ASN D 41 63.43 14.14 8.31
CA ASN D 41 62.12 14.05 8.98
C ASN D 41 62.18 13.21 10.24
N ALA D 42 61.03 12.96 10.86
CA ALA D 42 61.01 12.32 12.15
C ALA D 42 61.52 10.91 12.07
N SER D 43 61.07 10.19 11.05
CA SER D 43 61.47 8.81 10.84
C SER D 43 62.96 8.72 10.60
N GLU D 44 63.43 9.53 9.67
CA GLU D 44 64.85 9.56 9.30
C GLU D 44 65.71 9.85 10.52
N ALA D 45 65.23 10.76 11.37
CA ALA D 45 65.95 11.13 12.57
C ALA D 45 66.00 10.01 13.60
N ALA D 46 64.98 9.16 13.64
CA ALA D 46 64.98 8.04 14.58
C ALA D 46 65.89 6.91 14.12
N GLY D 47 66.30 6.91 12.85
CA GLY D 47 67.03 5.79 12.27
C GLY D 47 68.44 6.08 11.79
N THR D 48 68.87 5.37 10.76
CA THR D 48 70.19 5.53 10.19
C THR D 48 70.05 6.03 8.77
N VAL D 49 70.89 6.99 8.39
CA VAL D 49 70.79 7.63 7.09
C VAL D 49 72.10 7.42 6.40
N ALA D 50 72.02 7.15 5.11
CA ALA D 50 73.20 6.96 4.31
C ALA D 50 73.60 8.26 3.63
N VAL D 51 74.68 8.87 4.10
CA VAL D 51 75.19 10.09 3.49
C VAL D 51 76.19 9.68 2.42
N SER D 52 75.95 10.08 1.18
CA SER D 52 76.83 9.70 0.08
C SER D 52 77.36 10.91 -0.66
N GLY D 53 78.29 10.68 -1.56
CA GLY D 53 78.89 11.76 -2.32
C GLY D 53 79.86 11.23 -3.35
N THR D 54 80.65 12.13 -3.93
CA THR D 54 81.68 11.72 -4.90
C THR D 54 83.02 12.21 -4.41
N ALA D 55 84.06 11.50 -4.85
CA ALA D 55 85.43 11.92 -4.61
C ALA D 55 86.33 11.47 -5.79
N THR D 56 86.78 12.43 -6.58
CA THR D 56 87.62 12.11 -7.72
C THR D 56 88.56 13.26 -8.04
N GLY D 57 89.64 12.91 -8.75
CA GLY D 57 90.60 13.90 -9.23
C GLY D 57 91.89 13.90 -8.43
N GLY D 58 92.96 14.42 -9.05
CA GLY D 58 94.24 14.53 -8.39
C GLY D 58 94.75 13.19 -7.87
N ASP D 59 95.17 13.18 -6.62
CA ASP D 59 95.67 11.97 -5.99
C ASP D 59 94.56 11.20 -5.25
N ILE D 60 93.30 11.58 -5.48
CA ILE D 60 92.20 10.83 -4.88
C ILE D 60 92.16 9.44 -5.52
N ALA D 61 92.24 8.41 -4.69
CA ALA D 61 92.23 7.02 -5.16
C ALA D 61 91.20 6.22 -4.42
N GLU D 62 90.72 5.15 -5.05
CA GLU D 62 89.92 4.16 -4.37
C GLU D 62 90.60 3.79 -3.05
N GLY D 63 89.83 3.86 -1.98
CA GLY D 63 90.34 3.45 -0.69
C GLY D 63 90.82 4.59 0.19
N ASP D 64 90.89 5.79 -0.36
CA ASP D 64 91.17 6.97 0.47
C ASP D 64 90.09 7.08 1.50
N THR D 65 90.50 7.52 2.68
CA THR D 65 89.60 7.80 3.78
C THR D 65 88.80 9.04 3.50
N VAL D 66 87.50 8.90 3.66
CA VAL D 66 86.55 10.00 3.75
C VAL D 66 86.15 10.25 5.22
N THR D 67 86.29 11.46 5.72
CA THR D 67 86.00 11.75 7.13
C THR D 67 84.96 12.88 7.23
N LEU D 68 83.96 12.67 8.06
CA LEU D 68 82.92 13.64 8.25
C LEU D 68 82.69 13.80 9.69
N GLU D 69 82.62 15.04 10.15
CA GLU D 69 82.29 15.31 11.54
C GLU D 69 80.89 15.87 11.54
N ILE D 70 79.99 15.22 12.26
CA ILE D 70 78.60 15.62 12.28
C ILE D 70 78.08 15.58 13.70
N ASN D 71 77.64 16.73 14.21
CA ASN D 71 77.14 16.87 15.58
C ASN D 71 78.17 16.40 16.59
N GLY D 72 79.43 16.62 16.27
CA GLY D 72 80.50 16.27 17.17
C GLY D 72 80.98 14.84 17.01
N GLU D 73 80.35 14.08 16.13
CA GLU D 73 80.72 12.68 15.91
C GLU D 73 81.55 12.54 14.64
N THR D 74 82.58 11.73 14.69
CA THR D 74 83.43 11.48 13.54
C THR D 74 83.00 10.20 12.81
N TYR D 75 82.62 10.35 11.54
CA TYR D 75 82.27 9.24 10.69
C TYR D 75 83.34 9.09 9.64
N THR D 76 83.63 7.84 9.29
CA THR D 76 84.61 7.55 8.26
C THR D 76 84.10 6.48 7.31
N THR D 77 84.46 6.63 6.05
CA THR D 77 84.31 5.57 5.08
C THR D 77 85.49 5.64 4.11
N THR D 78 85.37 5.00 2.94
CA THR D 78 86.47 5.05 1.95
C THR D 78 85.92 5.31 0.56
N VAL D 79 86.74 5.91 -0.30
CA VAL D 79 86.30 6.17 -1.68
C VAL D 79 86.27 4.83 -2.42
N ASP D 80 85.18 4.56 -3.16
CA ASP D 80 85.12 3.33 -3.92
C ASP D 80 85.65 3.48 -5.35
N ALA D 81 85.58 2.41 -6.12
CA ALA D 81 86.21 2.39 -7.44
C ALA D 81 85.49 3.32 -8.42
N ASN D 82 84.24 3.65 -8.11
CA ASN D 82 83.48 4.52 -9.01
C ASN D 82 83.67 6.00 -8.62
N GLY D 83 84.57 6.26 -7.67
CA GLY D 83 84.76 7.62 -7.17
C GLY D 83 83.57 8.12 -6.38
N GLU D 84 82.85 7.20 -5.76
CA GLU D 84 81.71 7.58 -4.94
C GLU D 84 81.96 7.08 -3.53
N TRP D 85 81.22 7.59 -2.57
CA TRP D 85 81.36 7.13 -1.21
C TRP D 85 80.02 7.18 -0.53
N SER D 86 79.96 6.49 0.61
CA SER D 86 78.78 6.50 1.44
C SER D 86 79.06 5.99 2.84
N VAL D 87 78.54 6.69 3.83
CA VAL D 87 78.70 6.27 5.19
C VAL D 87 77.35 6.30 5.93
N ASP D 88 77.21 5.43 6.90
CA ASP D 88 75.98 5.35 7.67
C ASP D 88 76.10 6.24 8.89
N VAL D 89 75.19 7.22 8.96
CA VAL D 89 75.18 8.30 9.92
C VAL D 89 73.89 8.22 10.76
N ALA D 90 74.03 8.42 12.07
CA ALA D 90 72.87 8.47 12.96
C ALA D 90 71.95 9.60 12.58
N GLY D 91 70.66 9.32 12.45
CA GLY D 91 69.70 10.36 12.15
C GLY D 91 69.79 11.48 13.18
N SER D 92 69.99 11.11 14.44
CA SER D 92 70.05 12.08 15.52
C SER D 92 71.12 13.15 15.29
N ASP D 93 72.21 12.77 14.61
CA ASP D 93 73.32 13.71 14.40
C ASP D 93 72.97 14.68 13.30
N LEU D 94 72.30 14.18 12.28
CA LEU D 94 71.87 15.04 11.17
C LEU D 94 70.67 15.90 11.59
N ALA D 95 69.93 15.44 12.59
CA ALA D 95 68.81 16.24 13.11
C ALA D 95 69.40 17.41 13.88
N ALA D 96 70.58 17.20 14.48
CA ALA D 96 71.21 18.20 15.33
C ALA D 96 72.09 19.20 14.58
N ASP D 97 72.77 18.70 13.55
CA ASP D 97 73.75 19.48 12.80
C ASP D 97 73.39 19.56 11.31
N THR D 98 73.12 20.78 10.82
CA THR D 98 72.60 21.01 9.47
C THR D 98 73.68 21.43 8.46
N ALA D 99 74.92 21.51 8.92
CA ALA D 99 76.04 21.74 8.01
C ALA D 99 77.27 20.95 8.42
N PHE D 100 77.89 20.32 7.45
CA PHE D 100 79.15 19.67 7.64
C PHE D 100 80.03 19.60 6.38
N ASP D 101 81.26 19.19 6.60
CA ASP D 101 82.21 18.95 5.52
C ASP D 101 82.51 17.47 5.41
N ALA D 102 82.80 17.02 4.19
CA ALA D 102 83.44 15.72 4.00
C ALA D 102 84.84 15.97 3.50
N VAL D 103 85.81 15.37 4.16
CA VAL D 103 87.21 15.54 3.83
C VAL D 103 87.81 14.21 3.45
N VAL D 104 88.29 14.14 2.21
CA VAL D 104 89.00 12.99 1.73
C VAL D 104 90.50 13.26 1.90
N THR D 105 91.21 12.29 2.45
CA THR D 105 92.66 12.35 2.62
C THR D 105 93.36 11.42 1.60
N SER D 106 94.32 11.98 0.87
CA SER D 106 95.01 11.27 -0.19
C SER D 106 96.51 11.44 -0.08
N SER D 107 97.23 10.54 -0.72
CA SER D 107 98.65 10.61 -0.86
C SER D 107 99.15 10.18 -2.27
N ASP D 108 100.33 10.67 -2.64
CA ASP D 108 100.94 10.23 -3.88
C ASP D 108 101.97 9.17 -3.54
N ALA D 109 102.61 8.67 -4.59
CA ALA D 109 103.60 7.60 -4.46
C ALA D 109 104.77 8.06 -3.59
N ALA D 110 105.08 9.35 -3.64
CA ALA D 110 106.20 9.94 -2.88
C ALA D 110 105.91 10.08 -1.40
N GLY D 111 104.62 10.05 -1.02
CA GLY D 111 104.21 10.08 0.38
C GLY D 111 103.68 11.41 0.89
N ASN D 112 103.51 12.36 -0.02
CA ASN D 112 102.91 13.65 0.30
C ASN D 112 101.43 13.42 0.51
N THR D 113 100.80 14.20 1.35
CA THR D 113 99.41 14.05 1.66
C THR D 113 98.64 15.36 1.43
N VAL D 114 97.35 15.22 1.23
CA VAL D 114 96.51 16.35 0.89
C VAL D 114 95.07 16.01 1.25
N ASP D 115 94.36 17.03 1.70
CA ASP D 115 92.94 16.91 2.00
C ASP D 115 92.11 17.63 0.96
N THR D 116 91.12 16.94 0.39
CA THR D 116 90.11 17.56 -0.45
C THR D 116 88.78 17.61 0.32
N THR D 117 88.13 18.79 0.32
CA THR D 117 86.91 19.01 1.09
C THR D 117 85.72 19.39 0.23
N GLY D 118 84.56 18.86 0.63
CA GLY D 118 83.29 19.19 -0.01
C GLY D 118 82.35 19.50 1.13
N SER D 119 81.37 20.35 0.87
CA SER D 119 80.55 20.89 1.95
C SER D 119 79.12 20.44 1.78
N SER D 120 78.40 20.33 2.89
CA SER D 120 76.98 19.94 2.83
C SER D 120 76.11 20.78 3.73
N THR D 121 74.93 21.13 3.24
CA THR D 121 73.90 21.63 4.12
C THR D 121 72.60 20.84 3.86
N HIS D 122 71.72 20.85 4.86
CA HIS D 122 70.35 20.30 4.74
C HIS D 122 69.44 20.99 5.76
N THR D 123 68.14 20.67 5.73
CA THR D 123 67.24 21.26 6.74
C THR D 123 66.54 20.14 7.53
N VAL D 124 65.94 20.50 8.66
CA VAL D 124 65.33 19.51 9.54
C VAL D 124 63.89 19.87 9.90
N ASP D 125 63.00 18.88 9.79
CA ASP D 125 61.58 19.06 10.10
C ASP D 125 61.06 17.75 10.65
N THR D 126 60.88 17.72 11.96
CA THR D 126 60.58 16.49 12.66
C THR D 126 59.24 16.56 13.36
N GLU D 127 58.31 17.36 12.88
CA GLU D 127 57.04 17.58 13.54
C GLU D 127 55.91 17.88 12.53
N ALA D 128 54.83 17.13 12.48
CA ALA D 128 53.64 17.47 11.70
C ALA D 128 52.67 18.06 12.71
N THR D 129 51.83 18.97 12.25
CA THR D 129 51.08 19.83 13.14
C THR D 129 49.59 19.52 13.05
N ALA D 130 48.99 19.25 14.20
CA ALA D 130 47.56 19.00 14.28
C ALA D 130 46.77 20.27 14.04
N GLY D 131 45.51 20.10 13.65
CA GLY D 131 44.59 21.22 13.59
C GLY D 131 43.40 21.04 14.53
N THR D 132 42.21 21.23 13.97
CA THR D 132 40.99 21.18 14.76
C THR D 132 39.94 20.39 13.99
N VAL D 133 39.25 19.48 14.65
CA VAL D 133 38.27 18.64 14.01
C VAL D 133 37.02 18.65 14.89
N THR D 134 35.88 18.77 14.27
CA THR D 134 34.60 18.77 15.00
C THR D 134 33.62 17.89 14.24
N VAL D 135 32.68 17.30 14.97
CA VAL D 135 31.62 16.54 14.32
C VAL D 135 30.32 17.29 14.60
N ASN D 136 29.52 17.50 13.54
CA ASN D 136 28.23 18.17 13.64
C ASN D 136 27.15 17.31 14.34
N ALA D 137 26.03 17.93 14.67
CA ALA D 137 24.90 17.18 15.25
C ALA D 137 24.56 16.00 14.35
N ILE D 138 24.21 14.86 14.96
CA ILE D 138 23.85 13.68 14.20
C ILE D 138 22.38 13.77 13.76
N THR D 139 22.15 14.08 12.49
CA THR D 139 20.88 14.62 12.03
C THR D 139 20.60 15.95 12.74
N SER D 140 19.58 16.66 12.26
CA SER D 140 19.25 18.00 12.74
C SER D 140 19.05 18.13 14.24
N ASP D 141 18.51 17.10 14.87
CA ASP D 141 18.20 17.16 16.29
C ASP D 141 19.17 16.36 17.19
N ASP D 142 20.26 15.84 16.60
CA ASP D 142 21.21 15.03 17.31
C ASP D 142 20.61 13.75 17.89
N VAL D 143 19.49 13.31 17.32
CA VAL D 143 18.84 12.09 17.75
C VAL D 143 18.53 11.21 16.55
N ILE D 144 18.82 9.93 16.69
CA ILE D 144 18.51 8.91 15.69
C ILE D 144 17.13 8.34 15.96
N ASN D 145 16.22 8.52 15.00
CA ASN D 145 14.88 7.97 15.14
C ASN D 145 14.74 6.70 14.31
N ALA D 146 13.56 6.11 14.29
CA ALA D 146 13.39 4.85 13.60
C ALA D 146 13.67 4.95 12.10
N SER D 147 13.13 5.97 11.47
CA SER D 147 13.26 6.19 10.06
C SER D 147 14.74 6.30 9.69
N GLU D 148 15.37 7.23 10.36
CA GLU D 148 16.78 7.49 10.24
C GLU D 148 17.61 6.25 10.45
N ALA D 149 17.28 5.53 11.49
CA ALA D 149 18.00 4.32 11.79
C ALA D 149 17.87 3.30 10.65
N ALA D 150 16.79 3.36 9.89
CA ALA D 150 16.51 2.41 8.85
C ALA D 150 17.17 2.70 7.53
N GLY D 151 17.75 3.86 7.39
CA GLY D 151 18.39 4.25 6.13
C GLY D 151 19.82 4.75 6.29
N THR D 152 20.20 5.70 5.44
CA THR D 152 21.57 6.22 5.45
C THR D 152 21.59 7.62 6.05
N VAL D 153 22.60 7.91 6.87
CA VAL D 153 22.74 9.21 7.51
C VAL D 153 24.05 9.80 7.11
N ALA D 154 24.02 11.06 6.71
CA ALA D 154 25.24 11.80 6.34
C ALA D 154 25.85 12.46 7.57
N VAL D 155 26.96 11.89 8.05
CA VAL D 155 27.64 12.42 9.21
C VAL D 155 28.68 13.43 8.73
N SER D 156 28.64 14.63 9.29
CA SER D 156 29.48 15.70 8.79
C SER D 156 30.23 16.41 9.90
N GLY D 157 31.23 17.19 9.49
CA GLY D 157 32.01 17.97 10.41
C GLY D 157 32.98 18.94 9.74
N THR D 158 33.88 19.47 10.54
CA THR D 158 34.93 20.33 10.00
C THR D 158 36.29 19.72 10.28
N ALA D 159 37.28 20.16 9.52
CA ALA D 159 38.67 19.82 9.73
C ALA D 159 39.54 20.92 9.10
N THR D 160 40.27 21.65 9.93
CA THR D 160 41.13 22.70 9.44
C THR D 160 42.25 22.95 10.43
N GLY D 161 43.30 23.61 9.97
CA GLY D 161 44.42 23.98 10.82
C GLY D 161 45.61 23.05 10.70
N GLY D 162 46.77 23.54 11.15
CA GLY D 162 47.99 22.77 11.07
C GLY D 162 48.22 22.25 9.66
N ASP D 163 48.54 20.99 9.57
CA ASP D 163 48.84 20.33 8.34
C ASP D 163 47.61 19.75 7.65
N ILE D 164 46.46 19.91 8.24
CA ILE D 164 45.24 19.42 7.58
C ILE D 164 45.03 20.16 6.28
N ALA D 165 44.78 19.39 5.23
CA ALA D 165 44.65 19.93 3.88
C ALA D 165 43.52 19.23 3.19
N GLU D 166 42.99 19.86 2.15
CA GLU D 166 42.02 19.22 1.29
C GLU D 166 42.55 17.87 0.83
N GLY D 167 41.77 16.83 1.04
CA GLY D 167 42.19 15.52 0.56
C GLY D 167 42.59 14.59 1.67
N ASP D 168 42.84 15.11 2.87
CA ASP D 168 43.21 14.21 3.96
C ASP D 168 42.06 13.25 4.27
N THR D 169 42.42 12.02 4.53
CA THR D 169 41.51 11.00 5.00
C THR D 169 40.94 11.32 6.35
N VAL D 170 39.64 11.14 6.43
CA VAL D 170 38.86 11.21 7.67
C VAL D 170 38.37 9.81 7.99
N THR D 171 38.64 9.29 9.18
CA THR D 171 38.29 7.92 9.53
C THR D 171 37.38 7.94 10.76
N LEU D 172 36.30 7.21 10.71
CA LEU D 172 35.41 7.10 11.82
C LEU D 172 35.06 5.69 12.02
N GLU D 173 35.06 5.33 13.28
CA GLU D 173 34.77 3.99 13.70
C GLU D 173 33.45 4.06 14.42
N ILE D 174 32.42 3.46 13.84
CA ILE D 174 31.09 3.50 14.44
C ILE D 174 30.49 2.11 14.44
N ASN D 175 30.17 1.63 15.63
CA ASN D 175 29.61 0.30 15.84
C ASN D 175 30.56 -0.76 15.29
N GLY D 176 31.84 -0.47 15.40
CA GLY D 176 32.84 -1.39 14.90
C GLY D 176 32.98 -1.35 13.39
N GLU D 177 32.30 -0.41 12.74
CA GLU D 177 32.47 -0.23 11.30
C GLU D 177 33.40 0.96 11.02
N THR D 178 34.31 0.79 10.08
CA THR D 178 35.23 1.87 9.67
C THR D 178 34.66 2.59 8.45
N TYR D 179 34.38 3.87 8.60
CA TYR D 179 33.96 4.70 7.49
C TYR D 179 35.08 5.65 7.18
N THR D 180 35.23 6.01 5.92
CA THR D 180 36.23 7.00 5.55
C THR D 180 35.68 8.02 4.56
N THR D 181 36.13 9.25 4.69
CA THR D 181 35.89 10.24 3.66
C THR D 181 37.14 11.11 3.56
N THR D 182 37.01 12.23 2.90
CA THR D 182 38.08 13.18 2.69
C THR D 182 37.70 14.61 3.08
N VAL D 183 38.65 15.38 3.56
CA VAL D 183 38.40 16.80 3.88
C VAL D 183 38.31 17.56 2.55
N ASP D 184 37.32 18.45 2.45
CA ASP D 184 37.11 19.18 1.22
C ASP D 184 37.74 20.57 1.28
N ALA D 185 37.59 21.34 0.22
CA ALA D 185 38.34 22.60 0.11
C ALA D 185 37.83 23.66 1.09
N ASN D 186 36.62 23.48 1.62
CA ASN D 186 36.11 24.39 2.65
C ASN D 186 36.46 23.94 4.06
N GLY D 187 37.25 22.88 4.19
CA GLY D 187 37.60 22.35 5.48
C GLY D 187 36.41 21.68 6.17
N GLU D 188 35.59 21.01 5.38
CA GLU D 188 34.43 20.32 5.92
C GLU D 188 34.50 18.92 5.38
N TRP D 189 33.76 18.02 6.00
CA TRP D 189 33.71 16.67 5.52
C TRP D 189 32.32 16.11 5.77
N SER D 190 32.07 14.98 5.15
CA SER D 190 30.77 14.31 5.24
C SER D 190 30.91 12.90 4.71
N VAL D 191 30.28 11.96 5.39
CA VAL D 191 30.41 10.56 5.03
C VAL D 191 29.03 9.97 5.22
N ASP D 192 28.70 8.96 4.45
CA ASP D 192 27.43 8.29 4.57
C ASP D 192 27.59 7.09 5.47
N VAL D 193 26.79 7.07 6.51
CA VAL D 193 26.84 6.11 7.55
C VAL D 193 25.53 5.30 7.63
N ALA D 194 25.61 3.97 7.69
CA ALA D 194 24.40 3.20 7.97
C ALA D 194 23.73 3.69 9.27
N GLY D 195 22.47 4.03 9.23
CA GLY D 195 21.73 4.40 10.42
C GLY D 195 21.74 3.38 11.54
N SER D 196 21.82 2.14 11.14
CA SER D 196 21.90 1.05 12.06
C SER D 196 23.08 1.13 12.97
N ASP D 197 24.17 1.57 12.40
CA ASP D 197 25.40 1.67 13.13
C ASP D 197 25.27 2.79 14.15
N LEU D 198 24.64 3.86 13.73
CA LEU D 198 24.45 5.03 14.60
C LEU D 198 23.40 4.73 15.68
N ALA D 199 22.47 3.82 15.39
CA ALA D 199 21.52 3.39 16.39
C ALA D 199 22.16 2.52 17.47
N ALA D 200 23.29 1.92 17.14
CA ALA D 200 23.98 0.98 18.02
C ALA D 200 25.17 1.58 18.78
N ASP D 201 25.69 2.71 18.31
CA ASP D 201 26.87 3.32 18.91
C ASP D 201 26.67 4.82 19.00
N THR D 202 26.50 5.33 20.22
CA THR D 202 26.14 6.72 20.48
C THR D 202 27.35 7.60 20.72
N ALA D 203 28.54 7.02 20.59
CA ALA D 203 29.77 7.78 20.81
C ALA D 203 30.88 7.32 19.86
N PHE D 204 31.52 8.29 19.25
CA PHE D 204 32.60 8.02 18.32
C PHE D 204 33.53 9.21 18.12
N ASP D 205 34.67 8.93 17.53
CA ASP D 205 35.67 9.93 17.14
C ASP D 205 35.80 10.01 15.65
N ALA D 206 36.10 11.17 15.14
CA ALA D 206 36.58 11.34 13.79
C ALA D 206 38.03 11.72 13.84
N VAL D 207 38.87 10.96 13.14
CA VAL D 207 40.30 11.21 13.11
C VAL D 207 40.72 11.56 11.70
N VAL D 208 41.32 12.73 11.56
CA VAL D 208 41.86 13.18 10.29
C VAL D 208 43.36 12.90 10.34
N THR D 209 43.86 12.30 9.27
CA THR D 209 45.30 12.01 9.14
C THR D 209 45.91 12.97 8.14
N SER D 210 47.03 13.60 8.53
CA SER D 210 47.65 14.60 7.68
C SER D 210 49.15 14.39 7.58
N SER D 211 49.73 15.11 6.63
CA SER D 211 51.08 14.92 6.12
C SER D 211 51.68 16.30 5.92
N ASP D 212 52.94 16.52 6.33
CA ASP D 212 53.64 17.71 5.87
C ASP D 212 54.51 17.30 4.67
N ALA D 213 55.13 18.27 4.03
CA ALA D 213 55.94 18.05 2.84
C ALA D 213 57.13 17.15 3.13
N ALA D 214 57.63 17.21 4.33
CA ALA D 214 58.72 16.36 4.74
C ALA D 214 58.39 14.92 5.00
N GLY D 215 57.12 14.61 5.09
CA GLY D 215 56.70 13.26 5.22
C GLY D 215 56.17 12.91 6.59
N ASN D 216 56.28 13.80 7.55
CA ASN D 216 55.77 13.55 8.89
C ASN D 216 54.25 13.38 8.86
N THR D 217 53.70 12.62 9.79
CA THR D 217 52.25 12.44 9.83
C THR D 217 51.72 12.75 11.22
N VAL D 218 50.44 13.06 11.28
CA VAL D 218 49.79 13.42 12.53
C VAL D 218 48.31 13.08 12.38
N ASP D 219 47.69 12.69 13.48
CA ASP D 219 46.24 12.53 13.57
C ASP D 219 45.63 13.68 14.37
N THR D 220 44.50 14.20 13.90
CA THR D 220 43.70 15.16 14.66
C THR D 220 42.30 14.62 14.93
N THR D 221 41.94 14.49 16.19
CA THR D 221 40.70 13.90 16.56
C THR D 221 39.65 14.91 17.03
N GLY D 222 38.43 14.55 16.76
CA GLY D 222 37.21 15.25 17.10
C GLY D 222 36.22 14.20 17.58
N SER D 223 35.37 14.57 18.52
CA SER D 223 34.56 13.60 19.19
C SER D 223 33.10 13.89 18.94
N SER D 224 32.28 12.86 19.00
CA SER D 224 30.84 13.03 18.81
C SER D 224 30.00 12.17 19.74
N THR D 225 28.89 12.73 20.18
CA THR D 225 27.88 11.96 20.91
CA THR D 225 27.90 11.98 20.92
C THR D 225 26.51 12.28 20.34
N HIS D 226 25.58 11.34 20.50
CA HIS D 226 24.19 11.56 20.12
C HIS D 226 23.30 10.64 20.95
N THR D 227 21.99 10.69 20.70
CA THR D 227 21.07 9.81 21.40
C THR D 227 20.20 9.06 20.41
N VAL D 228 19.57 8.00 20.85
CA VAL D 228 18.73 7.17 20.03
C VAL D 228 17.30 7.05 20.59
N ASP D 229 16.33 7.15 19.73
CA ASP D 229 14.92 6.97 20.12
C ASP D 229 14.14 6.42 18.93
N THR D 230 14.03 5.13 18.84
CA THR D 230 13.44 4.46 17.70
C THR D 230 12.05 3.87 18.02
N GLU D 231 11.23 4.55 18.78
CA GLU D 231 9.89 4.08 19.06
C GLU D 231 8.98 5.12 19.66
N ALA D 232 7.84 5.38 19.02
CA ALA D 232 6.80 6.16 19.66
C ALA D 232 5.87 5.16 20.36
N THR D 233 5.13 5.66 21.34
CA THR D 233 4.42 4.79 22.28
C THR D 233 2.92 5.03 22.23
N ALA D 234 2.17 3.94 22.09
CA ALA D 234 0.74 4.02 21.99
C ALA D 234 0.15 4.32 23.36
N GLY D 235 -1.08 4.81 23.34
CA GLY D 235 -1.81 4.97 24.58
C GLY D 235 -3.04 4.10 24.60
N THR D 236 -4.16 4.74 24.92
CA THR D 236 -5.43 4.03 25.06
C THR D 236 -6.51 4.92 24.46
N VAL D 237 -7.28 4.32 23.56
CA VAL D 237 -8.40 5.00 22.89
C VAL D 237 -9.70 4.24 23.13
N THR D 238 -10.77 4.98 23.38
CA THR D 238 -12.08 4.36 23.54
C THR D 238 -13.12 5.17 22.79
N VAL D 239 -14.21 4.52 22.43
CA VAL D 239 -15.34 5.20 21.81
C VAL D 239 -16.53 4.97 22.71
N ASN D 240 -17.22 6.07 23.02
CA ASN D 240 -18.41 6.05 23.86
C ASN D 240 -19.59 5.46 23.12
N ALA D 241 -20.65 5.15 23.87
CA ALA D 241 -21.89 4.72 23.27
C ALA D 241 -22.28 5.66 22.15
N ILE D 242 -22.83 5.08 21.10
CA ILE D 242 -23.31 5.85 19.95
C ILE D 242 -24.71 6.39 20.23
N THR D 243 -24.78 7.62 20.68
CA THR D 243 -25.94 8.14 21.38
C THR D 243 -26.17 7.46 22.73
N SER D 244 -27.07 8.07 23.49
CA SER D 244 -27.31 7.67 24.87
C SER D 244 -27.53 6.19 25.07
N ASP D 245 -28.24 5.56 24.14
CA ASP D 245 -28.61 4.17 24.30
C ASP D 245 -27.87 3.24 23.34
N ASP D 246 -26.86 3.77 22.64
CA ASP D 246 -26.03 2.98 21.73
C ASP D 246 -26.87 2.40 20.59
N VAL D 247 -27.95 3.07 20.26
CA VAL D 247 -28.83 2.72 19.15
C VAL D 247 -29.09 3.93 18.32
N ILE D 248 -29.00 3.78 17.00
CA ILE D 248 -29.34 4.84 16.06
C ILE D 248 -30.81 4.72 15.63
N ASN D 249 -31.63 5.72 15.97
CA ASN D 249 -33.06 5.67 15.61
C ASN D 249 -33.32 6.48 14.37
N ALA D 250 -34.60 6.63 14.03
CA ALA D 250 -34.94 7.25 12.77
C ALA D 250 -34.48 8.71 12.77
N SER D 251 -34.81 9.40 13.84
CA SER D 251 -34.50 10.80 14.01
C SER D 251 -33.00 11.07 13.95
N GLU D 252 -32.28 10.28 14.72
CA GLU D 252 -30.82 10.30 14.78
C GLU D 252 -30.22 9.98 13.40
N ALA D 253 -30.85 9.05 12.71
CA ALA D 253 -30.35 8.63 11.41
C ALA D 253 -30.41 9.79 10.43
N ALA D 254 -31.46 10.61 10.57
CA ALA D 254 -31.70 11.68 9.62
C ALA D 254 -30.88 12.93 9.91
N GLY D 255 -30.19 12.97 11.06
CA GLY D 255 -29.48 14.18 11.48
C GLY D 255 -27.98 13.99 11.67
N THR D 256 -27.39 14.80 12.53
CA THR D 256 -25.96 14.70 12.83
C THR D 256 -25.77 14.17 14.25
N VAL D 257 -24.84 13.25 14.44
CA VAL D 257 -24.58 12.66 15.74
C VAL D 257 -23.15 12.99 16.15
N ALA D 258 -22.99 13.42 17.39
CA ALA D 258 -21.66 13.54 17.98
C ALA D 258 -21.13 12.17 18.45
N VAL D 259 -20.11 11.65 17.78
CA VAL D 259 -19.44 10.45 18.27
C VAL D 259 -18.22 10.89 19.07
N SER D 260 -18.14 10.45 20.31
CA SER D 260 -17.09 10.89 21.23
C SER D 260 -16.33 9.72 21.78
N GLY D 261 -15.28 10.04 22.52
CA GLY D 261 -14.49 9.03 23.16
C GLY D 261 -13.34 9.64 23.93
N THR D 262 -12.41 8.76 24.30
CA THR D 262 -11.24 9.16 25.06
C THR D 262 -10.00 8.78 24.27
N ALA D 263 -8.91 9.49 24.54
CA ALA D 263 -7.58 9.18 23.99
C ALA D 263 -6.50 9.73 24.97
N THR D 264 -5.73 8.84 25.57
CA THR D 264 -4.72 9.25 26.52
C THR D 264 -3.68 8.15 26.66
N GLY D 265 -2.50 8.52 27.16
CA GLY D 265 -1.43 7.56 27.42
C GLY D 265 -0.41 7.61 26.32
N GLY D 266 0.79 7.12 26.62
CA GLY D 266 1.85 7.04 25.64
C GLY D 266 2.17 8.42 25.10
N ASP D 267 2.38 8.49 23.81
CA ASP D 267 2.69 9.71 23.18
C ASP D 267 1.42 10.51 22.75
N ILE D 268 0.25 10.04 23.13
CA ILE D 268 -0.95 10.78 22.79
C ILE D 268 -0.93 12.15 23.48
N ALA D 269 -1.14 13.19 22.71
CA ALA D 269 -1.21 14.55 23.24
C ALA D 269 -2.38 15.31 22.66
N GLU D 270 -2.81 16.34 23.39
CA GLU D 270 -3.76 17.31 22.86
C GLU D 270 -3.35 17.71 21.47
N GLY D 271 -4.29 17.63 20.55
CA GLY D 271 -4.05 18.02 19.18
C GLY D 271 -3.84 16.89 18.19
N ASP D 272 -3.53 15.68 18.68
CA ASP D 272 -3.33 14.55 17.77
C ASP D 272 -4.61 14.34 16.98
N THR D 273 -4.47 14.00 15.71
CA THR D 273 -5.57 13.60 14.86
C THR D 273 -6.18 12.27 15.28
N VAL D 274 -7.51 12.27 15.35
CA VAL D 274 -8.31 11.06 15.55
C VAL D 274 -9.03 10.82 14.24
N THR D 275 -8.93 9.64 13.66
CA THR D 275 -9.60 9.34 12.40
C THR D 275 -10.57 8.16 12.53
N LEU D 276 -11.71 8.27 11.90
CA LEU D 276 -12.72 7.22 11.91
C LEU D 276 -13.24 7.04 10.52
N GLU D 277 -13.32 5.83 10.09
CA GLU D 277 -13.92 5.54 8.85
C GLU D 277 -15.26 4.89 9.10
N ILE D 278 -16.29 5.56 8.68
CA ILE D 278 -17.64 5.05 8.92
C ILE D 278 -18.40 5.05 7.62
N ASN D 279 -18.86 3.87 7.21
CA ASN D 279 -19.66 3.70 5.98
C ASN D 279 -18.91 4.29 4.79
N GLY D 280 -17.59 4.11 4.82
CA GLY D 280 -16.72 4.53 3.75
C GLY D 280 -16.32 5.99 3.83
N GLU D 281 -16.87 6.73 4.78
CA GLU D 281 -16.54 8.14 4.96
C GLU D 281 -15.44 8.30 6.00
N THR D 282 -14.46 9.15 5.70
CA THR D 282 -13.39 9.43 6.65
C THR D 282 -13.80 10.68 7.41
N TYR D 283 -13.89 10.57 8.74
CA TYR D 283 -14.14 11.71 9.63
C TYR D 283 -12.88 11.95 10.43
N THR D 284 -12.57 13.17 10.74
CA THR D 284 -11.48 13.49 11.60
C THR D 284 -11.78 14.55 12.63
N THR D 285 -11.22 14.38 13.83
CA THR D 285 -11.16 15.45 14.81
C THR D 285 -9.79 15.43 15.48
N THR D 286 -9.66 16.13 16.61
CA THR D 286 -8.41 16.12 17.38
C THR D 286 -8.67 15.80 18.85
N VAL D 287 -7.64 15.33 19.54
CA VAL D 287 -7.71 15.06 20.97
C VAL D 287 -7.61 16.39 21.73
N ASP D 288 -8.55 16.61 22.66
CA ASP D 288 -8.58 17.84 23.45
C ASP D 288 -7.69 17.71 24.71
N ALA D 289 -7.64 18.77 25.51
CA ALA D 289 -6.72 18.84 26.64
C ALA D 289 -7.12 17.90 27.79
N ASN D 290 -8.36 17.44 27.79
CA ASN D 290 -8.83 16.50 28.81
C ASN D 290 -8.69 15.05 28.33
N GLY D 291 -8.05 14.87 27.19
CA GLY D 291 -7.90 13.56 26.62
C GLY D 291 -9.21 12.94 26.13
N GLU D 292 -10.11 13.79 25.66
CA GLU D 292 -11.38 13.33 25.14
C GLU D 292 -11.45 13.80 23.71
N TRP D 293 -12.44 13.34 22.96
CA TRP D 293 -12.59 13.80 21.61
C TRP D 293 -14.01 13.66 21.17
N SER D 294 -14.34 14.39 20.11
CA SER D 294 -15.70 14.38 19.58
C SER D 294 -15.72 14.86 18.14
N VAL D 295 -16.62 14.28 17.35
CA VAL D 295 -16.68 14.59 15.94
C VAL D 295 -18.11 14.42 15.50
N ASP D 296 -18.53 15.31 14.63
CA ASP D 296 -19.89 15.21 14.11
C ASP D 296 -19.92 14.28 12.92
N VAL D 297 -20.85 13.32 12.95
CA VAL D 297 -20.95 12.24 12.01
C VAL D 297 -22.36 12.23 11.44
N ALA D 298 -22.46 12.03 10.13
CA ALA D 298 -23.75 11.91 9.48
C ALA D 298 -24.47 10.71 10.08
N GLY D 299 -25.72 10.90 10.51
CA GLY D 299 -26.50 9.81 11.08
C GLY D 299 -26.67 8.66 10.11
N SER D 300 -26.76 9.02 8.83
CA SER D 300 -26.93 8.08 7.75
C SER D 300 -25.75 7.13 7.65
N ASP D 301 -24.55 7.62 7.93
CA ASP D 301 -23.40 6.73 7.91
C ASP D 301 -23.47 5.74 9.06
N LEU D 302 -23.86 6.22 10.23
CA LEU D 302 -23.96 5.35 11.38
C LEU D 302 -25.15 4.40 11.27
N ALA D 303 -26.11 4.73 10.39
CA ALA D 303 -27.25 3.86 10.20
C ALA D 303 -26.81 2.69 9.33
N ALA D 304 -25.84 2.94 8.47
CA ALA D 304 -25.40 1.93 7.52
C ALA D 304 -24.29 1.05 8.09
N ASP D 305 -23.40 1.67 8.86
CA ASP D 305 -22.21 1.00 9.35
C ASP D 305 -22.22 0.88 10.87
N THR D 306 -22.34 -0.35 11.39
CA THR D 306 -22.56 -0.55 12.82
C THR D 306 -21.27 -0.89 13.57
N ALA D 307 -20.14 -0.85 12.87
CA ALA D 307 -18.85 -1.13 13.49
C ALA D 307 -17.76 -0.27 12.87
N PHE D 308 -16.97 0.36 13.73
CA PHE D 308 -15.80 1.11 13.27
C PHE D 308 -14.75 1.23 14.35
N ASP D 309 -13.60 1.73 13.91
CA ASP D 309 -12.47 2.00 14.79
C ASP D 309 -12.26 3.50 14.84
N ALA D 310 -11.67 3.95 15.94
CA ALA D 310 -11.19 5.31 16.01
C ALA D 310 -9.70 5.19 16.20
N VAL D 311 -8.95 5.82 15.32
CA VAL D 311 -7.53 5.75 15.37
C VAL D 311 -6.91 7.11 15.57
N VAL D 312 -6.09 7.20 16.61
CA VAL D 312 -5.36 8.40 16.94
C VAL D 312 -3.93 8.20 16.49
N THR D 313 -3.42 9.16 15.75
CA THR D 313 -2.03 9.12 15.27
C THR D 313 -1.21 10.09 16.08
N SER D 314 -0.08 9.61 16.60
CA SER D 314 0.71 10.37 17.55
C SER D 314 2.17 10.43 17.12
N SER D 315 2.91 11.32 17.69
CA SER D 315 4.33 11.42 17.52
C SER D 315 5.07 11.80 18.78
N ASP D 316 6.33 11.41 18.80
CA ASP D 316 7.23 11.85 19.86
C ASP D 316 8.15 12.96 19.33
N ALA D 317 8.95 13.50 20.22
CA ALA D 317 9.84 14.63 19.89
C ALA D 317 10.86 14.27 18.81
N ALA D 318 11.19 12.98 18.70
CA ALA D 318 12.20 12.51 17.74
C ALA D 318 11.63 12.32 16.35
N GLY D 319 10.30 12.27 16.26
CA GLY D 319 9.60 12.21 14.98
C GLY D 319 9.01 10.84 14.69
N ASN D 320 9.16 9.91 15.61
CA ASN D 320 8.53 8.58 15.46
C ASN D 320 7.01 8.72 15.53
N THR D 321 6.31 7.87 14.80
CA THR D 321 4.86 7.92 14.82
CA THR D 321 4.86 7.90 14.74
C THR D 321 4.28 6.60 15.28
N VAL D 322 3.06 6.67 15.79
CA VAL D 322 2.34 5.50 16.30
C VAL D 322 0.85 5.74 16.11
N ASP D 323 0.12 4.66 15.85
CA ASP D 323 -1.36 4.68 15.85
C ASP D 323 -1.94 3.88 17.01
N THR D 324 -2.83 4.51 17.76
CA THR D 324 -3.56 3.86 18.84
C THR D 324 -5.02 3.70 18.39
N THR D 325 -5.57 2.50 18.55
CA THR D 325 -6.89 2.21 18.01
C THR D 325 -7.87 1.81 19.12
N GLY D 326 -9.08 2.33 19.02
CA GLY D 326 -10.19 1.91 19.87
C GLY D 326 -11.28 1.46 18.92
N SER D 327 -12.25 0.72 19.43
CA SER D 327 -13.24 0.08 18.58
C SER D 327 -14.65 0.36 19.07
N SER D 328 -15.59 0.39 18.12
CA SER D 328 -16.99 0.66 18.44
C SER D 328 -17.97 -0.27 17.73
N THR D 329 -18.99 -0.72 18.47
CA THR D 329 -20.19 -1.26 17.83
C THR D 329 -21.43 -0.50 18.31
N HIS D 330 -22.44 -0.48 17.46
CA HIS D 330 -23.76 -0.06 17.87
C HIS D 330 -24.82 -0.82 17.07
N THR D 331 -26.06 -0.52 17.38
CA THR D 331 -27.16 -1.15 16.69
C THR D 331 -28.10 -0.09 16.09
N VAL D 332 -28.89 -0.51 15.13
CA VAL D 332 -29.72 0.41 14.36
C VAL D 332 -31.19 -0.02 14.39
N ASP D 333 -32.05 0.92 14.68
CA ASP D 333 -33.50 0.68 14.61
C ASP D 333 -34.24 1.96 14.28
N THR D 334 -34.70 2.04 13.05
CA THR D 334 -35.26 3.26 12.50
C THR D 334 -36.74 3.15 12.11
N GLU D 335 -37.46 2.19 12.68
CA GLU D 335 -38.90 2.09 12.45
C GLU D 335 -39.62 1.55 13.66
N ALA D 336 -40.72 2.22 14.02
CA ALA D 336 -41.72 1.67 14.93
C ALA D 336 -42.84 1.04 14.07
N THR D 337 -43.53 0.04 14.61
CA THR D 337 -44.40 -0.80 13.82
C THR D 337 -45.82 -0.55 14.25
N ALA D 338 -46.71 -0.36 13.29
CA ALA D 338 -48.09 -0.08 13.58
C ALA D 338 -48.76 -1.38 13.98
N GLY D 339 -49.95 -1.22 14.55
CA GLY D 339 -50.77 -2.35 14.93
C GLY D 339 -52.12 -2.33 14.23
N THR D 340 -53.16 -2.53 15.04
CA THR D 340 -54.51 -2.66 14.53
C THR D 340 -55.43 -1.99 15.52
N VAL D 341 -56.19 -0.99 15.05
CA VAL D 341 -57.12 -0.26 15.91
C VAL D 341 -58.54 -0.43 15.37
N THR D 342 -59.51 -0.65 16.24
CA THR D 342 -60.90 -0.70 15.77
C THR D 342 -61.75 0.13 16.72
N VAL D 343 -62.84 0.66 16.18
CA VAL D 343 -63.85 1.32 17.01
C VAL D 343 -65.13 0.48 16.98
N ASN D 344 -65.69 0.23 18.15
CA ASN D 344 -66.93 -0.51 18.31
C ASN D 344 -68.14 0.32 17.88
N ALA D 345 -69.29 -0.35 17.81
CA ALA D 345 -70.56 0.32 17.54
C ALA D 345 -70.72 1.51 18.47
N ILE D 346 -71.25 2.58 17.95
CA ILE D 346 -71.51 3.76 18.73
C ILE D 346 -72.84 3.60 19.50
N THR D 347 -72.74 3.20 20.74
CA THR D 347 -73.86 2.64 21.44
C THR D 347 -74.39 1.35 20.79
N SER D 348 -75.15 0.58 21.57
CA SER D 348 -75.57 -0.76 21.23
C SER D 348 -76.00 -0.95 19.79
N ASP D 349 -76.63 0.06 19.21
CA ASP D 349 -77.28 -0.08 17.92
C ASP D 349 -76.61 0.80 16.84
N ASP D 350 -75.47 1.41 17.20
CA ASP D 350 -74.68 2.21 16.26
C ASP D 350 -75.49 3.40 15.75
N VAL D 351 -76.46 3.83 16.56
CA VAL D 351 -77.29 4.98 16.28
C VAL D 351 -77.33 5.84 17.52
N ILE D 352 -77.21 7.15 17.35
CA ILE D 352 -77.34 8.11 18.45
C ILE D 352 -78.78 8.65 18.51
N ASN D 353 -79.46 8.41 19.64
CA ASN D 353 -80.81 8.88 19.82
C ASN D 353 -80.78 10.15 20.66
N ALA D 354 -81.96 10.67 20.96
CA ALA D 354 -82.10 11.97 21.59
C ALA D 354 -81.55 11.94 22.99
N SER D 355 -81.85 10.85 23.69
CA SER D 355 -81.40 10.69 25.07
C SER D 355 -79.88 10.59 25.10
N GLU D 356 -79.32 9.79 24.20
CA GLU D 356 -77.87 9.62 24.10
C GLU D 356 -77.19 10.94 23.72
N ALA D 357 -77.76 11.62 22.73
CA ALA D 357 -77.31 12.93 22.31
C ALA D 357 -77.25 13.94 23.45
N ALA D 358 -78.15 13.80 24.43
CA ALA D 358 -78.24 14.77 25.52
C ALA D 358 -77.29 14.44 26.68
N GLY D 359 -76.64 13.28 26.65
CA GLY D 359 -75.75 12.90 27.74
C GLY D 359 -74.35 12.55 27.28
N THR D 360 -73.73 11.63 28.00
CA THR D 360 -72.37 11.21 27.72
C THR D 360 -72.36 9.78 27.17
N VAL D 361 -71.53 9.51 26.17
CA VAL D 361 -71.46 8.20 25.54
C VAL D 361 -70.03 7.67 25.64
N ALA D 362 -69.91 6.39 26.02
CA ALA D 362 -68.61 5.75 26.10
C ALA D 362 -68.25 5.13 24.75
N VAL D 363 -67.33 5.77 24.02
CA VAL D 363 -66.88 5.23 22.76
C VAL D 363 -65.70 4.30 23.04
N SER D 364 -65.81 3.06 22.58
CA SER D 364 -64.79 2.05 22.88
C SER D 364 -64.22 1.39 21.63
N GLY D 365 -63.13 0.65 21.82
CA GLY D 365 -62.46 0.05 20.69
C GLY D 365 -61.34 -0.87 21.10
N THR D 366 -60.58 -1.31 20.10
CA THR D 366 -59.41 -2.16 20.35
C THR D 366 -58.17 -1.51 19.79
N ALA D 367 -57.03 -1.93 20.32
CA ALA D 367 -55.74 -1.48 19.85
C ALA D 367 -54.74 -2.53 20.26
N THR D 368 -54.18 -3.21 19.26
CA THR D 368 -53.14 -4.16 19.56
C THR D 368 -52.26 -4.41 18.35
N GLY D 369 -51.09 -4.98 18.62
CA GLY D 369 -50.17 -5.32 17.56
C GLY D 369 -49.06 -4.30 17.45
N GLY D 370 -47.95 -4.75 16.88
CA GLY D 370 -46.81 -3.88 16.69
C GLY D 370 -46.27 -3.32 18.00
N ASP D 371 -46.03 -2.02 18.01
CA ASP D 371 -45.50 -1.35 19.18
C ASP D 371 -46.59 -0.81 20.10
N ILE D 372 -47.83 -1.08 19.72
CA ILE D 372 -48.94 -0.68 20.58
C ILE D 372 -48.77 -1.37 21.92
N ALA D 373 -48.84 -0.61 22.98
CA ALA D 373 -48.66 -1.17 24.32
C ALA D 373 -49.62 -0.53 25.30
N GLU D 374 -49.93 -1.25 26.37
CA GLU D 374 -50.73 -0.68 27.45
C GLU D 374 -50.22 0.72 27.75
N GLY D 375 -51.13 1.67 27.71
CA GLY D 375 -50.80 3.03 28.11
C GLY D 375 -50.55 4.01 26.99
N ASP D 376 -50.44 3.52 25.77
CA ASP D 376 -50.37 4.42 24.61
C ASP D 376 -51.62 5.29 24.55
N THR D 377 -51.41 6.54 24.17
CA THR D 377 -52.47 7.49 23.91
C THR D 377 -53.31 7.13 22.71
N VAL D 378 -54.62 7.10 22.93
CA VAL D 378 -55.62 7.04 21.84
C VAL D 378 -56.30 8.41 21.73
N THR D 379 -56.32 8.99 20.52
CA THR D 379 -56.85 10.34 20.31
C THR D 379 -57.99 10.27 19.31
N LEU D 380 -59.09 10.96 19.62
CA LEU D 380 -60.23 11.03 18.73
C LEU D 380 -60.60 12.49 18.53
N GLU D 381 -60.83 12.86 17.28
CA GLU D 381 -61.39 14.15 16.92
C GLU D 381 -62.84 13.93 16.55
N ILE D 382 -63.76 14.51 17.31
CA ILE D 382 -65.18 14.35 17.04
C ILE D 382 -65.85 15.70 17.15
N ASN D 383 -66.34 16.20 16.02
CA ASN D 383 -67.02 17.49 15.96
C ASN D 383 -66.10 18.60 16.45
N GLY D 384 -64.82 18.50 16.07
CA GLY D 384 -63.85 19.53 16.36
C GLY D 384 -63.23 19.43 17.74
N GLU D 385 -63.77 18.56 18.55
CA GLU D 385 -63.27 18.35 19.88
C GLU D 385 -62.26 17.22 19.89
N THR D 386 -61.19 17.37 20.65
CA THR D 386 -60.17 16.31 20.80
C THR D 386 -60.40 15.53 22.11
N TYR D 387 -60.58 14.22 21.97
CA TYR D 387 -60.75 13.33 23.11
C TYR D 387 -59.58 12.41 23.18
N THR D 388 -59.12 12.10 24.40
CA THR D 388 -58.05 11.13 24.56
C THR D 388 -58.32 10.13 25.67
N THR D 389 -57.84 8.92 25.46
CA THR D 389 -57.81 7.92 26.52
C THR D 389 -56.50 7.15 26.33
N THR D 390 -56.30 6.05 27.05
CA THR D 390 -55.13 5.17 26.87
C THR D 390 -55.54 3.73 26.57
N VAL D 391 -54.65 2.99 25.93
CA VAL D 391 -54.90 1.56 25.70
C VAL D 391 -54.72 0.80 27.03
N ASP D 392 -55.64 -0.11 27.35
CA ASP D 392 -55.57 -0.83 28.62
C ASP D 392 -54.89 -2.18 28.46
N ALA D 393 -54.73 -2.91 29.56
CA ALA D 393 -53.99 -4.17 29.56
C ALA D 393 -54.60 -5.24 28.64
N ASN D 394 -55.87 -5.06 28.25
CA ASN D 394 -56.51 -6.04 27.39
C ASN D 394 -56.50 -5.64 25.92
N GLY D 395 -55.81 -4.57 25.60
CA GLY D 395 -55.77 -4.08 24.24
C GLY D 395 -57.06 -3.42 23.81
N GLU D 396 -57.79 -2.90 24.78
CA GLU D 396 -59.06 -2.29 24.51
C GLU D 396 -58.98 -0.88 25.01
N TRP D 397 -59.88 -0.02 24.55
CA TRP D 397 -59.90 1.33 25.04
C TRP D 397 -61.30 1.85 25.12
N SER D 398 -61.48 2.90 25.93
CA SER D 398 -62.79 3.53 26.09
C SER D 398 -62.67 5.00 26.51
N VAL D 399 -63.52 5.83 25.94
CA VAL D 399 -63.45 7.25 26.23
C VAL D 399 -64.85 7.83 26.35
N ASP D 400 -65.01 8.77 27.25
CA ASP D 400 -66.32 9.34 27.50
C ASP D 400 -66.43 10.53 26.59
N VAL D 401 -67.43 10.51 25.72
CA VAL D 401 -67.61 11.50 24.68
C VAL D 401 -68.97 12.18 24.87
N ALA D 402 -68.99 13.49 24.68
CA ALA D 402 -70.25 14.25 24.64
C ALA D 402 -71.16 13.70 23.55
N GLY D 403 -72.36 13.27 23.93
CA GLY D 403 -73.34 12.83 22.96
C GLY D 403 -73.60 13.88 21.90
N SER D 404 -73.48 15.14 22.29
CA SER D 404 -73.76 16.26 21.40
C SER D 404 -72.75 16.29 20.26
N ASP D 405 -71.52 15.86 20.52
CA ASP D 405 -70.49 15.86 19.47
C ASP D 405 -70.73 14.70 18.51
N LEU D 406 -71.33 13.64 19.02
CA LEU D 406 -71.55 12.46 18.19
C LEU D 406 -72.84 12.67 17.42
N ALA D 407 -73.71 13.54 17.93
CA ALA D 407 -74.94 13.83 17.23
C ALA D 407 -74.62 14.74 16.05
N ALA D 408 -73.54 15.50 16.17
CA ALA D 408 -73.11 16.43 15.12
C ALA D 408 -72.20 15.78 14.09
N ASP D 409 -71.38 14.82 14.51
CA ASP D 409 -70.34 14.23 13.66
C ASP D 409 -70.47 12.72 13.59
N THR D 410 -70.79 12.22 12.40
CA THR D 410 -71.07 10.81 12.20
C THR D 410 -69.86 10.03 11.69
N ALA D 411 -68.73 10.71 11.53
CA ALA D 411 -67.51 10.04 11.07
C ALA D 411 -66.23 10.58 11.72
N PHE D 412 -65.46 9.66 12.25
CA PHE D 412 -64.21 9.96 12.94
C PHE D 412 -63.20 8.82 12.92
N ASP D 413 -61.95 9.18 13.21
CA ASP D 413 -60.88 8.20 13.34
C ASP D 413 -60.45 8.13 14.79
N ALA D 414 -60.01 6.96 15.22
CA ALA D 414 -59.26 6.81 16.48
C ALA D 414 -57.79 6.50 16.19
N VAL D 415 -56.91 7.35 16.70
CA VAL D 415 -55.51 7.21 16.41
C VAL D 415 -54.70 6.91 17.68
N VAL D 416 -54.07 5.73 17.69
CA VAL D 416 -53.15 5.35 18.75
C VAL D 416 -51.73 5.70 18.34
N THR D 417 -51.05 6.35 19.27
CA THR D 417 -49.67 6.77 19.08
C THR D 417 -48.78 5.87 19.90
N SER D 418 -47.78 5.29 19.25
CA SER D 418 -46.94 4.31 19.89
C SER D 418 -45.48 4.63 19.68
N SER D 419 -44.65 4.00 20.48
CA SER D 419 -43.20 4.11 20.36
C SER D 419 -42.49 2.82 20.76
N ASP D 420 -41.30 2.68 20.18
CA ASP D 420 -40.45 1.55 20.49
C ASP D 420 -39.35 2.02 21.45
N ALA D 421 -38.59 1.06 21.96
CA ALA D 421 -37.53 1.33 22.92
C ALA D 421 -36.46 2.29 22.42
N ALA D 422 -36.28 2.37 21.09
CA ALA D 422 -35.27 3.26 20.51
C ALA D 422 -35.81 4.67 20.35
N GLY D 423 -37.14 4.83 20.44
CA GLY D 423 -37.75 6.13 20.51
C GLY D 423 -38.47 6.54 19.22
N ASN D 424 -38.46 5.68 18.21
CA ASN D 424 -39.30 5.91 17.04
C ASN D 424 -40.80 5.87 17.40
N THR D 425 -41.62 6.54 16.63
CA THR D 425 -43.04 6.72 16.89
C THR D 425 -43.89 6.37 15.70
N VAL D 426 -45.07 5.88 15.96
CA VAL D 426 -45.94 5.51 14.86
C VAL D 426 -47.40 5.72 15.31
N ASP D 427 -48.25 6.11 14.36
CA ASP D 427 -49.67 6.19 14.60
C ASP D 427 -50.39 5.04 13.93
N THR D 428 -51.27 4.38 14.66
CA THR D 428 -52.16 3.39 14.06
C THR D 428 -53.58 3.99 14.09
N THR D 429 -54.29 3.89 12.97
CA THR D 429 -55.63 4.48 12.87
C THR D 429 -56.71 3.43 12.63
N GLY D 430 -57.84 3.64 13.31
CA GLY D 430 -59.06 2.90 13.03
C GLY D 430 -60.16 3.89 12.76
N SER D 431 -61.20 3.46 12.06
CA SER D 431 -62.21 4.37 11.57
C SER D 431 -63.57 3.98 12.12
N SER D 432 -64.45 4.97 12.27
CA SER D 432 -65.81 4.75 12.77
C SER D 432 -66.81 5.59 12.02
N THR D 433 -67.97 5.01 11.76
CA THR D 433 -69.12 5.78 11.35
C THR D 433 -70.31 5.38 12.23
N HIS D 434 -71.33 6.24 12.27
CA HIS D 434 -72.62 5.93 12.93
C HIS D 434 -73.77 6.75 12.35
N THR D 435 -75.00 6.49 12.77
CA THR D 435 -76.14 7.28 12.29
C THR D 435 -76.78 8.05 13.45
N VAL D 436 -77.53 9.08 13.12
CA VAL D 436 -78.13 9.93 14.15
C VAL D 436 -79.63 10.06 13.89
N ASP D 437 -80.41 9.85 14.93
CA ASP D 437 -81.86 10.00 14.88
C ASP D 437 -82.38 10.48 16.24
CA CA E . 78.69 24.24 -16.99
CA CA F . 63.40 19.78 -8.47
CA CA G . 71.33 15.42 -14.16
CA CA H . 118.40 19.59 -23.48
CA CA I . 103.94 11.97 -31.56
CA CA J . 108.94 22.95 -28.03
CA CA K . -10.76 9.97 -15.03
CA CA L . -43.86 1.57 -9.33
CA CA M . 85.46 20.12 -12.21
CA CA N . -58.94 18.72 -6.98
CA CA O . -47.55 24.42 -2.35
CA CA P . -24.32 13.76 -10.13
CA CA Q . -33.11 8.82 -13.92
CA CA R . -36.80 2.35 -3.82
CA CA S . -15.97 5.38 -8.80
CA CA T . 15.72 8.48 -4.55
CA CA U . 23.50 12.65 -10.88
CA CA V . 10.98 19.21 0.15
CA CA W . 32.08 14.60 -3.73
CA CA X . 37.25 8.59 -10.01
CA CA Y . -64.78 12.09 -11.85
CA CA Z . 2.79 23.33 -4.36
CA CA AA . 57.14 26.02 -17.49
CA CA BA . 51.47 26.39 -10.62
C1 EDO CA . -67.02 17.00 -2.18
O1 EDO CA . -67.04 16.11 -1.15
C2 EDO CA . -68.32 17.14 -2.80
O2 EDO CA . -68.39 18.41 -3.37
C1 EDO DA . 48.19 26.85 -10.25
O1 EDO DA . 49.10 26.11 -9.52
C2 EDO DA . 48.65 26.87 -11.70
O2 EDO DA . 49.73 27.73 -11.78
C1 EDO EA . 61.93 16.29 -3.40
O1 EDO EA . 63.23 16.04 -3.98
C2 EDO EA . 61.23 17.39 -4.19
O2 EDO EA . 61.23 17.04 -5.59
C1 EDO FA . 108.97 25.93 -26.65
O1 EDO FA . 108.95 24.56 -27.06
C2 EDO FA . 110.33 26.56 -26.95
O2 EDO FA . 110.27 27.98 -26.75
C1 EDO GA . -37.48 0.88 -0.60
O1 EDO GA . -37.34 1.18 -1.95
C2 EDO GA . -37.80 2.22 0.01
O2 EDO GA . -38.66 2.08 1.09
C1 EDO HA . 39.59 22.91 -5.97
O1 EDO HA . 39.06 24.17 -5.56
C2 EDO HA . 41.01 22.96 -6.40
O2 EDO HA . 41.35 21.90 -7.26
C1 EDO IA . -44.47 6.13 -2.46
O1 EDO IA . -45.62 6.95 -2.22
C2 EDO IA . -43.69 6.75 -3.60
O2 EDO IA . -42.31 6.37 -3.47
C1 EDO JA . 18.34 7.59 -0.38
O1 EDO JA . 19.10 7.45 0.79
C2 EDO JA . 18.54 8.96 -0.97
O2 EDO JA . 19.28 8.83 -2.16
CA CA KA . -41.58 1.00 3.17
C1 EDO LA . -39.07 9.46 10.62
O1 EDO LA . -38.65 8.12 10.28
C2 EDO LA . -37.93 10.39 10.97
O2 EDO LA . -37.22 10.92 9.86
C1 EDO MA . 97.26 21.52 -0.95
O1 EDO MA . 97.81 20.53 -0.10
C2 EDO MA . 96.76 20.91 -2.24
O2 EDO MA . 96.09 21.87 -2.96
CA CA NA . 14.07 -11.73 18.40
CA CA OA . -13.30 -23.59 10.76
CA CA PA . -77.68 -8.30 13.81
CA CA QA . -68.61 -12.76 17.56
CA CA RA . -61.64 -14.69 8.08
CA CA SA . -55.35 -8.89 11.86
CA CA TA . -30.22 -21.37 6.84
CA CA UA . -21.44 -15.73 9.81
CA CA VA . -33.83 -25.65 18.31
CA CA WA . 18.61 -21.27 11.45
CA CA XA . 26.37 -16.27 6.06
CA CA YA . 35.01 -13.92 13.87
CA CA ZA . 65.67 -5.32 8.24
CA CA AB . 73.82 -10.56 3.57
CA CA BB . 40.84 -19.29 8.76
CA CA CB . 59.57 -1.39 -2.07
CA CA DB . -83.05 -18.05 8.15
CA CA EB . -8.54 -17.92 3.89
CA CA FB . -102.38 -12.99 27.09
CA CA GB . 7.99 -18.11 19.60
CA CA HB . -90.79 -18.58 31.28
CA CA IB . -108.68 -7.86 21.38
CA CA JB . -91.90 -15.99 33.59
C1 EDO KB . 10.78 -24.32 19.08
O1 EDO KB . 12.12 -24.17 18.62
C2 EDO KB . 10.07 -22.98 18.91
O2 EDO KB . 10.93 -21.90 19.31
C1 EDO LB . 72.22 -16.31 -2.64
O1 EDO LB . 73.61 -16.49 -2.93
C2 EDO LB . 71.91 -16.76 -1.21
O2 EDO LB . 72.06 -18.19 -1.13
C1 EDO MB . -49.16 -19.29 19.94
O1 EDO MB . -48.74 -17.92 20.03
C2 EDO MB . -47.97 -20.19 20.30
O2 EDO MB . -46.86 -19.86 19.48
C1 EDO NB . 16.23 -7.26 20.54
O1 EDO NB . 16.47 -7.09 19.14
C2 EDO NB . 17.24 -8.24 21.13
O2 EDO NB . 18.57 -7.74 20.91
C1 EDO OB . 5.45 -16.73 20.61
O1 EDO OB . 6.53 -16.84 21.47
C2 EDO OB . 4.67 -18.01 20.52
O2 EDO OB . 5.36 -18.96 19.77
C1 EDO PB . 16.32 -25.13 9.87
O1 EDO PB . 16.01 -24.12 8.96
C2 EDO PB . 16.85 -26.29 9.05
O2 EDO PB . 17.95 -25.83 8.32
C1 EDO QB . -1.64 -24.98 1.94
O1 EDO QB . -2.57 -24.76 3.03
C2 EDO QB . -1.31 -23.69 1.20
O2 EDO QB . -0.05 -23.13 1.64
C1 EDO RB . -67.90 -20.76 6.74
O1 EDO RB . -68.62 -21.38 5.69
C2 EDO RB . -68.05 -19.27 6.75
O2 EDO RB . -66.80 -18.66 7.14
C1 EDO SB . 61.57 -11.14 13.39
O1 EDO SB . 60.57 -11.51 12.43
C2 EDO SB . 61.15 -11.67 14.75
O2 EDO SB . 59.73 -11.52 14.90
C1 EDO TB . 11.91 -10.93 -1.99
O1 EDO TB . 12.48 -11.55 -0.82
C2 EDO TB . 10.69 -11.70 -2.48
O2 EDO TB . 9.52 -11.33 -1.72
C1 EDO UB . -6.47 -10.05 2.09
O1 EDO UB . -6.82 -8.95 2.92
C2 EDO UB . -5.69 -11.05 2.93
O2 EDO UB . -5.56 -10.53 4.22
C1 EDO VB . -60.04 -20.67 14.01
O1 EDO VB . -59.38 -20.38 12.79
C2 EDO VB . -59.19 -20.37 15.22
O2 EDO VB . -59.35 -19.04 15.74
C1 EDO WB . 67.95 -14.43 10.19
O1 EDO WB . 68.34 -13.32 10.93
C2 EDO WB . 68.21 -14.20 8.75
O2 EDO WB . 67.01 -14.08 8.12
C1 EDO XB . -50.73 -13.79 21.51
O1 EDO XB . -51.59 -14.91 21.33
C2 EDO XB . -49.38 -13.86 20.85
O2 EDO XB . -48.75 -12.61 21.05
C1 EDO YB . -22.51 -9.48 14.75
O1 EDO YB . -23.08 -10.37 15.66
C2 EDO YB . -21.05 -9.76 14.92
O2 EDO YB . -20.75 -9.67 16.31
CA CA ZB . -89.65 -12.08 8.13
CA CA AC . -88.47 -24.65 7.49
CA CA BC . 47.75 3.45 -16.69
CA CA CC . 1.61 -11.88 -2.80
CA CA CC . 0.25 -14.69 -4.83
C1 BOG DC . 44.99 -10.27 -0.52
O1 BOG DC . 44.56 -11.46 -1.19
C2 BOG DC . 46.32 -9.82 -1.08
O2 BOG DC . 47.36 -10.67 -0.65
C3 BOG DC . 46.67 -8.46 -0.57
O3 BOG DC . 47.95 -8.12 -1.06
C4 BOG DC . 45.62 -7.56 -1.11
O4 BOG DC . 45.94 -6.24 -0.76
C5 BOG DC . 44.29 -7.93 -0.50
O5 BOG DC . 43.96 -9.30 -0.65
C6 BOG DC . 43.24 -7.04 -1.19
O6 BOG DC . 41.99 -7.70 -1.32
C1' BOG DC . 45.43 -12.58 -1.16
C2' BOG DC . 44.73 -13.88 -1.51
C3' BOG DC . 43.23 -13.75 -1.40
C4' BOG DC . 42.64 -15.11 -1.68
C5' BOG DC . 41.12 -15.04 -1.71
C6' BOG DC . 40.57 -16.37 -2.19
C7' BOG DC . 40.86 -17.45 -1.18
C8' BOG DC . 41.74 -18.50 -1.84
CA CA EC . -74.92 -18.35 -8.41
CA CA FC . -5.07 -17.45 -4.70
CA CA GC . 66.81 -4.86 -27.96
CA CA HC . 35.95 -2.28 -21.54
CA CA IC . 28.27 -9.02 -17.99
CA CA JC . 20.23 -2.11 -13.64
CA CA KC . 62.22 -12.61 -24.09
CA CA LC . -19.22 -8.99 -12.38
CA CA MC . -10.45 -6.14 -6.82
CA CA NC . -26.47 -12.80 -4.34
CA CA OC . -57.90 -17.18 -4.07
CA CA PC . -66.53 -10.99 -5.75
CA CA QC . 41.79 0.51 -10.66
CA CA RC . 14.33 -5.54 -20.59
CA CA SC . 41.14 -9.94 -1.99
CA CA TC . -7.84 -26.05 -14.81
CA CA UC . 51.28 -19.74 -32.17
CA CA VC . -32.32 -5.45 -7.09
CA CA WC . 3.23 3.30 -26.03
CA CA XC . -54.35 -19.61 -15.97
CA CA YC . -57.40 -9.47 -24.28
CA CA ZC . -106.46 -16.22 -8.47
CA CA AD . -114.08 -13.78 -1.13
CA CA BD . -79.35 -15.13 -0.40
CA CA CD . -102.45 -4.62 -11.53
CA CA DD . -103.59 3.88 -1.12
CA CA ED . -81.64 -22.59 -2.52
CA CA FD . 12.33 1.87 -17.85
C1 EDO GD . -4.12 -27.47 -13.49
O1 EDO GD . -4.42 -27.60 -14.84
C2 EDO GD . -2.68 -27.21 -13.20
O2 EDO GD . -2.14 -28.46 -13.49
C1 EDO HD . 33.02 -14.62 -19.32
O1 EDO HD . 33.13 -13.58 -20.22
C2 EDO HD . 33.68 -14.18 -18.03
O2 EDO HD . 33.90 -15.21 -17.13
C1 EDO ID . -4.56 -21.70 -20.63
O1 EDO ID . -3.45 -21.28 -19.83
C2 EDO ID . -5.78 -21.78 -19.72
O2 EDO ID . -5.39 -22.38 -18.48
C1 EDO JD . 5.60 0.90 -20.94
O1 EDO JD . 5.79 1.20 -19.60
C2 EDO JD . 5.59 -0.59 -20.97
O2 EDO JD . 4.80 -0.98 -22.07
C1 EDO KD . 15.33 -2.81 -7.20
O1 EDO KD . 13.93 -2.89 -7.42
C2 EDO KD . 15.79 -1.36 -7.22
O2 EDO KD . 17.18 -1.16 -7.51
C1 EDO LD . 26.45 -8.34 -6.24
O1 EDO LD . 26.31 -9.74 -6.48
C2 EDO LD . 25.14 -7.81 -5.71
O2 EDO LD . 25.30 -6.43 -5.31
C1 EDO MD . -104.69 -21.54 -3.16
O1 EDO MD . -105.49 -20.45 -2.83
C2 EDO MD . -104.29 -21.52 -4.60
O2 EDO MD . -104.00 -22.83 -4.97
C1 EDO ND . -94.00 -5.53 -8.59
O1 EDO ND . -94.54 -4.31 -8.99
C2 EDO ND . -95.09 -6.54 -8.78
O2 EDO ND . -96.29 -6.13 -8.23
C1 EDO OD . -9.62 -0.66 -10.65
O1 EDO OD . -10.42 0.28 -9.95
C2 EDO OD . -9.83 -0.48 -12.12
O2 EDO OD . -10.77 -1.38 -12.65
C TRS PD . -4.95 -26.97 -19.44
C1 TRS PD . -4.60 -26.20 -20.68
C2 TRS PD . -6.25 -26.50 -18.90
C3 TRS PD . -3.84 -26.72 -18.44
N TRS PD . -5.05 -28.41 -19.74
O1 TRS PD . -4.92 -26.78 -21.92
O2 TRS PD . -6.61 -27.20 -17.73
O3 TRS PD . -4.27 -26.89 -17.12
C1 BOG QD . -98.33 5.74 -1.18
O1 BOG QD . -99.45 5.05 -0.75
C2 BOG QD . -97.78 4.79 -2.19
O2 BOG QD . -96.60 4.14 -1.73
C3 BOG QD . -97.65 5.42 -3.55
O3 BOG QD . -98.45 4.54 -4.28
C4 BOG QD . -98.32 6.71 -3.85
O4 BOG QD . -97.40 7.75 -3.63
C5 BOG QD . -99.50 6.90 -2.98
O5 BOG QD . -98.95 6.88 -1.68
C6 BOG QD . -100.52 5.80 -3.12
O6 BOG QD . -100.92 5.37 -1.86
C1' BOG QD . -99.82 5.31 0.59
C2' BOG QD . -99.00 4.74 1.72
C3' BOG QD . -99.74 4.89 3.04
C4' BOG QD . -101.13 4.37 2.94
C5' BOG QD . -102.02 4.68 4.12
C6' BOG QD . -103.37 3.99 4.02
C7' BOG QD . -103.77 3.21 5.26
C8' BOG QD . -103.95 4.10 6.45
C1 EDO RD . 31.36 -4.57 5.18
O1 EDO RD . 31.30 -3.89 6.36
C2 EDO RD . 32.28 -5.77 5.13
O2 EDO RD . 31.80 -6.54 4.06
CA CA SD . 97.64 7.36 -3.27
CA CA TD . 72.08 19.64 0.74
CA CA UD . 63.97 13.23 4.01
CA CA VD . 78.32 21.22 11.67
CA CA WD . 56.60 20.10 9.89
CA CA XD . 49.81 17.49 3.46
CA CA YD . 26.05 15.48 19.09
CA CA ZD . 31.70 3.98 19.93
CA CA AE . 17.01 12.93 13.98
CA CA BE . 10.16 7.69 21.80
CA CA CE . -21.27 0.73 21.51
CA CA DE . -30.22 6.63 20.07
CA CA EE . 3.68 14.58 20.13
CA CA FE . -17.43 -0.51 9.42
CA CA GE . -38.26 -0.66 15.95
CA CA HE . -70.23 2.08 13.39
CA CA IE . -78.25 4.16 20.45
CA CA JE . -43.65 1.65 23.65
CA CA KE . -65.76 13.91 11.59
CA CA LE . 103.09 14.64 -6.35
CA CA ME . 77.83 10.99 19.23
CA CA NE . 69.60 14.69 17.66
CA CA OE . 29.25 -3.42 10.31
CA CA PE . -82.07 13.93 17.12
C1 EDO QE . 67.40 18.35 -3.18
O1 EDO QE . 68.84 18.23 -3.12
C2 EDO QE . 66.82 17.23 -4.04
O2 EDO QE . 65.48 17.54 -4.41
C1 EDO RE . -61.59 7.99 6.48
O1 EDO RE . -61.70 9.37 6.72
C2 EDO RE . -60.13 7.60 6.24
O2 EDO RE . -59.45 7.41 7.44
C1 EDO SE . 36.74 -2.74 10.66
O1 EDO SE . 35.79 -1.99 9.97
C2 EDO SE . 36.25 -3.36 11.95
O2 EDO SE . 35.10 -4.13 11.76
C1 EDO TE . 77.51 5.92 -3.29
O1 EDO TE . 77.67 4.62 -3.87
C2 EDO TE . 76.24 6.60 -3.82
O2 EDO TE . 75.09 5.98 -3.25
C1 EDO UE . 20.28 20.85 18.83
O1 EDO UE . 19.84 21.73 17.80
C2 EDO UE . 21.08 19.79 18.10
O2 EDO UE . 21.91 19.07 18.97
C1 EDO VE . 1.60 12.94 13.69
O1 EDO VE . 2.53 12.95 12.65
C2 EDO VE . 1.50 14.29 14.34
O2 EDO VE . 2.38 15.23 13.69
C1 EDO WE . 98.11 7.58 3.22
O1 EDO WE . 96.87 6.87 3.24
C2 EDO WE . 98.03 8.80 4.11
O2 EDO WE . 96.74 9.38 4.00
C1 EDO XE . -45.30 7.71 22.95
O1 EDO XE . -45.26 7.82 24.40
C2 EDO XE . -45.24 9.05 22.31
O2 EDO XE . -44.01 9.39 21.77
C1 EDO YE . -11.13 -4.91 15.17
O1 EDO YE . -12.45 -5.22 14.73
C2 EDO YE . -10.63 -3.72 14.41
O2 EDO YE . -9.43 -3.13 14.88
C1 BOG ZE . -65.18 22.54 20.97
O1 BOG ZE . -63.84 22.97 21.22
C2 BOG ZE . -65.48 21.76 19.70
O2 BOG ZE . -65.49 22.60 18.57
C3 BOG ZE . -66.88 21.17 19.61
O3 BOG ZE . -66.85 19.78 19.27
C4 BOG ZE . -67.79 21.42 20.82
O4 BOG ZE . -68.36 22.66 20.51
C5 BOG ZE . -67.08 21.72 22.16
O5 BOG ZE . -65.71 21.72 22.00
C6 BOG ZE . -67.54 20.85 23.37
O6 BOG ZE . -67.61 19.45 23.11
C1' BOG ZE . -62.77 22.10 20.92
C2' BOG ZE . -61.73 21.94 22.05
C3' BOG ZE . -60.58 21.03 21.61
C4' BOG ZE . -59.92 20.04 22.59
C5' BOG ZE . -60.39 20.15 24.06
C6' BOG ZE . -60.51 18.87 24.87
C7' BOG ZE . -60.54 19.26 26.34
C8' BOG ZE . -59.29 20.02 26.70
#